data_8IU1
# 
_entry.id   8IU1 
# 
_audit_conform.dict_name       mmcif_pdbx.dic 
_audit_conform.dict_version    5.387 
_audit_conform.dict_location   http://mmcif.pdb.org/dictionaries/ascii/mmcif_pdbx.dic 
# 
loop_
_database_2.database_id 
_database_2.database_code 
_database_2.pdbx_database_accession 
_database_2.pdbx_DOI 
PDB   8IU1         pdb_00008iu1 10.2210/pdb8iu1/pdb 
WWPDB D_1300036485 ?            ?                   
# 
_pdbx_audit_revision_history.ordinal             1 
_pdbx_audit_revision_history.data_content_type   'Structure model' 
_pdbx_audit_revision_history.major_revision      1 
_pdbx_audit_revision_history.minor_revision      0 
_pdbx_audit_revision_history.revision_date       2024-03-27 
# 
_pdbx_audit_revision_details.ordinal             1 
_pdbx_audit_revision_details.revision_ordinal    1 
_pdbx_audit_revision_details.data_content_type   'Structure model' 
_pdbx_audit_revision_details.provider            repository 
_pdbx_audit_revision_details.type                'Initial release' 
_pdbx_audit_revision_details.description         ? 
_pdbx_audit_revision_details.details             ? 
# 
_pdbx_database_status.status_code                     REL 
_pdbx_database_status.status_code_sf                  REL 
_pdbx_database_status.status_code_mr                  ? 
_pdbx_database_status.entry_id                        8IU1 
_pdbx_database_status.recvd_initial_deposition_date   2023-03-23 
_pdbx_database_status.SG_entry                        N 
_pdbx_database_status.deposit_site                    PDBJ 
_pdbx_database_status.process_site                    PDBJ 
_pdbx_database_status.status_code_cs                  ? 
_pdbx_database_status.status_code_nmr_data            ? 
_pdbx_database_status.methods_development_category    ? 
_pdbx_database_status.pdb_format_compatible           Y 
# 
_pdbx_contact_author.id                 2 
_pdbx_contact_author.email              kaushik.ghosh@bms.com 
_pdbx_contact_author.name_first         Kaushik 
_pdbx_contact_author.name_last          Ghosh 
_pdbx_contact_author.name_mi            ? 
_pdbx_contact_author.role               'principal investigator/group leader' 
_pdbx_contact_author.identifier_ORCID   0000-0003-0026-2548 
# 
loop_
_audit_author.name 
_audit_author.pdbx_ordinal 
_audit_author.identifier_ORCID 
'Jinal, S.' 1 ? 
'Amit, K.'  2 ? 
'Ghosh, K.' 3 ? 
# 
_citation.abstract                  ? 
_citation.abstract_id_CAS           ? 
_citation.book_id_ISBN              ? 
_citation.book_publisher            ? 
_citation.book_publisher_city       ? 
_citation.book_title                ? 
_citation.coordinate_linkage        ? 
_citation.country                   ? 
_citation.database_id_Medline       ? 
_citation.details                   ? 
_citation.id                        primary 
_citation.journal_abbrev            'To Be Published' 
_citation.journal_id_ASTM           ? 
_citation.journal_id_CSD            0353 
_citation.journal_id_ISSN           ? 
_citation.journal_full              ? 
_citation.journal_issue             ? 
_citation.journal_volume            ? 
_citation.language                  ? 
_citation.page_first                ? 
_citation.page_last                 ? 
_citation.title                     'Discovery and Exploration of Monosaccharide Linked Dimers to Target Fibrosis' 
_citation.year                      ? 
_citation.database_id_CSD           ? 
_citation.pdbx_database_id_DOI      ? 
_citation.pdbx_database_id_PubMed   ? 
_citation.pdbx_database_id_patent   ? 
_citation.unpublished_flag          ? 
# 
loop_
_citation_author.citation_id 
_citation_author.name 
_citation_author.ordinal 
_citation_author.identifier_ORCID 
primary 'Swidorski, J.J.'  1  ?                   
primary 'Beno, B.B.'       2  ?                   
primary 'Liu, C.'          3  ?                   
primary 'Yoon, D.'         4  ?                   
primary 'Ghosh, K.'        5  0000-0003-0026-2548 
primary 'Sale, H.'         6  ?                   
primary 'Shah, D.'         7  ?                   
primary 'Acharya, K.'      8  ?                   
primary 'Yanchunas, J.'    9  ?                   
primary 'Ellsworth, B.'    10 ?                   
primary 'Cheng, D.'        11 ?                   
primary 'Regueiro-Ren, A.' 12 ?                   
# 
loop_
_entity.id 
_entity.type 
_entity.src_method 
_entity.pdbx_description 
_entity.formula_weight 
_entity.pdbx_number_of_molecules 
_entity.pdbx_ec 
_entity.pdbx_mutation 
_entity.pdbx_fragment 
_entity.details 
1 polymer     man Galectin-3 16454.906 1  ? ? ? ? 
2 non-polymer syn 
;2-[(2R,3R,4S,5R,6R)-2-(3,4-dichlorophenyl)sulfanyl-6-(hydroxymethyl)-5-oxidanyl-4-[4-[3,4,5-tris(fluoranyl)phenyl]-1,2,3-triazol-1-yl]oxan-3-yl]oxyethanoic acid
;
580.361   1  ? ? ? ? 
3 non-polymer syn 'MAGNESIUM ION' 24.305    1  ? ? ? ? 
4 water       nat water 18.015    98 ? ? ? ? 
# 
_entity_name_com.entity_id   1 
_entity_name_com.name        
;Gal-3,35 kDa lectin,Carbohydrate-binding protein 35,CBP 35,Galactose-specific lectin 3,IgE-binding protein,L-34 galactoside-binding lectin,Laminin-binding protein,Lectin L-29,Mac-2 antigen
;
# 
_entity_poly.entity_id                      1 
_entity_poly.type                           'polypeptide(L)' 
_entity_poly.nstd_linkage                   no 
_entity_poly.nstd_monomer                   no 
_entity_poly.pdbx_seq_one_letter_code       
;GHMGVPAGPLTVPYDLPLPGGVMPRMLITIMGTVKPNANRIVLDFRRGNDVAFHFNPRFNENNRRVIVCNTKQDNNWGKE
ERQSAFPFESGKPFKIQVLVEADHFKVAVNDAHLLQYNHRMKNLREISQLGISGDITLTSANHAMI
;
_entity_poly.pdbx_seq_one_letter_code_can   
;GHMGVPAGPLTVPYDLPLPGGVMPRMLITIMGTVKPNANRIVLDFRRGNDVAFHFNPRFNENNRRVIVCNTKQDNNWGKE
ERQSAFPFESGKPFKIQVLVEADHFKVAVNDAHLLQYNHRMKNLREISQLGISGDITLTSANHAMI
;
_entity_poly.pdbx_strand_id                 A 
_entity_poly.pdbx_target_identifier         ? 
# 
loop_
_pdbx_entity_nonpoly.entity_id 
_pdbx_entity_nonpoly.name 
_pdbx_entity_nonpoly.comp_id 
2 
;2-[(2R,3R,4S,5R,6R)-2-(3,4-dichlorophenyl)sulfanyl-6-(hydroxymethyl)-5-oxidanyl-4-[4-[3,4,5-tris(fluoranyl)phenyl]-1,2,3-triazol-1-yl]oxan-3-yl]oxyethanoic acid
;
QB2 
3 'MAGNESIUM ION' MG  
4 water HOH 
# 
loop_
_entity_poly_seq.entity_id 
_entity_poly_seq.num 
_entity_poly_seq.mon_id 
_entity_poly_seq.hetero 
1 1   GLY n 
1 2   HIS n 
1 3   MET n 
1 4   GLY n 
1 5   VAL n 
1 6   PRO n 
1 7   ALA n 
1 8   GLY n 
1 9   PRO n 
1 10  LEU n 
1 11  THR n 
1 12  VAL n 
1 13  PRO n 
1 14  TYR n 
1 15  ASP n 
1 16  LEU n 
1 17  PRO n 
1 18  LEU n 
1 19  PRO n 
1 20  GLY n 
1 21  GLY n 
1 22  VAL n 
1 23  MET n 
1 24  PRO n 
1 25  ARG n 
1 26  MET n 
1 27  LEU n 
1 28  ILE n 
1 29  THR n 
1 30  ILE n 
1 31  MET n 
1 32  GLY n 
1 33  THR n 
1 34  VAL n 
1 35  LYS n 
1 36  PRO n 
1 37  ASN n 
1 38  ALA n 
1 39  ASN n 
1 40  ARG n 
1 41  ILE n 
1 42  VAL n 
1 43  LEU n 
1 44  ASP n 
1 45  PHE n 
1 46  ARG n 
1 47  ARG n 
1 48  GLY n 
1 49  ASN n 
1 50  ASP n 
1 51  VAL n 
1 52  ALA n 
1 53  PHE n 
1 54  HIS n 
1 55  PHE n 
1 56  ASN n 
1 57  PRO n 
1 58  ARG n 
1 59  PHE n 
1 60  ASN n 
1 61  GLU n 
1 62  ASN n 
1 63  ASN n 
1 64  ARG n 
1 65  ARG n 
1 66  VAL n 
1 67  ILE n 
1 68  VAL n 
1 69  CYS n 
1 70  ASN n 
1 71  THR n 
1 72  LYS n 
1 73  GLN n 
1 74  ASP n 
1 75  ASN n 
1 76  ASN n 
1 77  TRP n 
1 78  GLY n 
1 79  LYS n 
1 80  GLU n 
1 81  GLU n 
1 82  ARG n 
1 83  GLN n 
1 84  SER n 
1 85  ALA n 
1 86  PHE n 
1 87  PRO n 
1 88  PHE n 
1 89  GLU n 
1 90  SER n 
1 91  GLY n 
1 92  LYS n 
1 93  PRO n 
1 94  PHE n 
1 95  LYS n 
1 96  ILE n 
1 97  GLN n 
1 98  VAL n 
1 99  LEU n 
1 100 VAL n 
1 101 GLU n 
1 102 ALA n 
1 103 ASP n 
1 104 HIS n 
1 105 PHE n 
1 106 LYS n 
1 107 VAL n 
1 108 ALA n 
1 109 VAL n 
1 110 ASN n 
1 111 ASP n 
1 112 ALA n 
1 113 HIS n 
1 114 LEU n 
1 115 LEU n 
1 116 GLN n 
1 117 TYR n 
1 118 ASN n 
1 119 HIS n 
1 120 ARG n 
1 121 MET n 
1 122 LYS n 
1 123 ASN n 
1 124 LEU n 
1 125 ARG n 
1 126 GLU n 
1 127 ILE n 
1 128 SER n 
1 129 GLN n 
1 130 LEU n 
1 131 GLY n 
1 132 ILE n 
1 133 SER n 
1 134 GLY n 
1 135 ASP n 
1 136 ILE n 
1 137 THR n 
1 138 LEU n 
1 139 THR n 
1 140 SER n 
1 141 ALA n 
1 142 ASN n 
1 143 HIS n 
1 144 ALA n 
1 145 MET n 
1 146 ILE n 
# 
_entity_src_gen.entity_id                          1 
_entity_src_gen.pdbx_src_id                        1 
_entity_src_gen.pdbx_alt_source_flag               sample 
_entity_src_gen.pdbx_seq_type                      'Biological sequence' 
_entity_src_gen.pdbx_beg_seq_num                   1 
_entity_src_gen.pdbx_end_seq_num                   146 
_entity_src_gen.gene_src_common_name               human 
_entity_src_gen.gene_src_genus                     ? 
_entity_src_gen.pdbx_gene_src_gene                 Lgals3 
_entity_src_gen.gene_src_species                   ? 
_entity_src_gen.gene_src_strain                    ? 
_entity_src_gen.gene_src_tissue                    ? 
_entity_src_gen.gene_src_tissue_fraction           ? 
_entity_src_gen.gene_src_details                   ? 
_entity_src_gen.pdbx_gene_src_fragment             ? 
_entity_src_gen.pdbx_gene_src_scientific_name      'Homo sapiens' 
_entity_src_gen.pdbx_gene_src_ncbi_taxonomy_id     9606 
_entity_src_gen.pdbx_gene_src_variant              ? 
_entity_src_gen.pdbx_gene_src_cell_line            ? 
_entity_src_gen.pdbx_gene_src_atcc                 ? 
_entity_src_gen.pdbx_gene_src_organ                ? 
_entity_src_gen.pdbx_gene_src_organelle            ? 
_entity_src_gen.pdbx_gene_src_cell                 ? 
_entity_src_gen.pdbx_gene_src_cellular_location    ? 
_entity_src_gen.host_org_common_name               ? 
_entity_src_gen.pdbx_host_org_scientific_name      'Escherichia coli BL21(DE3)' 
_entity_src_gen.pdbx_host_org_ncbi_taxonomy_id     469008 
_entity_src_gen.host_org_genus                     ? 
_entity_src_gen.pdbx_host_org_gene                 ? 
_entity_src_gen.pdbx_host_org_organ                ? 
_entity_src_gen.host_org_species                   ? 
_entity_src_gen.pdbx_host_org_tissue               ? 
_entity_src_gen.pdbx_host_org_tissue_fraction      ? 
_entity_src_gen.pdbx_host_org_strain               'BL21(DE3)' 
_entity_src_gen.pdbx_host_org_variant              ? 
_entity_src_gen.pdbx_host_org_cell_line            ? 
_entity_src_gen.pdbx_host_org_atcc                 ? 
_entity_src_gen.pdbx_host_org_culture_collection   ? 
_entity_src_gen.pdbx_host_org_cell                 ? 
_entity_src_gen.pdbx_host_org_organelle            ? 
_entity_src_gen.pdbx_host_org_cellular_location    ? 
_entity_src_gen.pdbx_host_org_vector_type          ? 
_entity_src_gen.pdbx_host_org_vector               ? 
_entity_src_gen.host_org_details                   ? 
_entity_src_gen.expression_system_id               ? 
_entity_src_gen.plasmid_name                       ? 
_entity_src_gen.plasmid_details                    ? 
_entity_src_gen.pdbx_description                   ? 
# 
loop_
_chem_comp.id 
_chem_comp.type 
_chem_comp.mon_nstd_flag 
_chem_comp.name 
_chem_comp.pdbx_synonyms 
_chem_comp.formula 
_chem_comp.formula_weight 
ALA 'L-peptide linking' y ALANINE ? 'C3 H7 N O2'             89.093  
ARG 'L-peptide linking' y ARGININE ? 'C6 H15 N4 O2 1'         175.209 
ASN 'L-peptide linking' y ASPARAGINE ? 'C4 H8 N2 O3'            132.118 
ASP 'L-peptide linking' y 'ASPARTIC ACID' ? 'C4 H7 N O4'             133.103 
CYS 'L-peptide linking' y CYSTEINE ? 'C3 H7 N O2 S'           121.158 
GLN 'L-peptide linking' y GLUTAMINE ? 'C5 H10 N2 O3'           146.144 
GLU 'L-peptide linking' y 'GLUTAMIC ACID' ? 'C5 H9 N O4'             147.129 
GLY 'peptide linking'   y GLYCINE ? 'C2 H5 N O2'             75.067  
HIS 'L-peptide linking' y HISTIDINE ? 'C6 H10 N3 O2 1'         156.162 
HOH non-polymer         . WATER ? 'H2 O'                   18.015  
ILE 'L-peptide linking' y ISOLEUCINE ? 'C6 H13 N O2'            131.173 
LEU 'L-peptide linking' y LEUCINE ? 'C6 H13 N O2'            131.173 
LYS 'L-peptide linking' y LYSINE ? 'C6 H15 N2 O2 1'         147.195 
MET 'L-peptide linking' y METHIONINE ? 'C5 H11 N O2 S'          149.211 
MG  non-polymer         . 'MAGNESIUM ION' ? 'Mg 2'                   24.305  
PHE 'L-peptide linking' y PHENYLALANINE ? 'C9 H11 N O2'            165.189 
PRO 'L-peptide linking' y PROLINE ? 'C5 H9 N O2'             115.130 
QB2 non-polymer         . 
;2-[(2R,3R,4S,5R,6R)-2-(3,4-dichlorophenyl)sulfanyl-6-(hydroxymethyl)-5-oxidanyl-4-[4-[3,4,5-tris(fluoranyl)phenyl]-1,2,3-triazol-1-yl]oxan-3-yl]oxyethanoic acid
;
? 'C22 H18 Cl2 F3 N3 O6 S' 580.361 
SER 'L-peptide linking' y SERINE ? 'C3 H7 N O3'             105.093 
THR 'L-peptide linking' y THREONINE ? 'C4 H9 N O3'             119.119 
TRP 'L-peptide linking' y TRYPTOPHAN ? 'C11 H12 N2 O2'          204.225 
TYR 'L-peptide linking' y TYROSINE ? 'C9 H11 N O3'            181.189 
VAL 'L-peptide linking' y VALINE ? 'C5 H11 N O2'            117.146 
# 
loop_
_pdbx_poly_seq_scheme.asym_id 
_pdbx_poly_seq_scheme.entity_id 
_pdbx_poly_seq_scheme.seq_id 
_pdbx_poly_seq_scheme.mon_id 
_pdbx_poly_seq_scheme.ndb_seq_num 
_pdbx_poly_seq_scheme.pdb_seq_num 
_pdbx_poly_seq_scheme.auth_seq_num 
_pdbx_poly_seq_scheme.pdb_mon_id 
_pdbx_poly_seq_scheme.auth_mon_id 
_pdbx_poly_seq_scheme.pdb_strand_id 
_pdbx_poly_seq_scheme.pdb_ins_code 
_pdbx_poly_seq_scheme.hetero 
A 1 1   GLY 1   119 ?   ?   ?   A . n 
A 1 2   HIS 2   120 ?   ?   ?   A . n 
A 1 3   MET 3   121 ?   ?   ?   A . n 
A 1 4   GLY 4   122 ?   ?   ?   A . n 
A 1 5   VAL 5   123 ?   ?   ?   A . n 
A 1 6   PRO 6   124 ?   ?   ?   A . n 
A 1 7   ALA 7   125 ?   ?   ?   A . n 
A 1 8   GLY 8   126 ?   ?   ?   A . n 
A 1 9   PRO 9   127 127 PRO PRO A . n 
A 1 10  LEU 10  128 128 LEU LEU A . n 
A 1 11  THR 11  129 129 THR THR A . n 
A 1 12  VAL 12  130 130 VAL VAL A . n 
A 1 13  PRO 13  131 131 PRO PRO A . n 
A 1 14  TYR 14  132 132 TYR TYR A . n 
A 1 15  ASP 15  133 133 ASP ASP A . n 
A 1 16  LEU 16  134 134 LEU LEU A . n 
A 1 17  PRO 17  135 135 PRO PRO A . n 
A 1 18  LEU 18  136 136 LEU LEU A . n 
A 1 19  PRO 19  137 137 PRO PRO A . n 
A 1 20  GLY 20  138 138 GLY GLY A . n 
A 1 21  GLY 21  139 139 GLY GLY A . n 
A 1 22  VAL 22  140 140 VAL VAL A . n 
A 1 23  MET 23  141 141 MET MET A . n 
A 1 24  PRO 24  142 142 PRO PRO A . n 
A 1 25  ARG 25  143 143 ARG ARG A . n 
A 1 26  MET 26  144 144 MET MET A . n 
A 1 27  LEU 27  145 145 LEU LEU A . n 
A 1 28  ILE 28  146 146 ILE ILE A . n 
A 1 29  THR 29  147 147 THR THR A . n 
A 1 30  ILE 30  148 148 ILE ILE A . n 
A 1 31  MET 31  149 149 MET MET A . n 
A 1 32  GLY 32  150 150 GLY GLY A . n 
A 1 33  THR 33  151 151 THR THR A . n 
A 1 34  VAL 34  152 152 VAL VAL A . n 
A 1 35  LYS 35  153 153 LYS LYS A . n 
A 1 36  PRO 36  154 154 PRO PRO A . n 
A 1 37  ASN 37  155 155 ASN ASN A . n 
A 1 38  ALA 38  156 156 ALA ALA A . n 
A 1 39  ASN 39  157 157 ASN ASN A . n 
A 1 40  ARG 40  158 158 ARG ARG A . n 
A 1 41  ILE 41  159 159 ILE ILE A . n 
A 1 42  VAL 42  160 160 VAL VAL A . n 
A 1 43  LEU 43  161 161 LEU LEU A . n 
A 1 44  ASP 44  162 162 ASP ASP A . n 
A 1 45  PHE 45  163 163 PHE PHE A . n 
A 1 46  ARG 46  164 164 ARG ARG A . n 
A 1 47  ARG 47  165 165 ARG ARG A . n 
A 1 48  GLY 48  166 166 GLY GLY A . n 
A 1 49  ASN 49  167 167 ASN ASN A . n 
A 1 50  ASP 50  168 168 ASP ASP A . n 
A 1 51  VAL 51  169 169 VAL VAL A . n 
A 1 52  ALA 52  170 170 ALA ALA A . n 
A 1 53  PHE 53  171 171 PHE PHE A . n 
A 1 54  HIS 54  172 172 HIS HIS A . n 
A 1 55  PHE 55  173 173 PHE PHE A . n 
A 1 56  ASN 56  174 174 ASN ASN A . n 
A 1 57  PRO 57  175 175 PRO PRO A . n 
A 1 58  ARG 58  176 176 ARG ARG A . n 
A 1 59  PHE 59  177 177 PHE PHE A . n 
A 1 60  ASN 60  178 178 ASN ASN A . n 
A 1 61  GLU 61  179 179 GLU GLU A . n 
A 1 62  ASN 62  180 180 ASN ASN A . n 
A 1 63  ASN 63  181 181 ASN ASN A . n 
A 1 64  ARG 64  182 182 ARG ARG A . n 
A 1 65  ARG 65  183 183 ARG ARG A . n 
A 1 66  VAL 66  184 184 VAL VAL A . n 
A 1 67  ILE 67  185 185 ILE ILE A . n 
A 1 68  VAL 68  186 186 VAL VAL A . n 
A 1 69  CYS 69  187 187 CYS CYS A . n 
A 1 70  ASN 70  188 188 ASN ASN A . n 
A 1 71  THR 71  189 189 THR THR A . n 
A 1 72  LYS 72  190 190 LYS LYS A . n 
A 1 73  GLN 73  191 191 GLN GLN A . n 
A 1 74  ASP 74  192 192 ASP ASP A . n 
A 1 75  ASN 75  193 193 ASN ASN A . n 
A 1 76  ASN 76  194 194 ASN ASN A . n 
A 1 77  TRP 77  195 195 TRP TRP A . n 
A 1 78  GLY 78  196 196 GLY GLY A . n 
A 1 79  LYS 79  197 197 LYS LYS A . n 
A 1 80  GLU 80  198 198 GLU GLU A . n 
A 1 81  GLU 81  199 199 GLU GLU A . n 
A 1 82  ARG 82  200 200 ARG ARG A . n 
A 1 83  GLN 83  201 201 GLN GLN A . n 
A 1 84  SER 84  202 202 SER SER A . n 
A 1 85  ALA 85  203 203 ALA ALA A . n 
A 1 86  PHE 86  204 204 PHE PHE A . n 
A 1 87  PRO 87  205 205 PRO PRO A . n 
A 1 88  PHE 88  206 206 PHE PHE A . n 
A 1 89  GLU 89  207 207 GLU GLU A . n 
A 1 90  SER 90  208 208 SER SER A . n 
A 1 91  GLY 91  209 209 GLY GLY A . n 
A 1 92  LYS 92  210 210 LYS LYS A . n 
A 1 93  PRO 93  211 211 PRO PRO A . n 
A 1 94  PHE 94  212 212 PHE PHE A . n 
A 1 95  LYS 95  213 213 LYS LYS A . n 
A 1 96  ILE 96  214 214 ILE ILE A . n 
A 1 97  GLN 97  215 215 GLN GLN A . n 
A 1 98  VAL 98  216 216 VAL VAL A . n 
A 1 99  LEU 99  217 217 LEU LEU A . n 
A 1 100 VAL 100 218 218 VAL VAL A . n 
A 1 101 GLU 101 219 219 GLU GLU A . n 
A 1 102 ALA 102 220 220 ALA ALA A . n 
A 1 103 ASP 103 221 221 ASP ASP A . n 
A 1 104 HIS 104 222 222 HIS HIS A . n 
A 1 105 PHE 105 223 223 PHE PHE A . n 
A 1 106 LYS 106 224 224 LYS LYS A . n 
A 1 107 VAL 107 225 225 VAL VAL A . n 
A 1 108 ALA 108 226 226 ALA ALA A . n 
A 1 109 VAL 109 227 227 VAL VAL A . n 
A 1 110 ASN 110 228 228 ASN ASN A . n 
A 1 111 ASP 111 229 229 ASP ASP A . n 
A 1 112 ALA 112 230 230 ALA ALA A . n 
A 1 113 HIS 113 231 231 HIS HIS A . n 
A 1 114 LEU 114 232 232 LEU LEU A . n 
A 1 115 LEU 115 233 233 LEU LEU A . n 
A 1 116 GLN 116 234 234 GLN GLN A . n 
A 1 117 TYR 117 235 235 TYR TYR A . n 
A 1 118 ASN 118 236 236 ASN ASN A . n 
A 1 119 HIS 119 237 237 HIS HIS A . n 
A 1 120 ARG 120 238 238 ARG ARG A . n 
A 1 121 MET 121 239 239 MET MET A . n 
A 1 122 LYS 122 240 240 LYS LYS A . n 
A 1 123 ASN 123 241 241 ASN ASN A . n 
A 1 124 LEU 124 242 242 LEU LEU A . n 
A 1 125 ARG 125 243 243 ARG ARG A . n 
A 1 126 GLU 126 244 244 GLU GLU A . n 
A 1 127 ILE 127 245 245 ILE ILE A . n 
A 1 128 SER 128 246 246 SER SER A . n 
A 1 129 GLN 129 247 247 GLN GLN A . n 
A 1 130 LEU 130 248 248 LEU LEU A . n 
A 1 131 GLY 131 249 249 GLY GLY A . n 
A 1 132 ILE 132 250 250 ILE ILE A . n 
A 1 133 SER 133 251 251 SER SER A . n 
A 1 134 GLY 134 252 252 GLY GLY A . n 
A 1 135 ASP 135 253 253 ASP ASP A . n 
A 1 136 ILE 136 254 254 ILE ILE A . n 
A 1 137 THR 137 255 255 THR THR A . n 
A 1 138 LEU 138 256 256 LEU LEU A . n 
A 1 139 THR 139 257 257 THR THR A . n 
A 1 140 SER 140 258 258 SER SER A . n 
A 1 141 ALA 141 259 259 ALA ALA A . n 
A 1 142 ASN 142 260 260 ASN ASN A . n 
A 1 143 HIS 143 261 261 HIS HIS A . n 
A 1 144 ALA 144 262 262 ALA ALA A . n 
A 1 145 MET 145 263 263 MET MET A . n 
A 1 146 ILE 146 264 264 ILE ILE A . n 
# 
loop_
_pdbx_nonpoly_scheme.asym_id 
_pdbx_nonpoly_scheme.entity_id 
_pdbx_nonpoly_scheme.mon_id 
_pdbx_nonpoly_scheme.ndb_seq_num 
_pdbx_nonpoly_scheme.pdb_seq_num 
_pdbx_nonpoly_scheme.auth_seq_num 
_pdbx_nonpoly_scheme.pdb_mon_id 
_pdbx_nonpoly_scheme.auth_mon_id 
_pdbx_nonpoly_scheme.pdb_strand_id 
_pdbx_nonpoly_scheme.pdb_ins_code 
B 2 QB2 1  301 301 QB2 LG1 A . 
C 3 MG  1  302 302 MG  MG  A . 
D 4 HOH 1  401 401 HOH HOH A . 
D 4 HOH 2  402 402 HOH HOH A . 
D 4 HOH 3  403 403 HOH HOH A . 
D 4 HOH 4  404 404 HOH HOH A . 
D 4 HOH 5  405 405 HOH HOH A . 
D 4 HOH 6  406 406 HOH HOH A . 
D 4 HOH 7  407 407 HOH HOH A . 
D 4 HOH 8  408 408 HOH HOH A . 
D 4 HOH 9  409 409 HOH HOH A . 
D 4 HOH 10 410 410 HOH HOH A . 
D 4 HOH 11 411 411 HOH HOH A . 
D 4 HOH 12 412 412 HOH HOH A . 
D 4 HOH 13 413 413 HOH HOH A . 
D 4 HOH 14 414 414 HOH HOH A . 
D 4 HOH 15 415 415 HOH HOH A . 
D 4 HOH 16 416 416 HOH HOH A . 
D 4 HOH 17 417 417 HOH HOH A . 
D 4 HOH 18 418 418 HOH HOH A . 
D 4 HOH 19 419 419 HOH HOH A . 
D 4 HOH 20 420 420 HOH HOH A . 
D 4 HOH 21 421 421 HOH HOH A . 
D 4 HOH 22 422 422 HOH HOH A . 
D 4 HOH 23 423 423 HOH HOH A . 
D 4 HOH 24 424 424 HOH HOH A . 
D 4 HOH 25 425 425 HOH HOH A . 
D 4 HOH 26 426 426 HOH HOH A . 
D 4 HOH 27 427 427 HOH HOH A . 
D 4 HOH 28 428 428 HOH HOH A . 
D 4 HOH 29 429 429 HOH HOH A . 
D 4 HOH 30 430 430 HOH HOH A . 
D 4 HOH 31 431 431 HOH HOH A . 
D 4 HOH 32 432 432 HOH HOH A . 
D 4 HOH 33 433 433 HOH HOH A . 
D 4 HOH 34 434 434 HOH HOH A . 
D 4 HOH 35 435 435 HOH HOH A . 
D 4 HOH 36 436 436 HOH HOH A . 
D 4 HOH 37 437 437 HOH HOH A . 
D 4 HOH 38 438 438 HOH HOH A . 
D 4 HOH 39 439 439 HOH HOH A . 
D 4 HOH 40 440 440 HOH HOH A . 
D 4 HOH 41 441 441 HOH HOH A . 
D 4 HOH 42 442 442 HOH HOH A . 
D 4 HOH 43 443 443 HOH HOH A . 
D 4 HOH 44 444 444 HOH HOH A . 
D 4 HOH 45 445 445 HOH HOH A . 
D 4 HOH 46 446 446 HOH HOH A . 
D 4 HOH 47 447 447 HOH HOH A . 
D 4 HOH 48 448 448 HOH HOH A . 
D 4 HOH 49 449 449 HOH HOH A . 
D 4 HOH 50 450 450 HOH HOH A . 
D 4 HOH 51 451 451 HOH HOH A . 
D 4 HOH 52 452 452 HOH HOH A . 
D 4 HOH 53 453 453 HOH HOH A . 
D 4 HOH 54 454 454 HOH HOH A . 
D 4 HOH 55 455 455 HOH HOH A . 
D 4 HOH 56 456 456 HOH HOH A . 
D 4 HOH 57 457 457 HOH HOH A . 
D 4 HOH 58 458 458 HOH HOH A . 
D 4 HOH 59 459 459 HOH HOH A . 
D 4 HOH 60 460 460 HOH HOH A . 
D 4 HOH 61 461 461 HOH HOH A . 
D 4 HOH 62 462 462 HOH HOH A . 
D 4 HOH 63 463 463 HOH HOH A . 
D 4 HOH 64 464 464 HOH HOH A . 
D 4 HOH 65 465 465 HOH HOH A . 
D 4 HOH 66 466 466 HOH HOH A . 
D 4 HOH 67 467 467 HOH HOH A . 
D 4 HOH 68 468 468 HOH HOH A . 
D 4 HOH 69 469 469 HOH HOH A . 
D 4 HOH 70 470 470 HOH HOH A . 
D 4 HOH 71 471 471 HOH HOH A . 
D 4 HOH 72 472 472 HOH HOH A . 
D 4 HOH 73 473 473 HOH HOH A . 
D 4 HOH 74 474 474 HOH HOH A . 
D 4 HOH 75 475 475 HOH HOH A . 
D 4 HOH 76 476 476 HOH HOH A . 
D 4 HOH 77 477 477 HOH HOH A . 
D 4 HOH 78 478 478 HOH HOH A . 
D 4 HOH 79 479 479 HOH HOH A . 
D 4 HOH 80 480 480 HOH HOH A . 
D 4 HOH 81 481 481 HOH HOH A . 
D 4 HOH 82 482 482 HOH HOH A . 
D 4 HOH 83 483 483 HOH HOH A . 
D 4 HOH 84 484 484 HOH HOH A . 
D 4 HOH 85 485 485 HOH HOH A . 
D 4 HOH 86 486 486 HOH HOH A . 
D 4 HOH 87 487 487 HOH HOH A . 
D 4 HOH 88 488 488 HOH HOH A . 
D 4 HOH 89 489 489 HOH HOH A . 
D 4 HOH 90 490 490 HOH HOH A . 
D 4 HOH 91 491 491 HOH HOH A . 
D 4 HOH 92 492 492 HOH HOH A . 
D 4 HOH 93 493 493 HOH HOH A . 
D 4 HOH 94 494 494 HOH HOH A . 
D 4 HOH 95 495 495 HOH HOH A . 
D 4 HOH 96 496 496 HOH HOH A . 
D 4 HOH 97 497 497 HOH HOH A . 
D 4 HOH 98 498 498 HOH HOH A . 
# 
loop_
_pdbx_unobs_or_zero_occ_atoms.id 
_pdbx_unobs_or_zero_occ_atoms.PDB_model_num 
_pdbx_unobs_or_zero_occ_atoms.polymer_flag 
_pdbx_unobs_or_zero_occ_atoms.occupancy_flag 
_pdbx_unobs_or_zero_occ_atoms.auth_asym_id 
_pdbx_unobs_or_zero_occ_atoms.auth_comp_id 
_pdbx_unobs_or_zero_occ_atoms.auth_seq_id 
_pdbx_unobs_or_zero_occ_atoms.PDB_ins_code 
_pdbx_unobs_or_zero_occ_atoms.auth_atom_id 
_pdbx_unobs_or_zero_occ_atoms.label_alt_id 
_pdbx_unobs_or_zero_occ_atoms.label_asym_id 
_pdbx_unobs_or_zero_occ_atoms.label_comp_id 
_pdbx_unobs_or_zero_occ_atoms.label_seq_id 
_pdbx_unobs_or_zero_occ_atoms.label_atom_id 
1 1 Y 1 A LYS 197 ? CG ? A LYS 79 CG 
2 1 Y 1 A LYS 197 ? CD ? A LYS 79 CD 
3 1 Y 1 A LYS 197 ? CE ? A LYS 79 CE 
4 1 Y 1 A LYS 197 ? NZ ? A LYS 79 NZ 
# 
loop_
_software.citation_id 
_software.classification 
_software.compiler_name 
_software.compiler_version 
_software.contact_author 
_software.contact_author_email 
_software.date 
_software.description 
_software.dependencies 
_software.hardware 
_software.language 
_software.location 
_software.mods 
_software.name 
_software.os 
_software.os_version 
_software.type 
_software.version 
_software.pdbx_ordinal 
? 'data reduction' ? ? ? ? ? ? ? ? ? ? ? XDS     ? ? ? .        1 
? 'data scaling'   ? ? ? ? ? ? ? ? ? ? ? Aimless ? ? ? .        2 
? refinement       ? ? ? ? ? ? ? ? ? ? ? REFMAC  ? ? ? 5.8.0049 3 
? phasing          ? ? ? ? ? ? ? ? ? ? ? PHASER  ? ? ? .        4 
# 
_cell.angle_alpha                  90.00 
_cell.angle_alpha_esd              ? 
_cell.angle_beta                   90.00 
_cell.angle_beta_esd               ? 
_cell.angle_gamma                  90.00 
_cell.angle_gamma_esd              ? 
_cell.entry_id                     8IU1 
_cell.details                      ? 
_cell.formula_units_Z              ? 
_cell.length_a                     110.670 
_cell.length_a_esd                 ? 
_cell.length_b                     110.670 
_cell.length_b_esd                 ? 
_cell.length_c                     110.670 
_cell.length_c_esd                 ? 
_cell.volume                       ? 
_cell.volume_esd                   ? 
_cell.Z_PDB                        24 
_cell.reciprocal_angle_alpha       ? 
_cell.reciprocal_angle_beta        ? 
_cell.reciprocal_angle_gamma       ? 
_cell.reciprocal_angle_alpha_esd   ? 
_cell.reciprocal_angle_beta_esd    ? 
_cell.reciprocal_angle_gamma_esd   ? 
_cell.reciprocal_length_a          ? 
_cell.reciprocal_length_b          ? 
_cell.reciprocal_length_c          ? 
_cell.reciprocal_length_a_esd      ? 
_cell.reciprocal_length_b_esd      ? 
_cell.reciprocal_length_c_esd      ? 
_cell.pdbx_unique_axis             ? 
_cell.pdbx_esd_method              ? 
# 
_symmetry.entry_id                         8IU1 
_symmetry.cell_setting                     ? 
_symmetry.Int_Tables_number                199 
_symmetry.space_group_name_Hall            ? 
_symmetry.space_group_name_H-M             'I 21 3' 
_symmetry.pdbx_full_space_group_name_H-M   ? 
# 
_exptl.absorpt_coefficient_mu     ? 
_exptl.absorpt_correction_T_max   ? 
_exptl.absorpt_correction_T_min   ? 
_exptl.absorpt_correction_type    ? 
_exptl.absorpt_process_details    ? 
_exptl.entry_id                   8IU1 
_exptl.crystals_number            1 
_exptl.details                    ? 
_exptl.method                     'X-RAY DIFFRACTION' 
_exptl.method_details             ? 
# 
_exptl_crystal.colour                       ? 
_exptl_crystal.density_diffrn               ? 
_exptl_crystal.density_Matthews             3.43 
_exptl_crystal.density_method               ? 
_exptl_crystal.density_percent_sol          64.16 
_exptl_crystal.description                  ? 
_exptl_crystal.F_000                        ? 
_exptl_crystal.id                           1 
_exptl_crystal.preparation                  ? 
_exptl_crystal.size_max                     ? 
_exptl_crystal.size_mid                     ? 
_exptl_crystal.size_min                     ? 
_exptl_crystal.size_rad                     ? 
_exptl_crystal.colour_lustre                ? 
_exptl_crystal.colour_modifier              ? 
_exptl_crystal.colour_primary               ? 
_exptl_crystal.density_meas                 ? 
_exptl_crystal.density_meas_esd             ? 
_exptl_crystal.density_meas_gt              ? 
_exptl_crystal.density_meas_lt              ? 
_exptl_crystal.density_meas_temp            ? 
_exptl_crystal.density_meas_temp_esd        ? 
_exptl_crystal.density_meas_temp_gt         ? 
_exptl_crystal.density_meas_temp_lt         ? 
_exptl_crystal.pdbx_crystal_image_url       ? 
_exptl_crystal.pdbx_crystal_image_format    ? 
_exptl_crystal.pdbx_mosaicity               ? 
_exptl_crystal.pdbx_mosaicity_esd           ? 
_exptl_crystal.pdbx_mosaic_method           ? 
_exptl_crystal.pdbx_mosaic_block_size       ? 
_exptl_crystal.pdbx_mosaic_block_size_esd   ? 
# 
_exptl_crystal_grow.apparatus       ? 
_exptl_crystal_grow.atmosphere      ? 
_exptl_crystal_grow.crystal_id      1 
_exptl_crystal_grow.details         ? 
_exptl_crystal_grow.method          'VAPOR DIFFUSION, SITTING DROP' 
_exptl_crystal_grow.method_ref      ? 
_exptl_crystal_grow.pH              ? 
_exptl_crystal_grow.pressure        ? 
_exptl_crystal_grow.pressure_esd    ? 
_exptl_crystal_grow.seeding         ? 
_exptl_crystal_grow.seeding_ref     ? 
_exptl_crystal_grow.temp_details    ? 
_exptl_crystal_grow.temp_esd        ? 
_exptl_crystal_grow.time            ? 
_exptl_crystal_grow.pdbx_details    
;32% PEG 4000, 0.1M TRIS(8.0), 0.4M NASCN,
0.1M MGCL2
;
_exptl_crystal_grow.pdbx_pH_range   ? 
_exptl_crystal_grow.temp            293 
# 
_diffrn.ambient_environment              ? 
_diffrn.ambient_temp                     100 
_diffrn.ambient_temp_details             ? 
_diffrn.ambient_temp_esd                 ? 
_diffrn.crystal_id                       1 
_diffrn.crystal_support                  ? 
_diffrn.crystal_treatment                ? 
_diffrn.details                          ? 
_diffrn.id                               1 
_diffrn.ambient_pressure                 ? 
_diffrn.ambient_pressure_esd             ? 
_diffrn.ambient_pressure_gt              ? 
_diffrn.ambient_pressure_lt              ? 
_diffrn.ambient_temp_gt                  ? 
_diffrn.ambient_temp_lt                  ? 
_diffrn.pdbx_serial_crystal_experiment   N 
# 
_diffrn_detector.details                      ? 
_diffrn_detector.detector                     CCD 
_diffrn_detector.diffrn_id                    1 
_diffrn_detector.type                         'RAYONIX MX300-HS' 
_diffrn_detector.area_resol_mean              ? 
_diffrn_detector.dtime                        ? 
_diffrn_detector.pdbx_frames_total            ? 
_diffrn_detector.pdbx_collection_time_total   ? 
_diffrn_detector.pdbx_collection_date         2017-06-30 
_diffrn_detector.pdbx_frequency               ? 
_diffrn_detector.id                           ? 
_diffrn_detector.number_of_axes               ? 
# 
_diffrn_radiation.collimation                      ? 
_diffrn_radiation.diffrn_id                        1 
_diffrn_radiation.filter_edge                      ? 
_diffrn_radiation.inhomogeneity                    ? 
_diffrn_radiation.monochromator                    ? 
_diffrn_radiation.polarisn_norm                    ? 
_diffrn_radiation.polarisn_ratio                   ? 
_diffrn_radiation.probe                            ? 
_diffrn_radiation.type                             ? 
_diffrn_radiation.xray_symbol                      ? 
_diffrn_radiation.wavelength_id                    1 
_diffrn_radiation.pdbx_monochromatic_or_laue_m_l   M 
_diffrn_radiation.pdbx_wavelength_list             ? 
_diffrn_radiation.pdbx_wavelength                  ? 
_diffrn_radiation.pdbx_diffrn_protocol             'SINGLE WAVELENGTH' 
_diffrn_radiation.pdbx_analyzer                    ? 
_diffrn_radiation.pdbx_scattering_type             x-ray 
# 
_diffrn_radiation_wavelength.id           1 
_diffrn_radiation_wavelength.wavelength   1.0332 
_diffrn_radiation_wavelength.wt           1.0 
# 
_diffrn_source.current                     ? 
_diffrn_source.details                     ? 
_diffrn_source.diffrn_id                   1 
_diffrn_source.power                       ? 
_diffrn_source.size                        ? 
_diffrn_source.source                      SYNCHROTRON 
_diffrn_source.target                      ? 
_diffrn_source.type                        'APS BEAMLINE 22-ID' 
_diffrn_source.voltage                     ? 
_diffrn_source.take-off_angle              ? 
_diffrn_source.pdbx_wavelength_list        1.0332 
_diffrn_source.pdbx_wavelength             ? 
_diffrn_source.pdbx_synchrotron_beamline   22-ID 
_diffrn_source.pdbx_synchrotron_site       APS 
# 
_reflns.B_iso_Wilson_estimate                          ? 
_reflns.entry_id                                       8IU1 
_reflns.data_reduction_details                         ? 
_reflns.data_reduction_method                          ? 
_reflns.d_resolution_high                              1.97 
_reflns.d_resolution_low                               35 
_reflns.details                                        ? 
_reflns.limit_h_max                                    ? 
_reflns.limit_h_min                                    ? 
_reflns.limit_k_max                                    ? 
_reflns.limit_k_min                                    ? 
_reflns.limit_l_max                                    ? 
_reflns.limit_l_min                                    ? 
_reflns.number_all                                     ? 
_reflns.number_obs                                     16076 
_reflns.observed_criterion                             ? 
_reflns.observed_criterion_F_max                       ? 
_reflns.observed_criterion_F_min                       ? 
_reflns.observed_criterion_I_max                       ? 
_reflns.observed_criterion_I_min                       ? 
_reflns.observed_criterion_sigma_F                     ? 
_reflns.observed_criterion_sigma_I                     ? 
_reflns.percent_possible_obs                           99.9 
_reflns.R_free_details                                 ? 
_reflns.Rmerge_F_all                                   ? 
_reflns.Rmerge_F_obs                                   ? 
_reflns.Friedel_coverage                               ? 
_reflns.number_gt                                      ? 
_reflns.threshold_expression                           ? 
_reflns.pdbx_redundancy                                20.10 
_reflns.pdbx_netI_over_av_sigmaI                       ? 
_reflns.pdbx_netI_over_sigmaI                          24.6 
_reflns.pdbx_res_netI_over_av_sigmaI_2                 ? 
_reflns.pdbx_res_netI_over_sigmaI_2                    ? 
_reflns.pdbx_chi_squared                               ? 
_reflns.pdbx_scaling_rejects                           ? 
_reflns.pdbx_d_res_high_opt                            ? 
_reflns.pdbx_d_res_low_opt                             ? 
_reflns.pdbx_d_res_opt_method                          ? 
_reflns.phase_calculation_details                      ? 
_reflns.pdbx_Rrim_I_all                                ? 
_reflns.pdbx_Rpim_I_all                                ? 
_reflns.pdbx_d_opt                                     ? 
_reflns.pdbx_number_measured_all                       ? 
_reflns.pdbx_diffrn_id                                 1 
_reflns.pdbx_ordinal                                   1 
_reflns.pdbx_CC_half                                   ? 
_reflns.pdbx_CC_star                                   ? 
_reflns.pdbx_R_split                                   ? 
_reflns.pdbx_Rmerge_I_obs                              0.06 
_reflns.pdbx_Rmerge_I_all                              ? 
_reflns.pdbx_Rsym_value                                ? 
_reflns.pdbx_CC_split_method                           ? 
_reflns.pdbx_aniso_diffraction_limit_axis_1_ortho[1]   ? 
_reflns.pdbx_aniso_diffraction_limit_axis_1_ortho[2]   ? 
_reflns.pdbx_aniso_diffraction_limit_axis_1_ortho[3]   ? 
_reflns.pdbx_aniso_diffraction_limit_axis_2_ortho[1]   ? 
_reflns.pdbx_aniso_diffraction_limit_axis_2_ortho[2]   ? 
_reflns.pdbx_aniso_diffraction_limit_axis_2_ortho[3]   ? 
_reflns.pdbx_aniso_diffraction_limit_axis_3_ortho[1]   ? 
_reflns.pdbx_aniso_diffraction_limit_axis_3_ortho[2]   ? 
_reflns.pdbx_aniso_diffraction_limit_axis_3_ortho[3]   ? 
_reflns.pdbx_aniso_diffraction_limit_1                 ? 
_reflns.pdbx_aniso_diffraction_limit_2                 ? 
_reflns.pdbx_aniso_diffraction_limit_3                 ? 
_reflns.pdbx_aniso_B_tensor_eigenvector_1_ortho[1]     ? 
_reflns.pdbx_aniso_B_tensor_eigenvector_1_ortho[2]     ? 
_reflns.pdbx_aniso_B_tensor_eigenvector_1_ortho[3]     ? 
_reflns.pdbx_aniso_B_tensor_eigenvector_2_ortho[1]     ? 
_reflns.pdbx_aniso_B_tensor_eigenvector_2_ortho[2]     ? 
_reflns.pdbx_aniso_B_tensor_eigenvector_2_ortho[3]     ? 
_reflns.pdbx_aniso_B_tensor_eigenvector_3_ortho[1]     ? 
_reflns.pdbx_aniso_B_tensor_eigenvector_3_ortho[2]     ? 
_reflns.pdbx_aniso_B_tensor_eigenvector_3_ortho[3]     ? 
_reflns.pdbx_aniso_B_tensor_eigenvalue_1               ? 
_reflns.pdbx_aniso_B_tensor_eigenvalue_2               ? 
_reflns.pdbx_aniso_B_tensor_eigenvalue_3               ? 
_reflns.pdbx_orthogonalization_convention              ? 
_reflns.pdbx_percent_possible_ellipsoidal              ? 
_reflns.pdbx_percent_possible_spherical                ? 
_reflns.pdbx_percent_possible_ellipsoidal_anomalous    ? 
_reflns.pdbx_percent_possible_spherical_anomalous      ? 
_reflns.pdbx_redundancy_anomalous                      ? 
_reflns.pdbx_CC_half_anomalous                         ? 
_reflns.pdbx_absDiff_over_sigma_anomalous              ? 
_reflns.pdbx_percent_possible_anomalous                ? 
_reflns.pdbx_observed_signal_threshold                 ? 
_reflns.pdbx_signal_type                               ? 
_reflns.pdbx_signal_details                            ? 
_reflns.pdbx_signal_software_id                        ? 
# 
_reflns_shell.d_res_high                                    1.97 
_reflns_shell.d_res_low                                     2.02 
_reflns_shell.meanI_over_sigI_all                           ? 
_reflns_shell.meanI_over_sigI_obs                           ? 
_reflns_shell.number_measured_all                           ? 
_reflns_shell.number_measured_obs                           ? 
_reflns_shell.number_possible                               ? 
_reflns_shell.number_unique_all                             ? 
_reflns_shell.number_unique_obs                             ? 
_reflns_shell.percent_possible_obs                          ? 
_reflns_shell.Rmerge_F_all                                  ? 
_reflns_shell.Rmerge_F_obs                                  ? 
_reflns_shell.meanI_over_sigI_gt                            ? 
_reflns_shell.meanI_over_uI_all                             ? 
_reflns_shell.meanI_over_uI_gt                              ? 
_reflns_shell.number_measured_gt                            ? 
_reflns_shell.number_unique_gt                              ? 
_reflns_shell.percent_possible_gt                           ? 
_reflns_shell.Rmerge_F_gt                                   ? 
_reflns_shell.Rmerge_I_gt                                   ? 
_reflns_shell.pdbx_redundancy                               ? 
_reflns_shell.pdbx_chi_squared                              ? 
_reflns_shell.pdbx_netI_over_sigmaI_all                     ? 
_reflns_shell.pdbx_netI_over_sigmaI_obs                     ? 
_reflns_shell.pdbx_Rrim_I_all                               ? 
_reflns_shell.pdbx_Rpim_I_all                               ? 
_reflns_shell.pdbx_rejects                                  ? 
_reflns_shell.pdbx_ordinal                                  1 
_reflns_shell.pdbx_diffrn_id                                1 
_reflns_shell.pdbx_CC_half                                  ? 
_reflns_shell.pdbx_CC_star                                  ? 
_reflns_shell.pdbx_R_split                                  ? 
_reflns_shell.percent_possible_all                          ? 
_reflns_shell.Rmerge_I_all                                  ? 
_reflns_shell.Rmerge_I_obs                                  0.038 
_reflns_shell.pdbx_Rsym_value                               ? 
_reflns_shell.pdbx_percent_possible_ellipsoidal             ? 
_reflns_shell.pdbx_percent_possible_spherical               ? 
_reflns_shell.pdbx_percent_possible_ellipsoidal_anomalous   ? 
_reflns_shell.pdbx_percent_possible_spherical_anomalous     ? 
_reflns_shell.pdbx_redundancy_anomalous                     ? 
_reflns_shell.pdbx_CC_half_anomalous                        ? 
_reflns_shell.pdbx_absDiff_over_sigma_anomalous             ? 
_reflns_shell.pdbx_percent_possible_anomalous               ? 
# 
_refine.aniso_B[1][1]                            0.00000 
_refine.aniso_B[1][2]                            0.00000 
_refine.aniso_B[1][3]                            0.00000 
_refine.aniso_B[2][2]                            0.00000 
_refine.aniso_B[2][3]                            0.00000 
_refine.aniso_B[3][3]                            0.00000 
_refine.B_iso_max                                ? 
_refine.B_iso_mean                               54.74 
_refine.B_iso_min                                ? 
_refine.correlation_coeff_Fo_to_Fc               0.974 
_refine.correlation_coeff_Fo_to_Fc_free          0.961 
_refine.details                                  
;HYDROGENS HAVE BEEN USED IF PRESENT IN
 THE INPUT
;
_refine.diff_density_max                         ? 
_refine.diff_density_max_esd                     ? 
_refine.diff_density_min                         ? 
_refine.diff_density_min_esd                     ? 
_refine.diff_density_rms                         ? 
_refine.diff_density_rms_esd                     ? 
_refine.entry_id                                 8IU1 
_refine.pdbx_refine_id                           'X-RAY DIFFRACTION' 
_refine.ls_abs_structure_details                 ? 
_refine.ls_abs_structure_Flack                   ? 
_refine.ls_abs_structure_Flack_esd               ? 
_refine.ls_abs_structure_Rogers                  ? 
_refine.ls_abs_structure_Rogers_esd              ? 
_refine.ls_d_res_high                            1.97 
_refine.ls_d_res_low                             35.00 
_refine.ls_extinction_coef                       ? 
_refine.ls_extinction_coef_esd                   ? 
_refine.ls_extinction_expression                 ? 
_refine.ls_extinction_method                     ? 
_refine.ls_goodness_of_fit_all                   ? 
_refine.ls_goodness_of_fit_all_esd               ? 
_refine.ls_goodness_of_fit_obs                   ? 
_refine.ls_goodness_of_fit_obs_esd               ? 
_refine.ls_hydrogen_treatment                    ? 
_refine.ls_matrix_type                           ? 
_refine.ls_number_constraints                    ? 
_refine.ls_number_parameters                     ? 
_refine.ls_number_reflns_all                     ? 
_refine.ls_number_reflns_obs                     15322 
_refine.ls_number_reflns_R_free                  754 
_refine.ls_number_reflns_R_work                  ? 
_refine.ls_number_restraints                     ? 
_refine.ls_percent_reflns_obs                    99.9 
_refine.ls_percent_reflns_R_free                 4.700 
_refine.ls_R_factor_all                          ? 
_refine.ls_R_factor_obs                          0.175 
_refine.ls_R_factor_R_free                       0.215 
_refine.ls_R_factor_R_free_error                 ? 
_refine.ls_R_factor_R_free_error_details         ? 
_refine.ls_R_factor_R_work                       0.173 
_refine.ls_R_Fsqd_factor_obs                     ? 
_refine.ls_R_I_factor_obs                        ? 
_refine.ls_redundancy_reflns_all                 ? 
_refine.ls_redundancy_reflns_obs                 ? 
_refine.ls_restrained_S_all                      ? 
_refine.ls_restrained_S_obs                      ? 
_refine.ls_shift_over_esd_max                    ? 
_refine.ls_shift_over_esd_mean                   ? 
_refine.ls_structure_factor_coef                 ? 
_refine.ls_weighting_details                     ? 
_refine.ls_weighting_scheme                      ? 
_refine.ls_wR_factor_all                         ? 
_refine.ls_wR_factor_obs                         ? 
_refine.ls_wR_factor_R_free                      ? 
_refine.ls_wR_factor_R_work                      ? 
_refine.occupancy_max                            ? 
_refine.occupancy_min                            ? 
_refine.solvent_model_details                    MASK 
_refine.solvent_model_param_bsol                 ? 
_refine.solvent_model_param_ksol                 ? 
_refine.pdbx_R_complete                          ? 
_refine.ls_R_factor_gt                           ? 
_refine.ls_goodness_of_fit_gt                    ? 
_refine.ls_goodness_of_fit_ref                   ? 
_refine.ls_shift_over_su_max                     ? 
_refine.ls_shift_over_su_max_lt                  ? 
_refine.ls_shift_over_su_mean                    ? 
_refine.ls_shift_over_su_mean_lt                 ? 
_refine.pdbx_ls_sigma_I                          ? 
_refine.pdbx_ls_sigma_F                          ? 
_refine.pdbx_ls_sigma_Fsqd                       ? 
_refine.pdbx_data_cutoff_high_absF               ? 
_refine.pdbx_data_cutoff_high_rms_absF           ? 
_refine.pdbx_data_cutoff_low_absF                ? 
_refine.pdbx_isotropic_thermal_model             ? 
_refine.pdbx_ls_cross_valid_method               THROUGHOUT 
_refine.pdbx_method_to_determine_struct          'MOLECULAR REPLACEMENT' 
_refine.pdbx_starting_model                      ? 
_refine.pdbx_stereochemistry_target_values       'MAXIMUM LIKELIHOOD' 
_refine.pdbx_R_Free_selection_details            RANDOM 
_refine.pdbx_stereochem_target_val_spec_case     ? 
_refine.pdbx_overall_ESU_R                       0.120 
_refine.pdbx_overall_ESU_R_Free                  0.123 
_refine.pdbx_solvent_vdw_probe_radii             1.20 
_refine.pdbx_solvent_ion_probe_radii             0.80 
_refine.pdbx_solvent_shrinkage_radii             0.80 
_refine.pdbx_real_space_R                        ? 
_refine.pdbx_density_correlation                 ? 
_refine.pdbx_pd_number_of_powder_patterns        ? 
_refine.pdbx_pd_number_of_points                 ? 
_refine.pdbx_pd_meas_number_of_points            ? 
_refine.pdbx_pd_proc_ls_prof_R_factor            ? 
_refine.pdbx_pd_proc_ls_prof_wR_factor           ? 
_refine.pdbx_pd_Marquardt_correlation_coeff      ? 
_refine.pdbx_pd_Fsqrd_R_factor                   ? 
_refine.pdbx_pd_ls_matrix_band_width             ? 
_refine.pdbx_overall_phase_error                 ? 
_refine.pdbx_overall_SU_R_free_Cruickshank_DPI   ? 
_refine.pdbx_overall_SU_R_free_Blow_DPI          ? 
_refine.pdbx_overall_SU_R_Blow_DPI               ? 
_refine.pdbx_TLS_residual_ADP_flag               ? 
_refine.pdbx_diffrn_id                           1 
_refine.overall_SU_B                             3.409 
_refine.overall_SU_ML                            0.092 
_refine.overall_SU_R_Cruickshank_DPI             ? 
_refine.overall_SU_R_free                        ? 
_refine.overall_FOM_free_R_set                   ? 
_refine.overall_FOM_work_R_set                   ? 
_refine.pdbx_average_fsc_overall                 ? 
_refine.pdbx_average_fsc_work                    ? 
_refine.pdbx_average_fsc_free                    ? 
# 
_refine_hist.pdbx_refine_id                   'X-RAY DIFFRACTION' 
_refine_hist.cycle_id                         LAST 
_refine_hist.details                          ? 
_refine_hist.d_res_high                       1.97 
_refine_hist.d_res_low                        35.00 
_refine_hist.number_atoms_solvent             98 
_refine_hist.number_atoms_total               1239 
_refine_hist.number_reflns_all                ? 
_refine_hist.number_reflns_obs                ? 
_refine_hist.number_reflns_R_free             ? 
_refine_hist.number_reflns_R_work             ? 
_refine_hist.R_factor_all                     ? 
_refine_hist.R_factor_obs                     ? 
_refine_hist.R_factor_R_free                  ? 
_refine_hist.R_factor_R_work                  ? 
_refine_hist.pdbx_number_residues_total       ? 
_refine_hist.pdbx_B_iso_mean_ligand           ? 
_refine_hist.pdbx_B_iso_mean_solvent          ? 
_refine_hist.pdbx_number_atoms_protein        1103 
_refine_hist.pdbx_number_atoms_nucleic_acid   0 
_refine_hist.pdbx_number_atoms_ligand         38 
_refine_hist.pdbx_number_atoms_lipid          ? 
_refine_hist.pdbx_number_atoms_carb           ? 
_refine_hist.pdbx_pseudo_atom_details         ? 
# 
loop_
_refine_ls_restr.pdbx_refine_id 
_refine_ls_restr.criterion 
_refine_ls_restr.dev_ideal 
_refine_ls_restr.dev_ideal_target 
_refine_ls_restr.number 
_refine_ls_restr.rejects 
_refine_ls_restr.type 
_refine_ls_restr.weight 
_refine_ls_restr.pdbx_restraint_function 
'X-RAY DIFFRACTION' ? 0.023  0.020  1168 ? r_bond_refined_d             ? ? 
'X-RAY DIFFRACTION' ? 0.000  0.010  18   ? r_bond_other_d               ? ? 
'X-RAY DIFFRACTION' ? 2.376  1.980  1586 ? r_angle_refined_deg          ? ? 
'X-RAY DIFFRACTION' ? 0.829  3.000  40   ? r_angle_other_deg            ? ? 
'X-RAY DIFFRACTION' ? 7.833  5.000  137  ? r_dihedral_angle_1_deg       ? ? 
'X-RAY DIFFRACTION' ? 37.971 23.793 58   ? r_dihedral_angle_2_deg       ? ? 
'X-RAY DIFFRACTION' ? 15.129 15.000 191  ? r_dihedral_angle_3_deg       ? ? 
'X-RAY DIFFRACTION' ? 19.308 15.000 10   ? r_dihedral_angle_4_deg       ? ? 
'X-RAY DIFFRACTION' ? 0.182  0.200  172  ? r_chiral_restr               ? ? 
'X-RAY DIFFRACTION' ? 0.011  0.021  1003 ? r_gen_planes_refined         ? ? 
'X-RAY DIFFRACTION' ? 0.001  0.020  7    ? r_gen_planes_other           ? ? 
'X-RAY DIFFRACTION' ? ?      ?      ?    ? r_nbd_refined                ? ? 
'X-RAY DIFFRACTION' ? ?      ?      ?    ? r_nbd_other                  ? ? 
'X-RAY DIFFRACTION' ? ?      ?      ?    ? r_nbtor_refined              ? ? 
'X-RAY DIFFRACTION' ? ?      ?      ?    ? r_nbtor_other                ? ? 
'X-RAY DIFFRACTION' ? ?      ?      ?    ? r_xyhbond_nbd_refined        ? ? 
'X-RAY DIFFRACTION' ? ?      ?      ?    ? r_xyhbond_nbd_other          ? ? 
'X-RAY DIFFRACTION' ? ?      ?      ?    ? r_metal_ion_refined          ? ? 
'X-RAY DIFFRACTION' ? ?      ?      ?    ? r_metal_ion_other            ? ? 
'X-RAY DIFFRACTION' ? ?      ?      ?    ? r_symmetry_vdw_refined       ? ? 
'X-RAY DIFFRACTION' ? ?      ?      ?    ? r_symmetry_vdw_other         ? ? 
'X-RAY DIFFRACTION' ? ?      ?      ?    ? r_symmetry_hbond_refined     ? ? 
'X-RAY DIFFRACTION' ? ?      ?      ?    ? r_symmetry_hbond_other       ? ? 
'X-RAY DIFFRACTION' ? ?      ?      ?    ? r_symmetry_metal_ion_refined ? ? 
'X-RAY DIFFRACTION' ? ?      ?      ?    ? r_symmetry_metal_ion_other   ? ? 
'X-RAY DIFFRACTION' ? 5.147  5.102  552  ? r_mcbond_it                  ? ? 
'X-RAY DIFFRACTION' ? ?      ?      ?    ? r_mcbond_other               ? ? 
'X-RAY DIFFRACTION' ? 5.716  7.579  687  ? r_mcangle_it                 ? ? 
'X-RAY DIFFRACTION' ? 5.713  7.578  688  ? r_mcangle_other              ? ? 
'X-RAY DIFFRACTION' ? 7.027  5.565  614  ? r_scbond_it                  ? ? 
'X-RAY DIFFRACTION' ? 7.021  5.564  615  ? r_scbond_other               ? ? 
'X-RAY DIFFRACTION' ? ?      ?      ?    ? r_scangle_it                 ? ? 
'X-RAY DIFFRACTION' ? 9.640  8.146  900  ? r_scangle_other              ? ? 
'X-RAY DIFFRACTION' ? 10.307 43.338 1661 ? r_long_range_B_refined       ? ? 
'X-RAY DIFFRACTION' ? 10.265 43.124 1638 ? r_long_range_B_other         ? ? 
'X-RAY DIFFRACTION' ? ?      ?      ?    ? r_rigid_bond_restr           ? ? 
'X-RAY DIFFRACTION' ? ?      ?      ?    ? r_sphericity_free            ? ? 
'X-RAY DIFFRACTION' ? ?      ?      ?    ? r_sphericity_bonded          ? ? 
# 
_refine_ls_shell.pdbx_refine_id                   'X-RAY DIFFRACTION' 
_refine_ls_shell.d_res_high                       1.97 
_refine_ls_shell.d_res_low                        2.02 
_refine_ls_shell.number_reflns_all                ? 
_refine_ls_shell.number_reflns_obs                ? 
_refine_ls_shell.number_reflns_R_free             56 
_refine_ls_shell.number_reflns_R_work             1119 
_refine_ls_shell.percent_reflns_obs               100.0 
_refine_ls_shell.percent_reflns_R_free            ? 
_refine_ls_shell.R_factor_all                     ? 
_refine_ls_shell.R_factor_obs                     ? 
_refine_ls_shell.R_factor_R_free_error            ? 
_refine_ls_shell.R_factor_R_work                  0.3160 
_refine_ls_shell.redundancy_reflns_all            ? 
_refine_ls_shell.redundancy_reflns_obs            ? 
_refine_ls_shell.wR_factor_all                    ? 
_refine_ls_shell.wR_factor_obs                    ? 
_refine_ls_shell.wR_factor_R_free                 ? 
_refine_ls_shell.wR_factor_R_work                 ? 
_refine_ls_shell.pdbx_R_complete                  ? 
_refine_ls_shell.pdbx_total_number_of_bins_used   20 
_refine_ls_shell.pdbx_phase_error                 ? 
_refine_ls_shell.pdbx_fsc_work                    ? 
_refine_ls_shell.pdbx_fsc_free                    ? 
_refine_ls_shell.R_factor_R_free                  0.3450 
# 
_struct.entry_id                     8IU1 
_struct.title                        'Crystal structure of mouse Galectin-3 in complex with small molecule inhibitor' 
_struct.pdbx_model_details           ? 
_struct.pdbx_formula_weight          ? 
_struct.pdbx_formula_weight_method   ? 
_struct.pdbx_model_type_details      ? 
_struct.pdbx_CASP_flag               N 
# 
_struct_keywords.entry_id        8IU1 
_struct_keywords.text            'Fibrosis, Galactose, SUGAR BINDING PROTEIN' 
_struct_keywords.pdbx_keywords   'SUGAR BINDING PROTEIN' 
# 
loop_
_struct_asym.id 
_struct_asym.pdbx_blank_PDB_chainid_flag 
_struct_asym.pdbx_modified 
_struct_asym.entity_id 
_struct_asym.details 
A N N 1 ? 
B N N 2 ? 
C N N 3 ? 
D N N 4 ? 
# 
_struct_ref.id                         1 
_struct_ref.db_name                    UNP 
_struct_ref.db_code                    LEG3_MOUSE 
_struct_ref.pdbx_db_accession          P16110 
_struct_ref.pdbx_db_isoform            ? 
_struct_ref.entity_id                  1 
_struct_ref.pdbx_seq_one_letter_code   
;GVPAGPLTVPYDLPLPGGVMPRMLITIMGTVKPNANRIVLDFRRGNDVAFHFNPRFNENNRRVIVCNTKQDNNWGKEERQ
SAFPFESGKPFKIQVLVEADHFKVAVNDAHLLQYNHRMKNLREISQLGISGDITLTSANHAMI
;
_struct_ref.pdbx_align_begin           122 
# 
_struct_ref_seq.align_id                      1 
_struct_ref_seq.ref_id                        1 
_struct_ref_seq.pdbx_PDB_id_code              8IU1 
_struct_ref_seq.pdbx_strand_id                A 
_struct_ref_seq.seq_align_beg                 4 
_struct_ref_seq.pdbx_seq_align_beg_ins_code   ? 
_struct_ref_seq.seq_align_end                 146 
_struct_ref_seq.pdbx_seq_align_end_ins_code   ? 
_struct_ref_seq.pdbx_db_accession             P16110 
_struct_ref_seq.db_align_beg                  122 
_struct_ref_seq.pdbx_db_align_beg_ins_code    ? 
_struct_ref_seq.db_align_end                  264 
_struct_ref_seq.pdbx_db_align_end_ins_code    ? 
_struct_ref_seq.pdbx_auth_seq_align_beg       122 
_struct_ref_seq.pdbx_auth_seq_align_end       264 
# 
loop_
_struct_ref_seq_dif.align_id 
_struct_ref_seq_dif.pdbx_pdb_id_code 
_struct_ref_seq_dif.mon_id 
_struct_ref_seq_dif.pdbx_pdb_strand_id 
_struct_ref_seq_dif.seq_num 
_struct_ref_seq_dif.pdbx_pdb_ins_code 
_struct_ref_seq_dif.pdbx_seq_db_name 
_struct_ref_seq_dif.pdbx_seq_db_accession_code 
_struct_ref_seq_dif.db_mon_id 
_struct_ref_seq_dif.pdbx_seq_db_seq_num 
_struct_ref_seq_dif.details 
_struct_ref_seq_dif.pdbx_auth_seq_num 
_struct_ref_seq_dif.pdbx_ordinal 
1 8IU1 GLY A 1 ? UNP P16110 ? ? 'expression tag' 119 1 
1 8IU1 HIS A 2 ? UNP P16110 ? ? 'expression tag' 120 2 
1 8IU1 MET A 3 ? UNP P16110 ? ? 'expression tag' 121 3 
# 
_pdbx_struct_assembly.id                   1 
_pdbx_struct_assembly.details              author_defined_assembly 
_pdbx_struct_assembly.method_details       ? 
_pdbx_struct_assembly.oligomeric_details   monomeric 
_pdbx_struct_assembly.oligomeric_count     1 
# 
loop_
_pdbx_struct_assembly_prop.biol_id 
_pdbx_struct_assembly_prop.type 
_pdbx_struct_assembly_prop.value 
_pdbx_struct_assembly_prop.details 
1 'ABSA (A^2)' 60   ? 
1 MORE         -4   ? 
1 'SSA (A^2)'  7320 ? 
# 
_pdbx_struct_assembly_gen.assembly_id       1 
_pdbx_struct_assembly_gen.oper_expression   1 
_pdbx_struct_assembly_gen.asym_id_list      A,B,C,D 
# 
_pdbx_struct_assembly_auth_evidence.id                     1 
_pdbx_struct_assembly_auth_evidence.assembly_id            1 
_pdbx_struct_assembly_auth_evidence.experimental_support   'light scattering' 
_pdbx_struct_assembly_auth_evidence.details                ? 
# 
_pdbx_struct_oper_list.id                   1 
_pdbx_struct_oper_list.type                 'identity operation' 
_pdbx_struct_oper_list.name                 1_555 
_pdbx_struct_oper_list.symmetry_operation   x,y,z 
_pdbx_struct_oper_list.matrix[1][1]         1.0000000000 
_pdbx_struct_oper_list.matrix[1][2]         0.0000000000 
_pdbx_struct_oper_list.matrix[1][3]         0.0000000000 
_pdbx_struct_oper_list.vector[1]            0.0000000000 
_pdbx_struct_oper_list.matrix[2][1]         0.0000000000 
_pdbx_struct_oper_list.matrix[2][2]         1.0000000000 
_pdbx_struct_oper_list.matrix[2][3]         0.0000000000 
_pdbx_struct_oper_list.vector[2]            0.0000000000 
_pdbx_struct_oper_list.matrix[3][1]         0.0000000000 
_pdbx_struct_oper_list.matrix[3][2]         0.0000000000 
_pdbx_struct_oper_list.matrix[3][3]         1.0000000000 
_pdbx_struct_oper_list.vector[3]            0.0000000000 
# 
_struct_conf.conf_type_id            HELX_P 
_struct_conf.id                      HELX_P1 
_struct_conf.pdbx_PDB_helix_id       AA1 
_struct_conf.beg_label_comp_id       ASN 
_struct_conf.beg_label_asym_id       A 
_struct_conf.beg_label_seq_id        123 
_struct_conf.pdbx_beg_PDB_ins_code   ? 
_struct_conf.end_label_comp_id       ILE 
_struct_conf.end_label_asym_id       A 
_struct_conf.end_label_seq_id        127 
_struct_conf.pdbx_end_PDB_ins_code   ? 
_struct_conf.beg_auth_comp_id        ASN 
_struct_conf.beg_auth_asym_id        A 
_struct_conf.beg_auth_seq_id         241 
_struct_conf.end_auth_comp_id        ILE 
_struct_conf.end_auth_asym_id        A 
_struct_conf.end_auth_seq_id         245 
_struct_conf.pdbx_PDB_helix_class    5 
_struct_conf.details                 ? 
_struct_conf.pdbx_PDB_helix_length   5 
# 
_struct_conf_type.id          HELX_P 
_struct_conf_type.criteria    ? 
_struct_conf_type.reference   ? 
# 
_struct_mon_prot_cis.pdbx_id                1 
_struct_mon_prot_cis.label_comp_id          VAL 
_struct_mon_prot_cis.label_seq_id           12 
_struct_mon_prot_cis.label_asym_id          A 
_struct_mon_prot_cis.label_alt_id           . 
_struct_mon_prot_cis.pdbx_PDB_ins_code      ? 
_struct_mon_prot_cis.auth_comp_id           VAL 
_struct_mon_prot_cis.auth_seq_id            130 
_struct_mon_prot_cis.auth_asym_id           A 
_struct_mon_prot_cis.pdbx_label_comp_id_2   PRO 
_struct_mon_prot_cis.pdbx_label_seq_id_2    13 
_struct_mon_prot_cis.pdbx_label_asym_id_2   A 
_struct_mon_prot_cis.pdbx_PDB_ins_code_2    ? 
_struct_mon_prot_cis.pdbx_auth_comp_id_2    PRO 
_struct_mon_prot_cis.pdbx_auth_seq_id_2     131 
_struct_mon_prot_cis.pdbx_auth_asym_id_2    A 
_struct_mon_prot_cis.pdbx_PDB_model_num     1 
_struct_mon_prot_cis.pdbx_omega_angle       -4.33 
# 
loop_
_struct_sheet.id 
_struct_sheet.type 
_struct_sheet.number_strands 
_struct_sheet.details 
AA1 ? 6 ? 
AA2 ? 6 ? 
AA3 ? 5 ? 
# 
loop_
_struct_sheet_order.sheet_id 
_struct_sheet_order.range_id_1 
_struct_sheet_order.range_id_2 
_struct_sheet_order.offset 
_struct_sheet_order.sense 
AA1 1 2 ? anti-parallel 
AA1 2 3 ? anti-parallel 
AA1 3 4 ? anti-parallel 
AA1 4 5 ? anti-parallel 
AA1 5 6 ? anti-parallel 
AA2 1 2 ? anti-parallel 
AA2 2 3 ? anti-parallel 
AA2 3 4 ? anti-parallel 
AA2 4 5 ? anti-parallel 
AA2 5 6 ? anti-parallel 
AA3 1 2 ? anti-parallel 
AA3 2 3 ? anti-parallel 
AA3 3 4 ? anti-parallel 
AA3 4 5 ? anti-parallel 
# 
loop_
_struct_sheet_range.sheet_id 
_struct_sheet_range.id 
_struct_sheet_range.beg_label_comp_id 
_struct_sheet_range.beg_label_asym_id 
_struct_sheet_range.beg_label_seq_id 
_struct_sheet_range.pdbx_beg_PDB_ins_code 
_struct_sheet_range.end_label_comp_id 
_struct_sheet_range.end_label_asym_id 
_struct_sheet_range.end_label_seq_id 
_struct_sheet_range.pdbx_end_PDB_ins_code 
_struct_sheet_range.beg_auth_comp_id 
_struct_sheet_range.beg_auth_asym_id 
_struct_sheet_range.beg_auth_seq_id 
_struct_sheet_range.end_auth_comp_id 
_struct_sheet_range.end_auth_asym_id 
_struct_sheet_range.end_auth_seq_id 
AA1 1 TYR A 14  ? PRO A 17  ? TYR A 132 PRO A 135 
AA1 2 GLN A 129 ? GLY A 134 ? GLN A 247 GLY A 252 
AA1 3 ILE A 41  ? ARG A 47  ? ILE A 159 ARG A 165 
AA1 4 ASP A 50  ? GLU A 61  ? ASP A 168 GLU A 179 
AA1 5 ARG A 64  ? GLN A 73  ? ARG A 182 GLN A 191 
AA1 6 ASN A 76  ? TRP A 77  ? ASN A 194 TRP A 195 
AA2 1 TYR A 14  ? PRO A 17  ? TYR A 132 PRO A 135 
AA2 2 GLN A 129 ? GLY A 134 ? GLN A 247 GLY A 252 
AA2 3 ILE A 41  ? ARG A 47  ? ILE A 159 ARG A 165 
AA2 4 ASP A 50  ? GLU A 61  ? ASP A 168 GLU A 179 
AA2 5 ARG A 64  ? GLN A 73  ? ARG A 182 GLN A 191 
AA2 6 GLU A 81  ? GLN A 83  ? GLU A 199 GLN A 201 
AA3 1 ALA A 112 ? ASN A 118 ? ALA A 230 ASN A 236 
AA3 2 HIS A 104 ? VAL A 109 ? HIS A 222 VAL A 227 
AA3 3 PRO A 93  ? VAL A 100 ? PRO A 211 VAL A 218 
AA3 4 MET A 26  ? VAL A 34  ? MET A 144 VAL A 152 
AA3 5 ILE A 136 ? MET A 145 ? ILE A 254 MET A 263 
# 
loop_
_pdbx_struct_sheet_hbond.sheet_id 
_pdbx_struct_sheet_hbond.range_id_1 
_pdbx_struct_sheet_hbond.range_id_2 
_pdbx_struct_sheet_hbond.range_1_label_atom_id 
_pdbx_struct_sheet_hbond.range_1_label_comp_id 
_pdbx_struct_sheet_hbond.range_1_label_asym_id 
_pdbx_struct_sheet_hbond.range_1_label_seq_id 
_pdbx_struct_sheet_hbond.range_1_PDB_ins_code 
_pdbx_struct_sheet_hbond.range_1_auth_atom_id 
_pdbx_struct_sheet_hbond.range_1_auth_comp_id 
_pdbx_struct_sheet_hbond.range_1_auth_asym_id 
_pdbx_struct_sheet_hbond.range_1_auth_seq_id 
_pdbx_struct_sheet_hbond.range_2_label_atom_id 
_pdbx_struct_sheet_hbond.range_2_label_comp_id 
_pdbx_struct_sheet_hbond.range_2_label_asym_id 
_pdbx_struct_sheet_hbond.range_2_label_seq_id 
_pdbx_struct_sheet_hbond.range_2_PDB_ins_code 
_pdbx_struct_sheet_hbond.range_2_auth_atom_id 
_pdbx_struct_sheet_hbond.range_2_auth_comp_id 
_pdbx_struct_sheet_hbond.range_2_auth_asym_id 
_pdbx_struct_sheet_hbond.range_2_auth_seq_id 
AA1 1 2 N LEU A 16  ? N LEU A 134 O LEU A 130 ? O LEU A 248 
AA1 2 3 O GLY A 131 ? O GLY A 249 N ASP A 44  ? N ASP A 162 
AA1 3 4 N PHE A 45  ? N PHE A 163 O PHE A 53  ? O PHE A 171 
AA1 4 5 N GLU A 61  ? N GLU A 179 O ARG A 64  ? O ARG A 182 
AA1 5 6 N GLN A 73  ? N GLN A 191 O ASN A 76  ? O ASN A 194 
AA2 1 2 N LEU A 16  ? N LEU A 134 O LEU A 130 ? O LEU A 248 
AA2 2 3 O GLY A 131 ? O GLY A 249 N ASP A 44  ? N ASP A 162 
AA2 3 4 N PHE A 45  ? N PHE A 163 O PHE A 53  ? O PHE A 171 
AA2 4 5 N GLU A 61  ? N GLU A 179 O ARG A 64  ? O ARG A 182 
AA2 5 6 N CYS A 69  ? N CYS A 187 O GLU A 81  ? O GLU A 199 
AA3 1 2 O LEU A 115 ? O LEU A 233 N VAL A 107 ? N VAL A 225 
AA3 2 3 O ALA A 108 ? O ALA A 226 N GLN A 97  ? N GLN A 215 
AA3 3 4 O VAL A 98  ? O VAL A 216 N ILE A 28  ? N ILE A 146 
AA3 4 5 N LEU A 27  ? N LEU A 145 O ALA A 144 ? O ALA A 262 
# 
_pdbx_validate_symm_contact.id                1 
_pdbx_validate_symm_contact.PDB_model_num     1 
_pdbx_validate_symm_contact.auth_atom_id_1    NH2 
_pdbx_validate_symm_contact.auth_asym_id_1    A 
_pdbx_validate_symm_contact.auth_comp_id_1    ARG 
_pdbx_validate_symm_contact.auth_seq_id_1     243 
_pdbx_validate_symm_contact.PDB_ins_code_1    ? 
_pdbx_validate_symm_contact.label_alt_id_1    ? 
_pdbx_validate_symm_contact.site_symmetry_1   1_555 
_pdbx_validate_symm_contact.auth_atom_id_2    NH2 
_pdbx_validate_symm_contact.auth_asym_id_2    A 
_pdbx_validate_symm_contact.auth_comp_id_2    ARG 
_pdbx_validate_symm_contact.auth_seq_id_2     243 
_pdbx_validate_symm_contact.PDB_ins_code_2    ? 
_pdbx_validate_symm_contact.label_alt_id_2    ? 
_pdbx_validate_symm_contact.site_symmetry_2   15_455 
_pdbx_validate_symm_contact.dist              1.79 
# 
loop_
_pdbx_validate_rmsd_bond.id 
_pdbx_validate_rmsd_bond.PDB_model_num 
_pdbx_validate_rmsd_bond.auth_atom_id_1 
_pdbx_validate_rmsd_bond.auth_asym_id_1 
_pdbx_validate_rmsd_bond.auth_comp_id_1 
_pdbx_validate_rmsd_bond.auth_seq_id_1 
_pdbx_validate_rmsd_bond.PDB_ins_code_1 
_pdbx_validate_rmsd_bond.label_alt_id_1 
_pdbx_validate_rmsd_bond.auth_atom_id_2 
_pdbx_validate_rmsd_bond.auth_asym_id_2 
_pdbx_validate_rmsd_bond.auth_comp_id_2 
_pdbx_validate_rmsd_bond.auth_seq_id_2 
_pdbx_validate_rmsd_bond.PDB_ins_code_2 
_pdbx_validate_rmsd_bond.label_alt_id_2 
_pdbx_validate_rmsd_bond.bond_value 
_pdbx_validate_rmsd_bond.bond_target_value 
_pdbx_validate_rmsd_bond.bond_deviation 
_pdbx_validate_rmsd_bond.bond_standard_deviation 
_pdbx_validate_rmsd_bond.linker_flag 
1 1 N  A GLY 138 ? ? CA  A GLY 138 ? ? 1.565 1.456 0.109 0.015 N 
2 1 CD A ARG 243 ? ? NE  A ARG 243 ? ? 1.588 1.460 0.128 0.017 N 
3 1 CZ A ARG 243 ? ? NH2 A ARG 243 ? ? 1.434 1.326 0.108 0.013 N 
# 
loop_
_pdbx_validate_rmsd_angle.id 
_pdbx_validate_rmsd_angle.PDB_model_num 
_pdbx_validate_rmsd_angle.auth_atom_id_1 
_pdbx_validate_rmsd_angle.auth_asym_id_1 
_pdbx_validate_rmsd_angle.auth_comp_id_1 
_pdbx_validate_rmsd_angle.auth_seq_id_1 
_pdbx_validate_rmsd_angle.PDB_ins_code_1 
_pdbx_validate_rmsd_angle.label_alt_id_1 
_pdbx_validate_rmsd_angle.auth_atom_id_2 
_pdbx_validate_rmsd_angle.auth_asym_id_2 
_pdbx_validate_rmsd_angle.auth_comp_id_2 
_pdbx_validate_rmsd_angle.auth_seq_id_2 
_pdbx_validate_rmsd_angle.PDB_ins_code_2 
_pdbx_validate_rmsd_angle.label_alt_id_2 
_pdbx_validate_rmsd_angle.auth_atom_id_3 
_pdbx_validate_rmsd_angle.auth_asym_id_3 
_pdbx_validate_rmsd_angle.auth_comp_id_3 
_pdbx_validate_rmsd_angle.auth_seq_id_3 
_pdbx_validate_rmsd_angle.PDB_ins_code_3 
_pdbx_validate_rmsd_angle.label_alt_id_3 
_pdbx_validate_rmsd_angle.angle_value 
_pdbx_validate_rmsd_angle.angle_target_value 
_pdbx_validate_rmsd_angle.angle_deviation 
_pdbx_validate_rmsd_angle.angle_standard_deviation 
_pdbx_validate_rmsd_angle.linker_flag 
1 1 C  A PRO 137 ? ? N  A GLY 138 ? ? CA  A GLY 138 ? ? 107.73 122.30 -14.57 2.10 Y 
2 1 NE A ARG 143 ? ? CZ A ARG 143 ? ? NH1 A ARG 143 ? ? 114.19 120.30 -6.11  0.50 N 
3 1 NE A ARG 143 ? ? CZ A ARG 143 ? ? NH2 A ARG 143 ? ? 126.71 120.30 6.41   0.50 N 
4 1 NE A ARG 243 ? ? CZ A ARG 243 ? ? NH1 A ARG 243 ? ? 113.06 120.30 -7.24  0.50 N 
5 1 NE A ARG 243 ? ? CZ A ARG 243 ? ? NH2 A ARG 243 ? ? 129.38 120.30 9.08   0.50 N 
# 
_pdbx_validate_torsion.id              1 
_pdbx_validate_torsion.PDB_model_num   1 
_pdbx_validate_torsion.auth_comp_id    SER 
_pdbx_validate_torsion.auth_asym_id    A 
_pdbx_validate_torsion.auth_seq_id     208 
_pdbx_validate_torsion.PDB_ins_code    ? 
_pdbx_validate_torsion.label_alt_id    ? 
_pdbx_validate_torsion.phi             -39.87 
_pdbx_validate_torsion.psi             122.03 
# 
_pdbx_validate_peptide_omega.id               1 
_pdbx_validate_peptide_omega.PDB_model_num    1 
_pdbx_validate_peptide_omega.auth_comp_id_1   GLY 
_pdbx_validate_peptide_omega.auth_asym_id_1   A 
_pdbx_validate_peptide_omega.auth_seq_id_1    138 
_pdbx_validate_peptide_omega.PDB_ins_code_1   ? 
_pdbx_validate_peptide_omega.label_alt_id_1   ? 
_pdbx_validate_peptide_omega.auth_comp_id_2   GLY 
_pdbx_validate_peptide_omega.auth_asym_id_2   A 
_pdbx_validate_peptide_omega.auth_seq_id_2    139 
_pdbx_validate_peptide_omega.PDB_ins_code_2   ? 
_pdbx_validate_peptide_omega.label_alt_id_2   ? 
_pdbx_validate_peptide_omega.omega            -147.37 
# 
loop_
_pdbx_struct_special_symmetry.id 
_pdbx_struct_special_symmetry.PDB_model_num 
_pdbx_struct_special_symmetry.auth_asym_id 
_pdbx_struct_special_symmetry.auth_comp_id 
_pdbx_struct_special_symmetry.auth_seq_id 
_pdbx_struct_special_symmetry.PDB_ins_code 
_pdbx_struct_special_symmetry.label_asym_id 
_pdbx_struct_special_symmetry.label_comp_id 
_pdbx_struct_special_symmetry.label_seq_id 
1 1 A MG  302 ? C MG  . 
2 1 A HOH 474 ? D HOH . 
3 1 A HOH 498 ? D HOH . 
# 
_pdbx_entry_details.entry_id                 8IU1 
_pdbx_entry_details.has_ligand_of_interest   Y 
_pdbx_entry_details.compound_details         ? 
_pdbx_entry_details.source_details           ? 
_pdbx_entry_details.nonpolymer_details       ? 
_pdbx_entry_details.sequence_details         ? 
# 
loop_
_pdbx_unobs_or_zero_occ_residues.id 
_pdbx_unobs_or_zero_occ_residues.PDB_model_num 
_pdbx_unobs_or_zero_occ_residues.polymer_flag 
_pdbx_unobs_or_zero_occ_residues.occupancy_flag 
_pdbx_unobs_or_zero_occ_residues.auth_asym_id 
_pdbx_unobs_or_zero_occ_residues.auth_comp_id 
_pdbx_unobs_or_zero_occ_residues.auth_seq_id 
_pdbx_unobs_or_zero_occ_residues.PDB_ins_code 
_pdbx_unobs_or_zero_occ_residues.label_asym_id 
_pdbx_unobs_or_zero_occ_residues.label_comp_id 
_pdbx_unobs_or_zero_occ_residues.label_seq_id 
1 1 Y 1 A GLY 119 ? A GLY 1 
2 1 Y 1 A HIS 120 ? A HIS 2 
3 1 Y 1 A MET 121 ? A MET 3 
4 1 Y 1 A GLY 122 ? A GLY 4 
5 1 Y 1 A VAL 123 ? A VAL 5 
6 1 Y 1 A PRO 124 ? A PRO 6 
7 1 Y 1 A ALA 125 ? A ALA 7 
8 1 Y 1 A GLY 126 ? A GLY 8 
# 
loop_
_chem_comp_atom.comp_id 
_chem_comp_atom.atom_id 
_chem_comp_atom.type_symbol 
_chem_comp_atom.pdbx_aromatic_flag 
_chem_comp_atom.pdbx_stereo_config 
_chem_comp_atom.pdbx_ordinal 
ALA N    N  N N 1   
ALA CA   C  N S 2   
ALA C    C  N N 3   
ALA O    O  N N 4   
ALA CB   C  N N 5   
ALA OXT  O  N N 6   
ALA H    H  N N 7   
ALA H2   H  N N 8   
ALA HA   H  N N 9   
ALA HB1  H  N N 10  
ALA HB2  H  N N 11  
ALA HB3  H  N N 12  
ALA HXT  H  N N 13  
ARG N    N  N N 14  
ARG CA   C  N S 15  
ARG C    C  N N 16  
ARG O    O  N N 17  
ARG CB   C  N N 18  
ARG CG   C  N N 19  
ARG CD   C  N N 20  
ARG NE   N  N N 21  
ARG CZ   C  N N 22  
ARG NH1  N  N N 23  
ARG NH2  N  N N 24  
ARG OXT  O  N N 25  
ARG H    H  N N 26  
ARG H2   H  N N 27  
ARG HA   H  N N 28  
ARG HB2  H  N N 29  
ARG HB3  H  N N 30  
ARG HG2  H  N N 31  
ARG HG3  H  N N 32  
ARG HD2  H  N N 33  
ARG HD3  H  N N 34  
ARG HE   H  N N 35  
ARG HH11 H  N N 36  
ARG HH12 H  N N 37  
ARG HH21 H  N N 38  
ARG HH22 H  N N 39  
ARG HXT  H  N N 40  
ASN N    N  N N 41  
ASN CA   C  N S 42  
ASN C    C  N N 43  
ASN O    O  N N 44  
ASN CB   C  N N 45  
ASN CG   C  N N 46  
ASN OD1  O  N N 47  
ASN ND2  N  N N 48  
ASN OXT  O  N N 49  
ASN H    H  N N 50  
ASN H2   H  N N 51  
ASN HA   H  N N 52  
ASN HB2  H  N N 53  
ASN HB3  H  N N 54  
ASN HD21 H  N N 55  
ASN HD22 H  N N 56  
ASN HXT  H  N N 57  
ASP N    N  N N 58  
ASP CA   C  N S 59  
ASP C    C  N N 60  
ASP O    O  N N 61  
ASP CB   C  N N 62  
ASP CG   C  N N 63  
ASP OD1  O  N N 64  
ASP OD2  O  N N 65  
ASP OXT  O  N N 66  
ASP H    H  N N 67  
ASP H2   H  N N 68  
ASP HA   H  N N 69  
ASP HB2  H  N N 70  
ASP HB3  H  N N 71  
ASP HD2  H  N N 72  
ASP HXT  H  N N 73  
CYS N    N  N N 74  
CYS CA   C  N R 75  
CYS C    C  N N 76  
CYS O    O  N N 77  
CYS CB   C  N N 78  
CYS SG   S  N N 79  
CYS OXT  O  N N 80  
CYS H    H  N N 81  
CYS H2   H  N N 82  
CYS HA   H  N N 83  
CYS HB2  H  N N 84  
CYS HB3  H  N N 85  
CYS HG   H  N N 86  
CYS HXT  H  N N 87  
GLN N    N  N N 88  
GLN CA   C  N S 89  
GLN C    C  N N 90  
GLN O    O  N N 91  
GLN CB   C  N N 92  
GLN CG   C  N N 93  
GLN CD   C  N N 94  
GLN OE1  O  N N 95  
GLN NE2  N  N N 96  
GLN OXT  O  N N 97  
GLN H    H  N N 98  
GLN H2   H  N N 99  
GLN HA   H  N N 100 
GLN HB2  H  N N 101 
GLN HB3  H  N N 102 
GLN HG2  H  N N 103 
GLN HG3  H  N N 104 
GLN HE21 H  N N 105 
GLN HE22 H  N N 106 
GLN HXT  H  N N 107 
GLU N    N  N N 108 
GLU CA   C  N S 109 
GLU C    C  N N 110 
GLU O    O  N N 111 
GLU CB   C  N N 112 
GLU CG   C  N N 113 
GLU CD   C  N N 114 
GLU OE1  O  N N 115 
GLU OE2  O  N N 116 
GLU OXT  O  N N 117 
GLU H    H  N N 118 
GLU H2   H  N N 119 
GLU HA   H  N N 120 
GLU HB2  H  N N 121 
GLU HB3  H  N N 122 
GLU HG2  H  N N 123 
GLU HG3  H  N N 124 
GLU HE2  H  N N 125 
GLU HXT  H  N N 126 
GLY N    N  N N 127 
GLY CA   C  N N 128 
GLY C    C  N N 129 
GLY O    O  N N 130 
GLY OXT  O  N N 131 
GLY H    H  N N 132 
GLY H2   H  N N 133 
GLY HA2  H  N N 134 
GLY HA3  H  N N 135 
GLY HXT  H  N N 136 
HIS N    N  N N 137 
HIS CA   C  N S 138 
HIS C    C  N N 139 
HIS O    O  N N 140 
HIS CB   C  N N 141 
HIS CG   C  Y N 142 
HIS ND1  N  Y N 143 
HIS CD2  C  Y N 144 
HIS CE1  C  Y N 145 
HIS NE2  N  Y N 146 
HIS OXT  O  N N 147 
HIS H    H  N N 148 
HIS H2   H  N N 149 
HIS HA   H  N N 150 
HIS HB2  H  N N 151 
HIS HB3  H  N N 152 
HIS HD1  H  N N 153 
HIS HD2  H  N N 154 
HIS HE1  H  N N 155 
HIS HE2  H  N N 156 
HIS HXT  H  N N 157 
HOH O    O  N N 158 
HOH H1   H  N N 159 
HOH H2   H  N N 160 
ILE N    N  N N 161 
ILE CA   C  N S 162 
ILE C    C  N N 163 
ILE O    O  N N 164 
ILE CB   C  N S 165 
ILE CG1  C  N N 166 
ILE CG2  C  N N 167 
ILE CD1  C  N N 168 
ILE OXT  O  N N 169 
ILE H    H  N N 170 
ILE H2   H  N N 171 
ILE HA   H  N N 172 
ILE HB   H  N N 173 
ILE HG12 H  N N 174 
ILE HG13 H  N N 175 
ILE HG21 H  N N 176 
ILE HG22 H  N N 177 
ILE HG23 H  N N 178 
ILE HD11 H  N N 179 
ILE HD12 H  N N 180 
ILE HD13 H  N N 181 
ILE HXT  H  N N 182 
LEU N    N  N N 183 
LEU CA   C  N S 184 
LEU C    C  N N 185 
LEU O    O  N N 186 
LEU CB   C  N N 187 
LEU CG   C  N N 188 
LEU CD1  C  N N 189 
LEU CD2  C  N N 190 
LEU OXT  O  N N 191 
LEU H    H  N N 192 
LEU H2   H  N N 193 
LEU HA   H  N N 194 
LEU HB2  H  N N 195 
LEU HB3  H  N N 196 
LEU HG   H  N N 197 
LEU HD11 H  N N 198 
LEU HD12 H  N N 199 
LEU HD13 H  N N 200 
LEU HD21 H  N N 201 
LEU HD22 H  N N 202 
LEU HD23 H  N N 203 
LEU HXT  H  N N 204 
LYS N    N  N N 205 
LYS CA   C  N S 206 
LYS C    C  N N 207 
LYS O    O  N N 208 
LYS CB   C  N N 209 
LYS CG   C  N N 210 
LYS CD   C  N N 211 
LYS CE   C  N N 212 
LYS NZ   N  N N 213 
LYS OXT  O  N N 214 
LYS H    H  N N 215 
LYS H2   H  N N 216 
LYS HA   H  N N 217 
LYS HB2  H  N N 218 
LYS HB3  H  N N 219 
LYS HG2  H  N N 220 
LYS HG3  H  N N 221 
LYS HD2  H  N N 222 
LYS HD3  H  N N 223 
LYS HE2  H  N N 224 
LYS HE3  H  N N 225 
LYS HZ1  H  N N 226 
LYS HZ2  H  N N 227 
LYS HZ3  H  N N 228 
LYS HXT  H  N N 229 
MET N    N  N N 230 
MET CA   C  N S 231 
MET C    C  N N 232 
MET O    O  N N 233 
MET CB   C  N N 234 
MET CG   C  N N 235 
MET SD   S  N N 236 
MET CE   C  N N 237 
MET OXT  O  N N 238 
MET H    H  N N 239 
MET H2   H  N N 240 
MET HA   H  N N 241 
MET HB2  H  N N 242 
MET HB3  H  N N 243 
MET HG2  H  N N 244 
MET HG3  H  N N 245 
MET HE1  H  N N 246 
MET HE2  H  N N 247 
MET HE3  H  N N 248 
MET HXT  H  N N 249 
MG  MG   MG N N 250 
PHE N    N  N N 251 
PHE CA   C  N S 252 
PHE C    C  N N 253 
PHE O    O  N N 254 
PHE CB   C  N N 255 
PHE CG   C  Y N 256 
PHE CD1  C  Y N 257 
PHE CD2  C  Y N 258 
PHE CE1  C  Y N 259 
PHE CE2  C  Y N 260 
PHE CZ   C  Y N 261 
PHE OXT  O  N N 262 
PHE H    H  N N 263 
PHE H2   H  N N 264 
PHE HA   H  N N 265 
PHE HB2  H  N N 266 
PHE HB3  H  N N 267 
PHE HD1  H  N N 268 
PHE HD2  H  N N 269 
PHE HE1  H  N N 270 
PHE HE2  H  N N 271 
PHE HZ   H  N N 272 
PHE HXT  H  N N 273 
PRO N    N  N N 274 
PRO CA   C  N S 275 
PRO C    C  N N 276 
PRO O    O  N N 277 
PRO CB   C  N N 278 
PRO CG   C  N N 279 
PRO CD   C  N N 280 
PRO OXT  O  N N 281 
PRO H    H  N N 282 
PRO HA   H  N N 283 
PRO HB2  H  N N 284 
PRO HB3  H  N N 285 
PRO HG2  H  N N 286 
PRO HG3  H  N N 287 
PRO HD2  H  N N 288 
PRO HD3  H  N N 289 
PRO HXT  H  N N 290 
QB2 C13  C  N R 291 
QB2 C18  C  Y N 292 
QB2 C17  C  Y N 293 
QB2 C16  C  Y N 294 
QB2 C15  C  Y N 295 
QB2 C19  C  Y N 296 
QB2 C20  C  Y N 297 
QB2 C21  C  Y N 298 
QB2 C11  C  N N 299 
QB2 C12  C  N S 300 
QB2 F2   F  N N 301 
QB2 F1   F  N N 302 
QB2 F    F  N N 303 
QB2 C14  C  Y N 304 
QB2 N1   N  Y N 305 
QB2 N2   N  Y N 306 
QB2 N    N  Y N 307 
QB2 O5   O  N N 308 
QB2 C1   C  N R 309 
QB2 C    C  N N 310 
QB2 O    O  N N 311 
QB2 C9   C  N R 312 
QB2 O2   O  N N 313 
QB2 C10  C  N N 314 
QB2 O4   O  N N 315 
QB2 O3   O  N N 316 
QB2 C2   C  N R 317 
QB2 O1   O  N N 318 
QB2 S    S  N N 319 
QB2 C3   C  Y N 320 
QB2 C8   C  Y N 321 
QB2 C7   C  Y N 322 
QB2 CL1  CL N N 323 
QB2 C6   C  Y N 324 
QB2 CL   CL N N 325 
QB2 C5   C  Y N 326 
QB2 C4   C  Y N 327 
QB2 H4   H  N N 328 
QB2 H16  H  N N 329 
QB2 H17  H  N N 330 
QB2 H3   H  N N 331 
QB2 H15  H  N N 332 
QB2 H14  H  N N 333 
QB2 H    H  N N 334 
QB2 H7   H  N N 335 
QB2 H6   H  N N 336 
QB2 H5   H  N N 337 
QB2 H2   H  N N 338 
QB2 H11  H  N N 339 
QB2 H12  H  N N 340 
QB2 H13  H  N N 341 
QB2 H1   H  N N 342 
QB2 H10  H  N N 343 
QB2 H9   H  N N 344 
QB2 H8   H  N N 345 
SER N    N  N N 346 
SER CA   C  N S 347 
SER C    C  N N 348 
SER O    O  N N 349 
SER CB   C  N N 350 
SER OG   O  N N 351 
SER OXT  O  N N 352 
SER H    H  N N 353 
SER H2   H  N N 354 
SER HA   H  N N 355 
SER HB2  H  N N 356 
SER HB3  H  N N 357 
SER HG   H  N N 358 
SER HXT  H  N N 359 
THR N    N  N N 360 
THR CA   C  N S 361 
THR C    C  N N 362 
THR O    O  N N 363 
THR CB   C  N R 364 
THR OG1  O  N N 365 
THR CG2  C  N N 366 
THR OXT  O  N N 367 
THR H    H  N N 368 
THR H2   H  N N 369 
THR HA   H  N N 370 
THR HB   H  N N 371 
THR HG1  H  N N 372 
THR HG21 H  N N 373 
THR HG22 H  N N 374 
THR HG23 H  N N 375 
THR HXT  H  N N 376 
TRP N    N  N N 377 
TRP CA   C  N S 378 
TRP C    C  N N 379 
TRP O    O  N N 380 
TRP CB   C  N N 381 
TRP CG   C  Y N 382 
TRP CD1  C  Y N 383 
TRP CD2  C  Y N 384 
TRP NE1  N  Y N 385 
TRP CE2  C  Y N 386 
TRP CE3  C  Y N 387 
TRP CZ2  C  Y N 388 
TRP CZ3  C  Y N 389 
TRP CH2  C  Y N 390 
TRP OXT  O  N N 391 
TRP H    H  N N 392 
TRP H2   H  N N 393 
TRP HA   H  N N 394 
TRP HB2  H  N N 395 
TRP HB3  H  N N 396 
TRP HD1  H  N N 397 
TRP HE1  H  N N 398 
TRP HE3  H  N N 399 
TRP HZ2  H  N N 400 
TRP HZ3  H  N N 401 
TRP HH2  H  N N 402 
TRP HXT  H  N N 403 
TYR N    N  N N 404 
TYR CA   C  N S 405 
TYR C    C  N N 406 
TYR O    O  N N 407 
TYR CB   C  N N 408 
TYR CG   C  Y N 409 
TYR CD1  C  Y N 410 
TYR CD2  C  Y N 411 
TYR CE1  C  Y N 412 
TYR CE2  C  Y N 413 
TYR CZ   C  Y N 414 
TYR OH   O  N N 415 
TYR OXT  O  N N 416 
TYR H    H  N N 417 
TYR H2   H  N N 418 
TYR HA   H  N N 419 
TYR HB2  H  N N 420 
TYR HB3  H  N N 421 
TYR HD1  H  N N 422 
TYR HD2  H  N N 423 
TYR HE1  H  N N 424 
TYR HE2  H  N N 425 
TYR HH   H  N N 426 
TYR HXT  H  N N 427 
VAL N    N  N N 428 
VAL CA   C  N S 429 
VAL C    C  N N 430 
VAL O    O  N N 431 
VAL CB   C  N N 432 
VAL CG1  C  N N 433 
VAL CG2  C  N N 434 
VAL OXT  O  N N 435 
VAL H    H  N N 436 
VAL H2   H  N N 437 
VAL HA   H  N N 438 
VAL HB   H  N N 439 
VAL HG11 H  N N 440 
VAL HG12 H  N N 441 
VAL HG13 H  N N 442 
VAL HG21 H  N N 443 
VAL HG22 H  N N 444 
VAL HG23 H  N N 445 
VAL HXT  H  N N 446 
# 
loop_
_chem_comp_bond.comp_id 
_chem_comp_bond.atom_id_1 
_chem_comp_bond.atom_id_2 
_chem_comp_bond.value_order 
_chem_comp_bond.pdbx_aromatic_flag 
_chem_comp_bond.pdbx_stereo_config 
_chem_comp_bond.pdbx_ordinal 
ALA N   CA   sing N N 1   
ALA N   H    sing N N 2   
ALA N   H2   sing N N 3   
ALA CA  C    sing N N 4   
ALA CA  CB   sing N N 5   
ALA CA  HA   sing N N 6   
ALA C   O    doub N N 7   
ALA C   OXT  sing N N 8   
ALA CB  HB1  sing N N 9   
ALA CB  HB2  sing N N 10  
ALA CB  HB3  sing N N 11  
ALA OXT HXT  sing N N 12  
ARG N   CA   sing N N 13  
ARG N   H    sing N N 14  
ARG N   H2   sing N N 15  
ARG CA  C    sing N N 16  
ARG CA  CB   sing N N 17  
ARG CA  HA   sing N N 18  
ARG C   O    doub N N 19  
ARG C   OXT  sing N N 20  
ARG CB  CG   sing N N 21  
ARG CB  HB2  sing N N 22  
ARG CB  HB3  sing N N 23  
ARG CG  CD   sing N N 24  
ARG CG  HG2  sing N N 25  
ARG CG  HG3  sing N N 26  
ARG CD  NE   sing N N 27  
ARG CD  HD2  sing N N 28  
ARG CD  HD3  sing N N 29  
ARG NE  CZ   sing N N 30  
ARG NE  HE   sing N N 31  
ARG CZ  NH1  sing N N 32  
ARG CZ  NH2  doub N N 33  
ARG NH1 HH11 sing N N 34  
ARG NH1 HH12 sing N N 35  
ARG NH2 HH21 sing N N 36  
ARG NH2 HH22 sing N N 37  
ARG OXT HXT  sing N N 38  
ASN N   CA   sing N N 39  
ASN N   H    sing N N 40  
ASN N   H2   sing N N 41  
ASN CA  C    sing N N 42  
ASN CA  CB   sing N N 43  
ASN CA  HA   sing N N 44  
ASN C   O    doub N N 45  
ASN C   OXT  sing N N 46  
ASN CB  CG   sing N N 47  
ASN CB  HB2  sing N N 48  
ASN CB  HB3  sing N N 49  
ASN CG  OD1  doub N N 50  
ASN CG  ND2  sing N N 51  
ASN ND2 HD21 sing N N 52  
ASN ND2 HD22 sing N N 53  
ASN OXT HXT  sing N N 54  
ASP N   CA   sing N N 55  
ASP N   H    sing N N 56  
ASP N   H2   sing N N 57  
ASP CA  C    sing N N 58  
ASP CA  CB   sing N N 59  
ASP CA  HA   sing N N 60  
ASP C   O    doub N N 61  
ASP C   OXT  sing N N 62  
ASP CB  CG   sing N N 63  
ASP CB  HB2  sing N N 64  
ASP CB  HB3  sing N N 65  
ASP CG  OD1  doub N N 66  
ASP CG  OD2  sing N N 67  
ASP OD2 HD2  sing N N 68  
ASP OXT HXT  sing N N 69  
CYS N   CA   sing N N 70  
CYS N   H    sing N N 71  
CYS N   H2   sing N N 72  
CYS CA  C    sing N N 73  
CYS CA  CB   sing N N 74  
CYS CA  HA   sing N N 75  
CYS C   O    doub N N 76  
CYS C   OXT  sing N N 77  
CYS CB  SG   sing N N 78  
CYS CB  HB2  sing N N 79  
CYS CB  HB3  sing N N 80  
CYS SG  HG   sing N N 81  
CYS OXT HXT  sing N N 82  
GLN N   CA   sing N N 83  
GLN N   H    sing N N 84  
GLN N   H2   sing N N 85  
GLN CA  C    sing N N 86  
GLN CA  CB   sing N N 87  
GLN CA  HA   sing N N 88  
GLN C   O    doub N N 89  
GLN C   OXT  sing N N 90  
GLN CB  CG   sing N N 91  
GLN CB  HB2  sing N N 92  
GLN CB  HB3  sing N N 93  
GLN CG  CD   sing N N 94  
GLN CG  HG2  sing N N 95  
GLN CG  HG3  sing N N 96  
GLN CD  OE1  doub N N 97  
GLN CD  NE2  sing N N 98  
GLN NE2 HE21 sing N N 99  
GLN NE2 HE22 sing N N 100 
GLN OXT HXT  sing N N 101 
GLU N   CA   sing N N 102 
GLU N   H    sing N N 103 
GLU N   H2   sing N N 104 
GLU CA  C    sing N N 105 
GLU CA  CB   sing N N 106 
GLU CA  HA   sing N N 107 
GLU C   O    doub N N 108 
GLU C   OXT  sing N N 109 
GLU CB  CG   sing N N 110 
GLU CB  HB2  sing N N 111 
GLU CB  HB3  sing N N 112 
GLU CG  CD   sing N N 113 
GLU CG  HG2  sing N N 114 
GLU CG  HG3  sing N N 115 
GLU CD  OE1  doub N N 116 
GLU CD  OE2  sing N N 117 
GLU OE2 HE2  sing N N 118 
GLU OXT HXT  sing N N 119 
GLY N   CA   sing N N 120 
GLY N   H    sing N N 121 
GLY N   H2   sing N N 122 
GLY CA  C    sing N N 123 
GLY CA  HA2  sing N N 124 
GLY CA  HA3  sing N N 125 
GLY C   O    doub N N 126 
GLY C   OXT  sing N N 127 
GLY OXT HXT  sing N N 128 
HIS N   CA   sing N N 129 
HIS N   H    sing N N 130 
HIS N   H2   sing N N 131 
HIS CA  C    sing N N 132 
HIS CA  CB   sing N N 133 
HIS CA  HA   sing N N 134 
HIS C   O    doub N N 135 
HIS C   OXT  sing N N 136 
HIS CB  CG   sing N N 137 
HIS CB  HB2  sing N N 138 
HIS CB  HB3  sing N N 139 
HIS CG  ND1  sing Y N 140 
HIS CG  CD2  doub Y N 141 
HIS ND1 CE1  doub Y N 142 
HIS ND1 HD1  sing N N 143 
HIS CD2 NE2  sing Y N 144 
HIS CD2 HD2  sing N N 145 
HIS CE1 NE2  sing Y N 146 
HIS CE1 HE1  sing N N 147 
HIS NE2 HE2  sing N N 148 
HIS OXT HXT  sing N N 149 
HOH O   H1   sing N N 150 
HOH O   H2   sing N N 151 
ILE N   CA   sing N N 152 
ILE N   H    sing N N 153 
ILE N   H2   sing N N 154 
ILE CA  C    sing N N 155 
ILE CA  CB   sing N N 156 
ILE CA  HA   sing N N 157 
ILE C   O    doub N N 158 
ILE C   OXT  sing N N 159 
ILE CB  CG1  sing N N 160 
ILE CB  CG2  sing N N 161 
ILE CB  HB   sing N N 162 
ILE CG1 CD1  sing N N 163 
ILE CG1 HG12 sing N N 164 
ILE CG1 HG13 sing N N 165 
ILE CG2 HG21 sing N N 166 
ILE CG2 HG22 sing N N 167 
ILE CG2 HG23 sing N N 168 
ILE CD1 HD11 sing N N 169 
ILE CD1 HD12 sing N N 170 
ILE CD1 HD13 sing N N 171 
ILE OXT HXT  sing N N 172 
LEU N   CA   sing N N 173 
LEU N   H    sing N N 174 
LEU N   H2   sing N N 175 
LEU CA  C    sing N N 176 
LEU CA  CB   sing N N 177 
LEU CA  HA   sing N N 178 
LEU C   O    doub N N 179 
LEU C   OXT  sing N N 180 
LEU CB  CG   sing N N 181 
LEU CB  HB2  sing N N 182 
LEU CB  HB3  sing N N 183 
LEU CG  CD1  sing N N 184 
LEU CG  CD2  sing N N 185 
LEU CG  HG   sing N N 186 
LEU CD1 HD11 sing N N 187 
LEU CD1 HD12 sing N N 188 
LEU CD1 HD13 sing N N 189 
LEU CD2 HD21 sing N N 190 
LEU CD2 HD22 sing N N 191 
LEU CD2 HD23 sing N N 192 
LEU OXT HXT  sing N N 193 
LYS N   CA   sing N N 194 
LYS N   H    sing N N 195 
LYS N   H2   sing N N 196 
LYS CA  C    sing N N 197 
LYS CA  CB   sing N N 198 
LYS CA  HA   sing N N 199 
LYS C   O    doub N N 200 
LYS C   OXT  sing N N 201 
LYS CB  CG   sing N N 202 
LYS CB  HB2  sing N N 203 
LYS CB  HB3  sing N N 204 
LYS CG  CD   sing N N 205 
LYS CG  HG2  sing N N 206 
LYS CG  HG3  sing N N 207 
LYS CD  CE   sing N N 208 
LYS CD  HD2  sing N N 209 
LYS CD  HD3  sing N N 210 
LYS CE  NZ   sing N N 211 
LYS CE  HE2  sing N N 212 
LYS CE  HE3  sing N N 213 
LYS NZ  HZ1  sing N N 214 
LYS NZ  HZ2  sing N N 215 
LYS NZ  HZ3  sing N N 216 
LYS OXT HXT  sing N N 217 
MET N   CA   sing N N 218 
MET N   H    sing N N 219 
MET N   H2   sing N N 220 
MET CA  C    sing N N 221 
MET CA  CB   sing N N 222 
MET CA  HA   sing N N 223 
MET C   O    doub N N 224 
MET C   OXT  sing N N 225 
MET CB  CG   sing N N 226 
MET CB  HB2  sing N N 227 
MET CB  HB3  sing N N 228 
MET CG  SD   sing N N 229 
MET CG  HG2  sing N N 230 
MET CG  HG3  sing N N 231 
MET SD  CE   sing N N 232 
MET CE  HE1  sing N N 233 
MET CE  HE2  sing N N 234 
MET CE  HE3  sing N N 235 
MET OXT HXT  sing N N 236 
PHE N   CA   sing N N 237 
PHE N   H    sing N N 238 
PHE N   H2   sing N N 239 
PHE CA  C    sing N N 240 
PHE CA  CB   sing N N 241 
PHE CA  HA   sing N N 242 
PHE C   O    doub N N 243 
PHE C   OXT  sing N N 244 
PHE CB  CG   sing N N 245 
PHE CB  HB2  sing N N 246 
PHE CB  HB3  sing N N 247 
PHE CG  CD1  doub Y N 248 
PHE CG  CD2  sing Y N 249 
PHE CD1 CE1  sing Y N 250 
PHE CD1 HD1  sing N N 251 
PHE CD2 CE2  doub Y N 252 
PHE CD2 HD2  sing N N 253 
PHE CE1 CZ   doub Y N 254 
PHE CE1 HE1  sing N N 255 
PHE CE2 CZ   sing Y N 256 
PHE CE2 HE2  sing N N 257 
PHE CZ  HZ   sing N N 258 
PHE OXT HXT  sing N N 259 
PRO N   CA   sing N N 260 
PRO N   CD   sing N N 261 
PRO N   H    sing N N 262 
PRO CA  C    sing N N 263 
PRO CA  CB   sing N N 264 
PRO CA  HA   sing N N 265 
PRO C   O    doub N N 266 
PRO C   OXT  sing N N 267 
PRO CB  CG   sing N N 268 
PRO CB  HB2  sing N N 269 
PRO CB  HB3  sing N N 270 
PRO CG  CD   sing N N 271 
PRO CG  HG2  sing N N 272 
PRO CG  HG3  sing N N 273 
PRO CD  HD2  sing N N 274 
PRO CD  HD3  sing N N 275 
PRO OXT HXT  sing N N 276 
QB2 CL  C6   sing N N 277 
QB2 CL1 C7   sing N N 278 
QB2 C6  C7   doub Y N 279 
QB2 C6  C5   sing Y N 280 
QB2 C7  C8   sing Y N 281 
QB2 O   C    sing N N 282 
QB2 C5  C4   doub Y N 283 
QB2 C8  C3   doub Y N 284 
QB2 C   C1   sing N N 285 
QB2 C4  C3   sing Y N 286 
QB2 C3  S    sing N N 287 
QB2 O1  C1   sing N N 288 
QB2 O1  C2   sing N N 289 
QB2 C1  C13  sing N N 290 
QB2 S   C2   sing N N 291 
QB2 C2  C9   sing N N 292 
QB2 C13 O5   sing N N 293 
QB2 C13 C12  sing N N 294 
QB2 C9  C12  sing N N 295 
QB2 C9  O2   sing N N 296 
QB2 C12 N    sing N N 297 
QB2 O2  C10  sing N N 298 
QB2 N   C14  sing Y N 299 
QB2 N   N2   sing Y N 300 
QB2 C10 C11  sing N N 301 
QB2 C14 C15  doub Y N 302 
QB2 N2  N1   doub Y N 303 
QB2 C11 O3   sing N N 304 
QB2 C11 O4   doub N N 305 
QB2 N1  C15  sing Y N 306 
QB2 C15 C16  sing N N 307 
QB2 C21 C16  doub Y N 308 
QB2 C21 C20  sing Y N 309 
QB2 C16 C17  sing Y N 310 
QB2 F2  C20  sing N N 311 
QB2 C20 C19  doub Y N 312 
QB2 C17 C18  doub Y N 313 
QB2 C19 C18  sing Y N 314 
QB2 C19 F1   sing N N 315 
QB2 C18 F    sing N N 316 
QB2 C13 H4   sing N N 317 
QB2 C17 H16  sing N N 318 
QB2 C21 H17  sing N N 319 
QB2 C12 H3   sing N N 320 
QB2 C14 H15  sing N N 321 
QB2 O5  H14  sing N N 322 
QB2 C1  H    sing N N 323 
QB2 C   H7   sing N N 324 
QB2 C   H6   sing N N 325 
QB2 O   H5   sing N N 326 
QB2 C9  H2   sing N N 327 
QB2 C10 H11  sing N N 328 
QB2 C10 H12  sing N N 329 
QB2 O3  H13  sing N N 330 
QB2 C2  H1   sing N N 331 
QB2 C8  H10  sing N N 332 
QB2 C5  H9   sing N N 333 
QB2 C4  H8   sing N N 334 
SER N   CA   sing N N 335 
SER N   H    sing N N 336 
SER N   H2   sing N N 337 
SER CA  C    sing N N 338 
SER CA  CB   sing N N 339 
SER CA  HA   sing N N 340 
SER C   O    doub N N 341 
SER C   OXT  sing N N 342 
SER CB  OG   sing N N 343 
SER CB  HB2  sing N N 344 
SER CB  HB3  sing N N 345 
SER OG  HG   sing N N 346 
SER OXT HXT  sing N N 347 
THR N   CA   sing N N 348 
THR N   H    sing N N 349 
THR N   H2   sing N N 350 
THR CA  C    sing N N 351 
THR CA  CB   sing N N 352 
THR CA  HA   sing N N 353 
THR C   O    doub N N 354 
THR C   OXT  sing N N 355 
THR CB  OG1  sing N N 356 
THR CB  CG2  sing N N 357 
THR CB  HB   sing N N 358 
THR OG1 HG1  sing N N 359 
THR CG2 HG21 sing N N 360 
THR CG2 HG22 sing N N 361 
THR CG2 HG23 sing N N 362 
THR OXT HXT  sing N N 363 
TRP N   CA   sing N N 364 
TRP N   H    sing N N 365 
TRP N   H2   sing N N 366 
TRP CA  C    sing N N 367 
TRP CA  CB   sing N N 368 
TRP CA  HA   sing N N 369 
TRP C   O    doub N N 370 
TRP C   OXT  sing N N 371 
TRP CB  CG   sing N N 372 
TRP CB  HB2  sing N N 373 
TRP CB  HB3  sing N N 374 
TRP CG  CD1  doub Y N 375 
TRP CG  CD2  sing Y N 376 
TRP CD1 NE1  sing Y N 377 
TRP CD1 HD1  sing N N 378 
TRP CD2 CE2  doub Y N 379 
TRP CD2 CE3  sing Y N 380 
TRP NE1 CE2  sing Y N 381 
TRP NE1 HE1  sing N N 382 
TRP CE2 CZ2  sing Y N 383 
TRP CE3 CZ3  doub Y N 384 
TRP CE3 HE3  sing N N 385 
TRP CZ2 CH2  doub Y N 386 
TRP CZ2 HZ2  sing N N 387 
TRP CZ3 CH2  sing Y N 388 
TRP CZ3 HZ3  sing N N 389 
TRP CH2 HH2  sing N N 390 
TRP OXT HXT  sing N N 391 
TYR N   CA   sing N N 392 
TYR N   H    sing N N 393 
TYR N   H2   sing N N 394 
TYR CA  C    sing N N 395 
TYR CA  CB   sing N N 396 
TYR CA  HA   sing N N 397 
TYR C   O    doub N N 398 
TYR C   OXT  sing N N 399 
TYR CB  CG   sing N N 400 
TYR CB  HB2  sing N N 401 
TYR CB  HB3  sing N N 402 
TYR CG  CD1  doub Y N 403 
TYR CG  CD2  sing Y N 404 
TYR CD1 CE1  sing Y N 405 
TYR CD1 HD1  sing N N 406 
TYR CD2 CE2  doub Y N 407 
TYR CD2 HD2  sing N N 408 
TYR CE1 CZ   doub Y N 409 
TYR CE1 HE1  sing N N 410 
TYR CE2 CZ   sing Y N 411 
TYR CE2 HE2  sing N N 412 
TYR CZ  OH   sing N N 413 
TYR OH  HH   sing N N 414 
TYR OXT HXT  sing N N 415 
VAL N   CA   sing N N 416 
VAL N   H    sing N N 417 
VAL N   H2   sing N N 418 
VAL CA  C    sing N N 419 
VAL CA  CB   sing N N 420 
VAL CA  HA   sing N N 421 
VAL C   O    doub N N 422 
VAL C   OXT  sing N N 423 
VAL CB  CG1  sing N N 424 
VAL CB  CG2  sing N N 425 
VAL CB  HB   sing N N 426 
VAL CG1 HG11 sing N N 427 
VAL CG1 HG12 sing N N 428 
VAL CG1 HG13 sing N N 429 
VAL CG2 HG21 sing N N 430 
VAL CG2 HG22 sing N N 431 
VAL CG2 HG23 sing N N 432 
VAL OXT HXT  sing N N 433 
# 
_pdbx_audit_support.funding_organization   'Other private' 
_pdbx_audit_support.country                ? 
_pdbx_audit_support.grant_number           ? 
_pdbx_audit_support.ordinal                1 
# 
_pdbx_entity_instance_feature.ordinal        1 
_pdbx_entity_instance_feature.comp_id        QB2 
_pdbx_entity_instance_feature.asym_id        ? 
_pdbx_entity_instance_feature.seq_num        ? 
_pdbx_entity_instance_feature.auth_comp_id   QB2 
_pdbx_entity_instance_feature.auth_asym_id   ? 
_pdbx_entity_instance_feature.auth_seq_num   ? 
_pdbx_entity_instance_feature.feature_type   'SUBJECT OF INVESTIGATION' 
_pdbx_entity_instance_feature.details        ? 
# 
_pdbx_initial_refinement_model.id               1 
_pdbx_initial_refinement_model.entity_id_list   ? 
_pdbx_initial_refinement_model.type             'experimental model' 
_pdbx_initial_refinement_model.source_name      PDB 
_pdbx_initial_refinement_model.accession_code   7DF5 
_pdbx_initial_refinement_model.details          ? 
# 
_atom_sites.entry_id                    8IU1 
_atom_sites.Cartn_transf_matrix[1][1]   ? 
_atom_sites.Cartn_transf_matrix[1][2]   ? 
_atom_sites.Cartn_transf_matrix[1][3]   ? 
_atom_sites.Cartn_transf_matrix[2][1]   ? 
_atom_sites.Cartn_transf_matrix[2][2]   ? 
_atom_sites.Cartn_transf_matrix[2][3]   ? 
_atom_sites.Cartn_transf_matrix[3][1]   ? 
_atom_sites.Cartn_transf_matrix[3][2]   ? 
_atom_sites.Cartn_transf_matrix[3][3]   ? 
_atom_sites.Cartn_transf_vector[1]      ? 
_atom_sites.Cartn_transf_vector[2]      ? 
_atom_sites.Cartn_transf_vector[3]      ? 
_atom_sites.fract_transf_matrix[1][1]   0.00794550 
_atom_sites.fract_transf_matrix[1][2]   0.00427704 
_atom_sites.fract_transf_matrix[1][3]   -0.00047453 
_atom_sites.fract_transf_matrix[2][1]   0.00080250 
_atom_sites.fract_transf_matrix[2][2]   -0.00049375 
_atom_sites.fract_transf_matrix[2][3]   0.00898674 
_atom_sites.fract_transf_matrix[3][1]   0.00422779 
_atom_sites.fract_transf_matrix[3][2]   -0.00794433 
_atom_sites.fract_transf_matrix[3][3]   -0.00081401 
_atom_sites.fract_transf_vector[1]      -0.099322 
_atom_sites.fract_transf_vector[2]      -0.112187 
_atom_sites.fract_transf_vector[3]      0.080546 
_atom_sites.solution_primary            ? 
_atom_sites.solution_secondary          ? 
_atom_sites.solution_hydrogens          ? 
_atom_sites.special_details             ? 
# 
loop_
_atom_type.symbol 
C  
CL 
F  
H  
MG 
N  
O  
S  
# 
loop_
_atom_site.group_PDB 
_atom_site.id 
_atom_site.type_symbol 
_atom_site.label_atom_id 
_atom_site.label_alt_id 
_atom_site.label_comp_id 
_atom_site.label_asym_id 
_atom_site.label_entity_id 
_atom_site.label_seq_id 
_atom_site.pdbx_PDB_ins_code 
_atom_site.Cartn_x 
_atom_site.Cartn_y 
_atom_site.Cartn_z 
_atom_site.occupancy 
_atom_site.B_iso_or_equiv 
_atom_site.pdbx_formal_charge 
_atom_site.auth_seq_id 
_atom_site.auth_comp_id 
_atom_site.auth_asym_id 
_atom_site.auth_atom_id 
_atom_site.pdbx_PDB_model_num 
ATOM   1    N  N   . PRO A 1 9   ? 8.615   -14.212 8.511   1.00 98.35  ? 127 PRO A N   1 
ATOM   2    C  CA  . PRO A 1 9   ? 9.662   -14.426 7.472   1.00 110.27 ? 127 PRO A CA  1 
ATOM   3    C  C   . PRO A 1 9   ? 9.142   -14.857 6.050   1.00 108.27 ? 127 PRO A C   1 
ATOM   4    O  O   . PRO A 1 9   ? 9.478   -15.957 5.613   1.00 114.56 ? 127 PRO A O   1 
ATOM   5    C  CB  . PRO A 1 9   ? 10.551  -15.536 8.097   1.00 110.86 ? 127 PRO A CB  1 
ATOM   6    C  CG  . PRO A 1 9   ? 9.732   -16.157 9.215   1.00 107.27 ? 127 PRO A CG  1 
ATOM   7    C  CD  . PRO A 1 9   ? 8.780   -15.087 9.695   1.00 110.21 ? 127 PRO A CD  1 
ATOM   8    N  N   . LEU A 1 10  ? 8.390   -13.992 5.333   1.00 101.85 ? 128 LEU A N   1 
ATOM   9    C  CA  . LEU A 1 10  ? 7.556   -14.354 4.107   1.00 92.15  ? 128 LEU A CA  1 
ATOM   10   C  C   . LEU A 1 10  ? 8.083   -14.014 2.642   1.00 82.79  ? 128 LEU A C   1 
ATOM   11   O  O   . LEU A 1 10  ? 8.983   -13.176 2.454   1.00 93.82  ? 128 LEU A O   1 
ATOM   12   C  CB  . LEU A 1 10  ? 6.112   -13.805 4.265   1.00 81.82  ? 128 LEU A CB  1 
ATOM   13   C  CG  . LEU A 1 10  ? 5.547   -13.328 5.607   1.00 71.21  ? 128 LEU A CG  1 
ATOM   14   C  CD1 . LEU A 1 10  ? 4.231   -12.585 5.394   1.00 70.84  ? 128 LEU A CD1 1 
ATOM   15   C  CD2 . LEU A 1 10  ? 5.316   -14.505 6.531   1.00 86.74  ? 128 LEU A CD2 1 
ATOM   16   N  N   . THR A 1 11  ? 7.500   -14.653 1.620   1.00 65.85  ? 129 THR A N   1 
ATOM   17   C  CA  . THR A 1 11  ? 7.907   -14.478 0.195   1.00 73.77  ? 129 THR A CA  1 
ATOM   18   C  C   . THR A 1 11  ? 7.342   -13.189 -0.381  1.00 75.31  ? 129 THR A C   1 
ATOM   19   O  O   . THR A 1 11  ? 6.144   -12.976 -0.252  1.00 73.74  ? 129 THR A O   1 
ATOM   20   C  CB  . THR A 1 11  ? 7.395   -15.649 -0.705  1.00 75.27  ? 129 THR A CB  1 
ATOM   21   O  OG1 . THR A 1 11  ? 8.069   -16.835 -0.326  1.00 98.07  ? 129 THR A OG1 1 
ATOM   22   C  CG2 . THR A 1 11  ? 7.632   -15.452 -2.253  1.00 79.58  ? 129 THR A CG2 1 
ATOM   23   N  N   . VAL A 1 12  ? 8.191   -12.381 -1.049  1.00 63.15  ? 130 VAL A N   1 
ATOM   24   C  CA  . VAL A 1 12  ? 7.768   -11.191 -1.828  1.00 65.75  ? 130 VAL A CA  1 
ATOM   25   C  C   . VAL A 1 12  ? 7.936   -11.515 -3.318  1.00 68.82  ? 130 VAL A C   1 
ATOM   26   O  O   . VAL A 1 12  ? 8.951   -12.067 -3.674  1.00 71.15  ? 130 VAL A O   1 
ATOM   27   C  CB  . VAL A 1 12  ? 8.681   -10.024 -1.451  1.00 66.79  ? 130 VAL A CB  1 
ATOM   28   C  CG1 . VAL A 1 12  ? 8.361   -8.798  -2.290  1.00 62.39  ? 130 VAL A CG1 1 
ATOM   29   C  CG2 . VAL A 1 12  ? 8.580   -9.759  0.048   1.00 71.49  ? 130 VAL A CG2 1 
ATOM   30   N  N   . PRO A 1 13  ? 6.939   -11.262 -4.192  1.00 69.43  ? 131 PRO A N   1 
ATOM   31   C  CA  . PRO A 1 13  ? 5.559   -10.769 -4.081  1.00 66.94  ? 131 PRO A CA  1 
ATOM   32   C  C   . PRO A 1 13  ? 4.755   -11.653 -3.147  1.00 73.27  ? 131 PRO A C   1 
ATOM   33   O  O   . PRO A 1 13  ? 4.767   -12.890 -3.264  1.00 62.43  ? 131 PRO A O   1 
ATOM   34   C  CB  . PRO A 1 13  ? 4.983   -10.932 -5.507  1.00 65.46  ? 131 PRO A CB  1 
ATOM   35   C  CG  . PRO A 1 13  ? 6.134   -11.229 -6.389  1.00 61.56  ? 131 PRO A CG  1 
ATOM   36   C  CD  . PRO A 1 13  ? 7.182   -11.855 -5.515  1.00 60.03  ? 131 PRO A CD  1 
ATOM   37   N  N   . TYR A 1 14  ? 4.088   -11.020 -2.197  1.00 65.28  ? 132 TYR A N   1 
ATOM   38   C  CA  . TYR A 1 14  ? 3.176   -11.709 -1.300  1.00 60.52  ? 132 TYR A CA  1 
ATOM   39   C  C   . TYR A 1 14  ? 1.729   -11.284 -1.574  1.00 63.47  ? 132 TYR A C   1 
ATOM   40   O  O   . TYR A 1 14  ? 1.460   -10.067 -1.736  1.00 55.49  ? 132 TYR A O   1 
ATOM   41   C  CB  . TYR A 1 14  ? 3.593   -11.352 0.093   1.00 62.53  ? 132 TYR A CB  1 
ATOM   42   C  CG  . TYR A 1 14  ? 2.837   -12.094 1.104   1.00 70.11  ? 132 TYR A CG  1 
ATOM   43   C  CD1 . TYR A 1 14  ? 3.191   -13.418 1.420   1.00 77.51  ? 132 TYR A CD1 1 
ATOM   44   C  CD2 . TYR A 1 14  ? 1.752   -11.501 1.758   1.00 65.82  ? 132 TYR A CD2 1 
ATOM   45   C  CE1 . TYR A 1 14  ? 2.470   -14.146 2.364   1.00 67.13  ? 132 TYR A CE1 1 
ATOM   46   C  CE2 . TYR A 1 14  ? 1.022   -12.211 2.703   1.00 71.54  ? 132 TYR A CE2 1 
ATOM   47   C  CZ  . TYR A 1 14  ? 1.390   -13.526 3.000   1.00 75.14  ? 132 TYR A CZ  1 
ATOM   48   O  OH  . TYR A 1 14  ? 0.679   -14.216 3.929   1.00 71.59  ? 132 TYR A OH  1 
ATOM   49   N  N   . ASP A 1 15  ? 0.814   -12.244 -1.695  1.00 53.63  ? 133 ASP A N   1 
ATOM   50   C  CA  . ASP A 1 15  ? -0.618  -11.937 -1.818  1.00 59.05  ? 133 ASP A CA  1 
ATOM   51   C  C   . ASP A 1 15  ? -1.344  -12.176 -0.495  1.00 63.87  ? 133 ASP A C   1 
ATOM   52   O  O   . ASP A 1 15  ? -1.464  -13.306 -0.040  1.00 63.25  ? 133 ASP A O   1 
ATOM   53   C  CB  . ASP A 1 15  ? -1.261  -12.715 -2.945  1.00 60.15  ? 133 ASP A CB  1 
ATOM   54   C  CG  . ASP A 1 15  ? -0.789  -12.234 -4.305  1.00 70.74  ? 133 ASP A CG  1 
ATOM   55   O  OD1 . ASP A 1 15  ? -0.334  -11.077 -4.438  1.00 68.55  ? 133 ASP A OD1 1 
ATOM   56   O  OD2 . ASP A 1 15  ? -0.856  -13.021 -5.268  1.00 72.87  ? 133 ASP A OD2 1 
ATOM   57   N  N   . LEU A 1 16  ? -1.753  -11.097 0.159   1.00 59.80  ? 134 LEU A N   1 
ATOM   58   C  CA  . LEU A 1 16  ? -2.512  -11.191 1.402   1.00 50.67  ? 134 LEU A CA  1 
ATOM   59   C  C   . LEU A 1 16  ? -3.993  -11.303 1.034   1.00 52.11  ? 134 LEU A C   1 
ATOM   60   O  O   . LEU A 1 16  ? -4.616  -10.317 0.544   1.00 51.93  ? 134 LEU A O   1 
ATOM   61   C  CB  . LEU A 1 16  ? -2.228  -10.012 2.393   1.00 49.22  ? 134 LEU A CB  1 
ATOM   62   C  CG  . LEU A 1 16  ? -3.101  -10.018 3.694   1.00 55.50  ? 134 LEU A CG  1 
ATOM   63   C  CD1 . LEU A 1 16  ? -2.675  -11.153 4.696   1.00 55.36  ? 134 LEU A CD1 1 
ATOM   64   C  CD2 . LEU A 1 16  ? -3.076  -8.662  4.387   1.00 51.11  ? 134 LEU A CD2 1 
ATOM   65   N  N   . PRO A 1 17  ? -4.609  -12.490 1.292   1.00 52.18  ? 135 PRO A N   1 
ATOM   66   C  CA  . PRO A 1 17  ? -6.047  -12.598 1.030   1.00 48.21  ? 135 PRO A CA  1 
ATOM   67   C  C   . PRO A 1 17  ? -6.873  -11.668 1.968   1.00 46.19  ? 135 PRO A C   1 
ATOM   68   O  O   . PRO A 1 17  ? -6.514  -11.463 3.124   1.00 48.13  ? 135 PRO A O   1 
ATOM   69   C  CB  . PRO A 1 17  ? -6.348  -14.093 1.387   1.00 55.41  ? 135 PRO A CB  1 
ATOM   70   C  CG  . PRO A 1 17  ? -4.992  -14.765 1.363   1.00 57.52  ? 135 PRO A CG  1 
ATOM   71   C  CD  . PRO A 1 17  ? -4.087  -13.718 1.952   1.00 56.43  ? 135 PRO A CD  1 
ATOM   72   N  N   . LEU A 1 18  ? -7.980  -11.101 1.483   1.00 47.19  ? 136 LEU A N   1 
ATOM   73   C  CA  . LEU A 1 18  ? -8.831  -10.262 2.355   1.00 52.92  ? 136 LEU A CA  1 
ATOM   74   C  C   . LEU A 1 18  ? -10.189 -10.902 2.228   1.00 56.60  ? 136 LEU A C   1 
ATOM   75   O  O   . LEU A 1 18  ? -11.011 -10.419 1.452   1.00 54.60  ? 136 LEU A O   1 
ATOM   76   C  CB  . LEU A 1 18  ? -8.840  -8.757  1.874   1.00 44.73  ? 136 LEU A CB  1 
ATOM   77   C  CG  . LEU A 1 18  ? -7.463  -8.088  1.928   1.00 49.84  ? 136 LEU A CG  1 
ATOM   78   C  CD1 . LEU A 1 18  ? -7.501  -6.711  1.242   1.00 46.90  ? 136 LEU A CD1 1 
ATOM   79   C  CD2 . LEU A 1 18  ? -6.908  -7.992  3.365   1.00 45.78  ? 136 LEU A CD2 1 
ATOM   80   N  N   . PRO A 1 19  ? -10.407 -12.069 2.920   1.00 59.18  ? 137 PRO A N   1 
ATOM   81   C  CA  . PRO A 1 19  ? -11.579 -12.909 2.605   1.00 62.51  ? 137 PRO A CA  1 
ATOM   82   C  C   . PRO A 1 19  ? -12.927 -12.160 2.838   1.00 59.45  ? 137 PRO A C   1 
ATOM   83   O  O   . PRO A 1 19  ? -13.831 -12.147 1.991   1.00 57.78  ? 137 PRO A O   1 
ATOM   84   C  CB  . PRO A 1 19  ? -11.405 -14.141 3.540   1.00 64.10  ? 137 PRO A CB  1 
ATOM   85   C  CG  . PRO A 1 19  ? -9.969  -14.139 3.936   1.00 70.35  ? 137 PRO A CG  1 
ATOM   86   C  CD  . PRO A 1 19  ? -9.556  -12.678 3.967   1.00 62.28  ? 137 PRO A CD  1 
ATOM   87   N  N   . GLY A 1 20  ? -13.147 -11.456 3.914   1.00 55.60  ? 138 GLY A N   1 
ATOM   88   C  CA  . GLY A 1 20  ? -14.439 -10.606 3.671   1.00 79.84  ? 138 GLY A CA  1 
ATOM   89   C  C   . GLY A 1 20  ? -14.665 -9.750  2.336   1.00 62.64  ? 138 GLY A C   1 
ATOM   90   O  O   . GLY A 1 20  ? -15.804 -9.402  1.897   1.00 54.09  ? 138 GLY A O   1 
ATOM   91   N  N   . GLY A 1 21  ? -13.565 -9.370  1.687   1.00 51.57  ? 139 GLY A N   1 
ATOM   92   C  CA  . GLY A 1 21  ? -13.484 -8.089  0.932   1.00 47.73  ? 139 GLY A CA  1 
ATOM   93   C  C   . GLY A 1 21  ? -13.165 -6.967  1.917   1.00 47.92  ? 139 GLY A C   1 
ATOM   94   O  O   . GLY A 1 21  ? -13.334 -7.133  3.124   1.00 48.01  ? 139 GLY A O   1 
ATOM   95   N  N   . VAL A 1 22  ? -12.739 -5.795  1.462   1.00 49.00  ? 140 VAL A N   1 
ATOM   96   C  CA  . VAL A 1 22  ? -12.491 -4.720  2.453   1.00 48.44  ? 140 VAL A CA  1 
ATOM   97   C  C   . VAL A 1 22  ? -13.803 -4.059  2.948   1.00 44.84  ? 140 VAL A C   1 
ATOM   98   O  O   . VAL A 1 22  ? -14.819 -4.076  2.278   1.00 44.07  ? 140 VAL A O   1 
ATOM   99   C  CB  . VAL A 1 22  ? -11.307 -3.703  2.155   1.00 54.22  ? 140 VAL A CB  1 
ATOM   100  C  CG1 . VAL A 1 22  ? -10.297 -4.208  1.160   1.00 52.72  ? 140 VAL A CG1 1 
ATOM   101  C  CG2 . VAL A 1 22  ? -11.718 -2.281  1.879   1.00 44.68  ? 140 VAL A CG2 1 
ATOM   102  N  N   . MET A 1 23  ? -13.753 -3.467  4.120   1.00 46.83  ? 141 MET A N   1 
ATOM   103  C  CA  . MET A 1 23  ? -14.876 -2.655  4.588   1.00 48.72  ? 141 MET A CA  1 
ATOM   104  C  C   . MET A 1 23  ? -14.261 -1.646  5.571   1.00 47.75  ? 141 MET A C   1 
ATOM   105  O  O   . MET A 1 23  ? -13.126 -1.823  6.032   1.00 43.36  ? 141 MET A O   1 
ATOM   106  C  CB  . MET A 1 23  ? -15.863 -3.576  5.337   1.00 49.47  ? 141 MET A CB  1 
ATOM   107  C  CG  . MET A 1 23  ? -15.164 -4.481  6.304   1.00 49.91  ? 141 MET A CG  1 
ATOM   108  S  SD  . MET A 1 23  ? -16.409 -5.685  6.984   1.00 65.62  ? 141 MET A SD  1 
ATOM   109  C  CE  . MET A 1 23  ? -17.709 -4.613  7.708   1.00 64.61  ? 141 MET A CE  1 
ATOM   110  N  N   . PRO A 1 24  ? -15.040 -0.643  5.960   1.00 44.82  ? 142 PRO A N   1 
ATOM   111  C  CA  . PRO A 1 24  ? -14.534 0.298   6.934   1.00 46.66  ? 142 PRO A CA  1 
ATOM   112  C  C   . PRO A 1 24  ? -14.192 -0.399  8.255   1.00 54.21  ? 142 PRO A C   1 
ATOM   113  O  O   . PRO A 1 24  ? -14.879 -1.370  8.635   1.00 45.29  ? 142 PRO A O   1 
ATOM   114  C  CB  . PRO A 1 24  ? -15.737 1.257   7.166   1.00 43.34  ? 142 PRO A CB  1 
ATOM   115  C  CG  . PRO A 1 24  ? -16.537 1.120   5.889   1.00 48.46  ? 142 PRO A CG  1 
ATOM   116  C  CD  . PRO A 1 24  ? -16.433 -0.376  5.594   1.00 46.84  ? 142 PRO A CD  1 
ATOM   117  N  N   . ARG A 1 25  ? -13.176 0.138   8.960   1.00 46.55  ? 143 ARG A N   1 
ATOM   118  C  CA  . ARG A 1 25  ? -12.684 -0.382  10.240  1.00 47.82  ? 143 ARG A CA  1 
ATOM   119  C  C   . ARG A 1 25  ? -11.817 -1.606  10.081  1.00 47.57  ? 143 ARG A C   1 
ATOM   120  O  O   . ARG A 1 25  ? -11.495 -2.272  11.087  1.00 47.12  ? 143 ARG A O   1 
ATOM   121  C  CB  . ARG A 1 25  ? -13.839 -0.701  11.154  1.00 52.26  ? 143 ARG A CB  1 
ATOM   122  C  CG  . ARG A 1 25  ? -14.468 0.541   11.765  1.00 61.59  ? 143 ARG A CG  1 
ATOM   123  C  CD  . ARG A 1 25  ? -14.494 0.030   13.201  1.00 79.81  ? 143 ARG A CD  1 
ATOM   124  N  NE  . ARG A 1 25  ? -15.730 0.348   13.801  1.00 65.78  ? 143 ARG A NE  1 
ATOM   125  C  CZ  . ARG A 1 25  ? -16.102 0.174   15.065  1.00 53.35  ? 143 ARG A CZ  1 
ATOM   126  N  NH1 . ARG A 1 25  ? -17.268 0.663   15.348  1.00 53.53  ? 143 ARG A NH1 1 
ATOM   127  N  NH2 . ARG A 1 25  ? -15.409 -0.422  16.015  1.00 56.96  ? 143 ARG A NH2 1 
ATOM   128  N  N   . MET A 1 26  ? -11.426 -1.910  8.838   1.00 48.53  ? 144 MET A N   1 
ATOM   129  C  CA  . MET A 1 26  ? -10.421 -2.942  8.608   1.00 45.10  ? 144 MET A CA  1 
ATOM   130  C  C   . MET A 1 26  ? -9.072  -2.238  8.722   1.00 47.17  ? 144 MET A C   1 
ATOM   131  O  O   . MET A 1 26  ? -8.911  -1.183  8.140   1.00 42.77  ? 144 MET A O   1 
ATOM   132  C  CB  . MET A 1 26  ? -10.614 -3.611  7.242   1.00 45.64  ? 144 MET A CB  1 
ATOM   133  C  CG  . MET A 1 26  ? -9.532  -4.608  6.901   1.00 53.63  ? 144 MET A CG  1 
ATOM   134  S  SD  . MET A 1 26  ? -9.861  -5.508  5.328   1.00 61.37  ? 144 MET A SD  1 
ATOM   135  C  CE  . MET A 1 26  ? -11.295 -6.497  5.774   1.00 60.77  ? 144 MET A CE  1 
ATOM   136  N  N   . LEU A 1 27  ? -8.108  -2.825  9.459   1.00 42.93  ? 145 LEU A N   1 
ATOM   137  C  CA  . LEU A 1 27  ? -6.763  -2.258  9.619   1.00 45.16  ? 145 LEU A CA  1 
ATOM   138  C  C   . LEU A 1 27  ? -5.733  -3.297  9.138   1.00 53.94  ? 145 LEU A C   1 
ATOM   139  O  O   . LEU A 1 27  ? -5.679  -4.405  9.665   1.00 47.96  ? 145 LEU A O   1 
ATOM   140  C  CB  . LEU A 1 27  ? -6.449  -1.987  11.096  1.00 43.35  ? 145 LEU A CB  1 
ATOM   141  C  CG  . LEU A 1 27  ? -5.043  -1.456  11.432  1.00 45.35  ? 145 LEU A CG  1 
ATOM   142  C  CD1 . LEU A 1 27  ? -4.814  -0.096  10.750  1.00 42.52  ? 145 LEU A CD1 1 
ATOM   143  C  CD2 . LEU A 1 27  ? -5.002  -1.295  12.937  1.00 46.80  ? 145 LEU A CD2 1 
ATOM   144  N  N   . ILE A 1 28  ? -4.982  -2.941  8.109   1.00 44.97  ? 146 ILE A N   1 
ATOM   145  C  CA  . ILE A 1 28  ? -3.949  -3.813  7.546   1.00 45.95  ? 146 ILE A CA  1 
ATOM   146  C  C   . ILE A 1 28  ? -2.611  -3.378  8.135   1.00 50.72  ? 146 ILE A C   1 
ATOM   147  O  O   . ILE A 1 28  ? -2.282  -2.148  8.148   1.00 47.58  ? 146 ILE A O   1 
ATOM   148  C  CB  . ILE A 1 28  ? -3.884  -3.652  6.042   1.00 46.11  ? 146 ILE A CB  1 
ATOM   149  C  CG1 . ILE A 1 28  ? -5.088  -4.377  5.379   1.00 48.60  ? 146 ILE A CG1 1 
ATOM   150  C  CG2 . ILE A 1 28  ? -2.569  -4.304  5.549   1.00 50.17  ? 146 ILE A CG2 1 
ATOM   151  C  CD1 . ILE A 1 28  ? -6.341  -3.560  5.327   1.00 53.65  ? 146 ILE A CD1 1 
ATOM   152  N  N   . THR A 1 29  ? -1.810  -4.324  8.620   1.00 44.32  ? 147 THR A N   1 
ATOM   153  C  CA  . THR A 1 29  ? -0.506  -3.959  9.154   1.00 44.06  ? 147 THR A CA  1 
ATOM   154  C  C   . THR A 1 29  ? 0.559   -4.802  8.463   1.00 56.37  ? 147 THR A C   1 
ATOM   155  O  O   . THR A 1 29  ? 0.415   -6.029  8.390   1.00 49.36  ? 147 THR A O   1 
ATOM   156  C  CB  . THR A 1 29  ? -0.411  -4.195  10.669  1.00 49.46  ? 147 THR A CB  1 
ATOM   157  O  OG1 . THR A 1 29  ? -1.493  -3.558  11.336  1.00 47.61  ? 147 THR A OG1 1 
ATOM   158  C  CG2 . THR A 1 29  ? 0.863   -3.597  11.233  1.00 55.07  ? 147 THR A CG2 1 
ATOM   159  N  N   . ILE A 1 30  ? 1.627   -4.142  7.984   1.00 53.88  ? 148 ILE A N   1 
ATOM   160  C  CA  . ILE A 1 30  ? 2.722   -4.794  7.223   1.00 52.60  ? 148 ILE A CA  1 
ATOM   161  C  C   . ILE A 1 30  ? 4.044   -4.404  7.859   1.00 60.18  ? 148 ILE A C   1 
ATOM   162  O  O   . ILE A 1 30  ? 4.303   -3.206  8.062   1.00 56.86  ? 148 ILE A O   1 
ATOM   163  C  CB  . ILE A 1 30  ? 2.687   -4.390  5.738   1.00 54.49  ? 148 ILE A CB  1 
ATOM   164  C  CG1 . ILE A 1 30  ? 1.347   -4.804  5.154   1.00 55.38  ? 148 ILE A CG1 1 
ATOM   165  C  CG2 . ILE A 1 30  ? 3.848   -5.013  4.939   1.00 51.59  ? 148 ILE A CG2 1 
ATOM   166  C  CD1 . ILE A 1 30  ? 1.032   -4.021  3.929   1.00 58.40  ? 148 ILE A CD1 1 
ATOM   167  N  N   . MET A 1 31  ? 4.877   -5.408  8.179   1.00 50.45  ? 149 MET A N   1 
ATOM   168  C  CA  . MET A 1 31  ? 6.180   -5.137  8.791   1.00 50.48  ? 149 MET A CA  1 
ATOM   169  C  C   . MET A 1 31  ? 7.244   -5.766  7.943   1.00 52.18  ? 149 MET A C   1 
ATOM   170  O  O   . MET A 1 31  ? 7.019   -6.818  7.382   1.00 55.13  ? 149 MET A O   1 
ATOM   171  C  CB  . MET A 1 31  ? 6.205   -5.562  10.253  1.00 56.89  ? 149 MET A CB  1 
ATOM   172  C  CG  . MET A 1 31  ? 5.315   -4.594  10.999  1.00 56.44  ? 149 MET A CG  1 
ATOM   173  S  SD  . MET A 1 31  ? 5.394   -4.741  12.736  1.00 75.78  ? 149 MET A SD  1 
ATOM   174  C  CE  . MET A 1 31  ? 5.733   -6.502  12.901  1.00 91.99  ? 149 MET A CE  1 
ATOM   175  N  N   . GLY A 1 32  ? 8.386   -5.102  7.816   1.00 57.16  ? 150 GLY A N   1 
ATOM   176  C  CA  . GLY A 1 32  ? 9.377   -5.547  6.834   1.00 54.61  ? 150 GLY A CA  1 
ATOM   177  C  C   . GLY A 1 32  ? 10.624  -4.703  6.944   1.00 49.24  ? 150 GLY A C   1 
ATOM   178  O  O   . GLY A 1 32  ? 10.800  -3.929  7.880   1.00 56.77  ? 150 GLY A O   1 
ATOM   179  N  N   . THR A 1 33  ? 11.501  -4.848  5.972   1.00 59.45  ? 151 THR A N   1 
ATOM   180  C  CA  . THR A 1 33  ? 12.724  -4.067  5.950   1.00 54.85  ? 151 THR A CA  1 
ATOM   181  C  C   . THR A 1 33  ? 12.963  -3.746  4.503   1.00 54.56  ? 151 THR A C   1 
ATOM   182  O  O   . THR A 1 33  ? 12.752  -4.590  3.618   1.00 54.11  ? 151 THR A O   1 
ATOM   183  C  CB  . THR A 1 33  ? 13.944  -4.882  6.484   1.00 57.19  ? 151 THR A CB  1 
ATOM   184  O  OG1 . THR A 1 33  ? 13.683  -5.191  7.860   1.00 64.06  ? 151 THR A OG1 1 
ATOM   185  C  CG2 . THR A 1 33  ? 15.259  -4.019  6.467   1.00 53.09  ? 151 THR A CG2 1 
ATOM   186  N  N   . VAL A 1 34  ? 13.431  -2.522  4.288   1.00 51.75  ? 152 VAL A N   1 
ATOM   187  C  CA  . VAL A 1 34  ? 13.707  -2.072  2.931   1.00 54.24  ? 152 VAL A CA  1 
ATOM   188  C  C   . VAL A 1 34  ? 15.096  -2.648  2.525   1.00 54.34  ? 152 VAL A C   1 
ATOM   189  O  O   . VAL A 1 34  ? 16.042  -2.534  3.278   1.00 60.54  ? 152 VAL A O   1 
ATOM   190  C  CB  . VAL A 1 34  ? 13.698  -0.533  2.827   1.00 49.89  ? 152 VAL A CB  1 
ATOM   191  C  CG1 . VAL A 1 34  ? 14.011  -0.109  1.384   1.00 48.43  ? 152 VAL A CG1 1 
ATOM   192  C  CG2 . VAL A 1 34  ? 12.299  -0.002  3.203   1.00 51.22  ? 152 VAL A CG2 1 
ATOM   193  N  N   . LYS A 1 35  ? 15.175  -3.299  1.376   1.00 56.92  ? 153 LYS A N   1 
ATOM   194  C  CA  . LYS A 1 35  ? 16.471  -3.854  0.937   1.00 68.15  ? 153 LYS A CA  1 
ATOM   195  C  C   . LYS A 1 35  ? 17.496  -2.757  0.661   1.00 73.30  ? 153 LYS A C   1 
ATOM   196  O  O   . LYS A 1 35  ? 17.092  -1.637  0.281   1.00 67.27  ? 153 LYS A O   1 
ATOM   197  C  CB  . LYS A 1 35  ? 16.279  -4.706  -0.291  1.00 60.31  ? 153 LYS A CB  1 
ATOM   198  C  CG  . LYS A 1 35  ? 15.420  -5.917  0.014   1.00 66.45  ? 153 LYS A CG  1 
ATOM   199  C  CD  . LYS A 1 35  ? 16.083  -7.242  -0.374  1.00 82.61  ? 153 LYS A CD  1 
ATOM   200  C  CE  . LYS A 1 35  ? 15.899  -7.601  -1.842  1.00 78.80  ? 153 LYS A CE  1 
ATOM   201  N  NZ  . LYS A 1 35  ? 14.578  -8.220  -2.053  1.00 78.93  ? 153 LYS A NZ  1 
ATOM   202  N  N   . PRO A 1 36  ? 18.826  -3.056  0.826   1.00 82.17  ? 154 PRO A N   1 
ATOM   203  C  CA  . PRO A 1 36  ? 19.824  -2.054  0.405   1.00 69.92  ? 154 PRO A CA  1 
ATOM   204  C  C   . PRO A 1 36  ? 19.628  -1.682  -1.066  1.00 64.02  ? 154 PRO A C   1 
ATOM   205  O  O   . PRO A 1 36  ? 19.192  -2.512  -1.906  1.00 66.80  ? 154 PRO A O   1 
ATOM   206  C  CB  . PRO A 1 36  ? 21.163  -2.769  0.648   1.00 76.73  ? 154 PRO A CB  1 
ATOM   207  C  CG  . PRO A 1 36  ? 20.857  -3.655  1.811   1.00 81.04  ? 154 PRO A CG  1 
ATOM   208  C  CD  . PRO A 1 36  ? 19.488  -4.210  1.479   1.00 77.88  ? 154 PRO A CD  1 
ATOM   209  N  N   . ASN A 1 37  ? 19.842  -0.420  -1.392  1.00 61.17  ? 155 ASN A N   1 
ATOM   210  C  CA  . ASN A 1 37  ? 19.597  -0.032  -2.807  1.00 69.09  ? 155 ASN A CA  1 
ATOM   211  C  C   . ASN A 1 37  ? 18.220  -0.225  -3.413  1.00 59.42  ? 155 ASN A C   1 
ATOM   212  O  O   . ASN A 1 37  ? 18.106  -0.483  -4.601  1.00 56.03  ? 155 ASN A O   1 
ATOM   213  C  CB  . ASN A 1 37  ? 20.598  -0.738  -3.711  1.00 75.84  ? 155 ASN A CB  1 
ATOM   214  C  CG  . ASN A 1 37  ? 21.916  -0.078  -3.628  1.00 91.08  ? 155 ASN A CG  1 
ATOM   215  O  OD1 . ASN A 1 37  ? 22.634  -0.242  -2.635  1.00 104.63 ? 155 ASN A OD1 1 
ATOM   216  N  ND2 . ASN A 1 37  ? 22.205  0.773   -4.602  1.00 97.64  ? 155 ASN A ND2 1 
ATOM   217  N  N   . ALA A 1 38  ? 17.178  -0.058  -2.606  1.00 58.47  ? 156 ALA A N   1 
ATOM   218  C  CA  . ALA A 1 38  ? 15.807  -0.225  -3.064  1.00 55.23  ? 156 ALA A CA  1 
ATOM   219  C  C   . ALA A 1 38  ? 15.506  0.767   -4.176  1.00 48.44  ? 156 ALA A C   1 
ATOM   220  O  O   . ALA A 1 38  ? 15.953  1.910   -4.164  1.00 55.80  ? 156 ALA A O   1 
ATOM   221  C  CB  . ALA A 1 38  ? 14.848  -0.002  -1.896  1.00 53.70  ? 156 ALA A CB  1 
ATOM   222  N  N   . ASN A 1 39  ? 14.701  0.330   -5.104  1.00 49.97  ? 157 ASN A N   1 
ATOM   223  C  CA  . ASN A 1 39  ? 14.182  1.226   -6.102  1.00 54.46  ? 157 ASN A CA  1 
ATOM   224  C  C   . ASN A 1 39  ? 12.664  1.556   -5.898  1.00 57.70  ? 157 ASN A C   1 
ATOM   225  O  O   . ASN A 1 39  ? 12.158  2.665   -6.239  1.00 50.48  ? 157 ASN A O   1 
ATOM   226  C  CB  . ASN A 1 39  ? 14.410  0.567   -7.458  1.00 53.71  ? 157 ASN A CB  1 
ATOM   227  C  CG  . ASN A 1 39  ? 14.146  1.526   -8.548  1.00 72.79  ? 157 ASN A CG  1 
ATOM   228  O  OD1 . ASN A 1 39  ? 13.218  1.346   -9.338  1.00 81.12  ? 157 ASN A OD1 1 
ATOM   229  N  ND2 . ASN A 1 39  ? 14.899  2.636   -8.545  1.00 83.23  ? 157 ASN A ND2 1 
ATOM   230  N  N   . ARG A 1 40  ? 11.916  0.563   -5.397  1.00 50.66  ? 158 ARG A N   1 
ATOM   231  C  CA  . ARG A 1 40  ? 10.439  0.673   -5.379  1.00 54.05  ? 158 ARG A CA  1 
ATOM   232  C  C   . ARG A 1 40  ? 9.797   -0.301  -4.375  1.00 56.84  ? 158 ARG A C   1 
ATOM   233  O  O   . ARG A 1 40  ? 10.377  -1.302  -3.996  1.00 56.61  ? 158 ARG A O   1 
ATOM   234  C  CB  . ARG A 1 40  ? 9.890   0.443   -6.755  1.00 51.96  ? 158 ARG A CB  1 
ATOM   235  C  CG  . ARG A 1 40  ? 10.290  -0.940  -7.233  1.00 60.09  ? 158 ARG A CG  1 
ATOM   236  C  CD  . ARG A 1 40  ? 10.010  -1.085  -8.691  1.00 67.76  ? 158 ARG A CD  1 
ATOM   237  N  NE  . ARG A 1 40  ? 9.904   -2.507  -9.019  1.00 76.67  ? 158 ARG A NE  1 
ATOM   238  C  CZ  . ARG A 1 40  ? 9.324   -2.982  -10.123 1.00 87.35  ? 158 ARG A CZ  1 
ATOM   239  N  NH1 . ARG A 1 40  ? 8.811   -2.151  -11.033 1.00 80.68  ? 158 ARG A NH1 1 
ATOM   240  N  NH2 . ARG A 1 40  ? 9.258   -4.302  -10.328 1.00 88.80  ? 158 ARG A NH2 1 
ATOM   241  N  N   . ILE A 1 41  ? 8.635   0.077   -3.892  1.00 53.53  ? 159 ILE A N   1 
ATOM   242  C  CA  . ILE A 1 41  ? 7.765   -0.757  -3.064  1.00 56.55  ? 159 ILE A CA  1 
ATOM   243  C  C   . ILE A 1 41  ? 6.360   -0.551  -3.625  1.00 51.84  ? 159 ILE A C   1 
ATOM   244  O  O   . ILE A 1 41  ? 6.025   0.542   -4.093  1.00 50.61  ? 159 ILE A O   1 
ATOM   245  C  CB  . ILE A 1 41  ? 7.865   -0.340  -1.583  1.00 56.56  ? 159 ILE A CB  1 
ATOM   246  C  CG1 . ILE A 1 41  ? 9.322   -0.509  -1.089  1.00 51.60  ? 159 ILE A CG1 1 
ATOM   247  C  CG2 . ILE A 1 41  ? 6.802   -1.096  -0.743  1.00 54.85  ? 159 ILE A CG2 1 
ATOM   248  C  CD1 . ILE A 1 41  ? 9.642   0.097   0.274   1.00 50.18  ? 159 ILE A CD1 1 
ATOM   249  N  N   . VAL A 1 42  ? 5.535   -1.603  -3.690  1.00 48.42  ? 160 VAL A N   1 
ATOM   250  C  CA  . VAL A 1 42  ? 4.159   -1.407  -4.091  1.00 47.09  ? 160 VAL A CA  1 
ATOM   251  C  C   . VAL A 1 42  ? 3.219   -2.181  -3.144  1.00 57.11  ? 160 VAL A C   1 
ATOM   252  O  O   . VAL A 1 42  ? 3.488   -3.338  -2.793  1.00 50.45  ? 160 VAL A O   1 
ATOM   253  C  CB  . VAL A 1 42  ? 3.914   -1.774  -5.555  1.00 56.43  ? 160 VAL A CB  1 
ATOM   254  C  CG1 . VAL A 1 42  ? 4.378   -3.180  -5.862  1.00 61.66  ? 160 VAL A CG1 1 
ATOM   255  C  CG2 . VAL A 1 42  ? 2.430   -1.744  -5.851  1.00 57.05  ? 160 VAL A CG2 1 
ATOM   256  N  N   . LEU A 1 43  ? 2.135   -1.539  -2.706  1.00 51.38  ? 161 LEU A N   1 
ATOM   257  C  CA  . LEU A 1 43  ? 0.951   -2.220  -2.143  1.00 45.64  ? 161 LEU A CA  1 
ATOM   258  C  C   . LEU A 1 43  ? -0.183  -2.048  -3.122  1.00 49.42  ? 161 LEU A C   1 
ATOM   259  O  O   . LEU A 1 43  ? -0.502  -0.896  -3.493  1.00 47.16  ? 161 LEU A O   1 
ATOM   260  C  CB  . LEU A 1 43  ? 0.633   -1.544  -0.781  1.00 45.08  ? 161 LEU A CB  1 
ATOM   261  C  CG  . LEU A 1 43  ? 1.344   -2.092  0.448   1.00 53.06  ? 161 LEU A CG  1 
ATOM   262  C  CD1 . LEU A 1 43  ? 2.864   -2.089  0.357   1.00 55.44  ? 161 LEU A CD1 1 
ATOM   263  C  CD2 . LEU A 1 43  ? 0.837   -1.219  1.593   1.00 51.62  ? 161 LEU A CD2 1 
ATOM   264  N  N   . ASP A 1 44  ? -0.795  -3.132  -3.608  1.00 44.14  ? 162 ASP A N   1 
ATOM   265  C  CA  . ASP A 1 44  ? -1.942  -3.025  -4.529  1.00 47.78  ? 162 ASP A CA  1 
ATOM   266  C  C   . ASP A 1 44  ? -3.169  -3.673  -3.918  1.00 52.33  ? 162 ASP A C   1 
ATOM   267  O  O   . ASP A 1 44  ? -3.154  -4.898  -3.688  1.00 45.36  ? 162 ASP A O   1 
ATOM   268  C  CB  . ASP A 1 44  ? -1.710  -3.810  -5.823  1.00 53.01  ? 162 ASP A CB  1 
ATOM   269  C  CG  . ASP A 1 44  ? -0.857  -3.065  -6.780  1.00 67.15  ? 162 ASP A CG  1 
ATOM   270  O  OD1 . ASP A 1 44  ? -0.942  -1.813  -6.847  1.00 55.54  ? 162 ASP A OD1 1 
ATOM   271  O  OD2 . ASP A 1 44  ? -0.075  -3.731  -7.440  1.00 67.49  ? 162 ASP A OD2 1 
ATOM   272  N  N   . PHE A 1 45  ? -4.185  -2.870  -3.615  1.00 46.50  ? 163 PHE A N   1 
ATOM   273  C  CA  . PHE A 1 45  ? -5.525  -3.370  -3.182  1.00 46.22  ? 163 PHE A CA  1 
ATOM   274  C  C   . PHE A 1 45  ? -6.292  -3.712  -4.432  1.00 47.55  ? 163 PHE A C   1 
ATOM   275  O  O   . PHE A 1 45  ? -6.689  -2.809  -5.183  1.00 47.69  ? 163 PHE A O   1 
ATOM   276  C  CB  . PHE A 1 45  ? -6.286  -2.303  -2.304  1.00 43.86  ? 163 PHE A CB  1 
ATOM   277  C  CG  . PHE A 1 45  ? -5.699  -2.175  -0.924  1.00 43.28  ? 163 PHE A CG  1 
ATOM   278  C  CD1 . PHE A 1 45  ? -4.603  -1.302  -0.676  1.00 41.67  ? 163 PHE A CD1 1 
ATOM   279  C  CD2 . PHE A 1 45  ? -6.221  -2.947  0.156   1.00 43.21  ? 163 PHE A CD2 1 
ATOM   280  C  CE1 . PHE A 1 45  ? -4.015  -1.226  0.602   1.00 46.92  ? 163 PHE A CE1 1 
ATOM   281  C  CE2 . PHE A 1 45  ? -5.631  -2.868  1.436   1.00 48.27  ? 163 PHE A CE2 1 
ATOM   282  C  CZ  . PHE A 1 45  ? -4.540  -2.011  1.678   1.00 46.09  ? 163 PHE A CZ  1 
ATOM   283  N  N   . ARG A 1 46  ? -6.457  -5.026  -4.691  1.00 45.49  ? 164 ARG A N   1 
ATOM   284  C  CA  . ARG A 1 46  ? -6.934  -5.496  -5.974  1.00 44.61  ? 164 ARG A CA  1 
ATOM   285  C  C   . ARG A 1 46  ? -8.374  -5.836  -5.934  1.00 45.18  ? 164 ARG A C   1 
ATOM   286  O  O   . ARG A 1 46  ? -8.872  -6.395  -4.954  1.00 48.50  ? 164 ARG A O   1 
ATOM   287  C  CB  . ARG A 1 46  ? -6.203  -6.794  -6.400  1.00 46.95  ? 164 ARG A CB  1 
ATOM   288  C  CG  . ARG A 1 46  ? -4.710  -6.584  -6.452  1.00 52.81  ? 164 ARG A CG  1 
ATOM   289  C  CD  . ARG A 1 46  ? -4.060  -7.867  -6.960  1.00 62.86  ? 164 ARG A CD  1 
ATOM   290  N  NE  . ARG A 1 46  ? -2.627  -7.678  -7.143  1.00 57.57  ? 164 ARG A NE  1 
ATOM   291  C  CZ  . ARG A 1 46  ? -1.668  -8.426  -6.604  1.00 68.29  ? 164 ARG A CZ  1 
ATOM   292  N  NH1 . ARG A 1 46  ? -1.960  -9.486  -5.873  1.00 65.67  ? 164 ARG A NH1 1 
ATOM   293  N  NH2 . ARG A 1 46  ? -0.390  -8.133  -6.840  1.00 67.31  ? 164 ARG A NH2 1 
ATOM   294  N  N   . ARG A 1 47  ? -9.030  -5.454  -7.006  1.00 48.54  ? 165 ARG A N   1 
ATOM   295  C  CA  . ARG A 1 47  ? -10.394 -5.786  -7.257  1.00 54.12  ? 165 ARG A CA  1 
ATOM   296  C  C   . ARG A 1 47  ? -10.388 -6.499  -8.637  1.00 58.10  ? 165 ARG A C   1 
ATOM   297  O  O   . ARG A 1 47  ? -10.462 -5.843  -9.691  1.00 52.94  ? 165 ARG A O   1 
ATOM   298  C  CB  . ARG A 1 47  ? -11.311 -4.567  -7.274  1.00 44.06  ? 165 ARG A CB  1 
ATOM   299  C  CG  . ARG A 1 47  ? -12.678 -5.158  -7.587  1.00 59.19  ? 165 ARG A CG  1 
ATOM   300  C  CD  . ARG A 1 47  ? -13.754 -4.171  -7.546  1.00 72.39  ? 165 ARG A CD  1 
ATOM   301  N  NE  . ARG A 1 47  ? -13.579 -3.207  -8.595  1.00 91.04  ? 165 ARG A NE  1 
ATOM   302  C  CZ  . ARG A 1 47  ? -14.440 -2.985  -9.563  1.00 88.63  ? 165 ARG A CZ  1 
ATOM   303  N  NH1 . ARG A 1 47  ? -14.162 -2.028  -10.436 1.00 85.66  ? 165 ARG A NH1 1 
ATOM   304  N  NH2 . ARG A 1 47  ? -15.554 -3.700  -9.641  1.00 87.39  ? 165 ARG A NH2 1 
ATOM   305  N  N   . GLY A 1 48  ? -10.218 -7.821  -8.638  1.00 55.14  ? 166 GLY A N   1 
ATOM   306  C  CA  . GLY A 1 48  ? -10.189 -8.580  -9.922  1.00 54.79  ? 166 GLY A CA  1 
ATOM   307  C  C   . GLY A 1 48  ? -8.893  -8.143  -10.548 1.00 58.50  ? 166 GLY A C   1 
ATOM   308  O  O   . GLY A 1 48  ? -7.828  -8.162  -9.892  1.00 56.99  ? 166 GLY A O   1 
ATOM   309  N  N   . ASN A 1 49  ? -8.991  -7.689  -11.793 1.00 63.48  ? 167 ASN A N   1 
ATOM   310  C  CA  . ASN A 1 49  ? -7.842  -7.114  -12.517 1.00 60.33  ? 167 ASN A CA  1 
ATOM   311  C  C   . ASN A 1 49  ? -7.617  -5.607  -12.290 1.00 59.23  ? 167 ASN A C   1 
ATOM   312  O  O   . ASN A 1 49  ? -6.571  -5.090  -12.683 1.00 59.25  ? 167 ASN A O   1 
ATOM   313  C  CB  . ASN A 1 49  ? -7.988  -7.361  -14.034 1.00 72.15  ? 167 ASN A CB  1 
ATOM   314  C  CG  . ASN A 1 49  ? -7.744  -8.832  -14.396 1.00 82.50  ? 167 ASN A CG  1 
ATOM   315  O  OD1 . ASN A 1 49  ? -6.735  -9.426  -13.987 1.00 76.56  ? 167 ASN A OD1 1 
ATOM   316  N  ND2 . ASN A 1 49  ? -8.703  -9.437  -15.100 1.00 80.62  ? 167 ASN A ND2 1 
ATOM   317  N  N   . ASP A 1 50  ? -8.622  -4.902  -11.755 1.00 54.90  ? 168 ASP A N   1 
ATOM   318  C  CA  . ASP A 1 50  ? -8.461  -3.487  -11.312 1.00 49.20  ? 168 ASP A CA  1 
ATOM   319  C  C   . ASP A 1 50  ? -7.622  -3.288  -10.057 1.00 54.34  ? 168 ASP A C   1 
ATOM   320  O  O   . ASP A 1 50  ? -7.404  -4.235  -9.306  1.00 50.27  ? 168 ASP A O   1 
ATOM   321  C  CB  . ASP A 1 50  ? -9.834  -2.892  -11.110 1.00 55.44  ? 168 ASP A CB  1 
ATOM   322  C  CG  . ASP A 1 50  ? -10.655 -2.920  -12.398 1.00 66.73  ? 168 ASP A CG  1 
ATOM   323  O  OD1 . ASP A 1 50  ? -10.053 -2.873  -13.471 1.00 54.76  ? 168 ASP A OD1 1 
ATOM   324  O  OD2 . ASP A 1 50  ? -11.891 -2.974  -12.361 1.00 61.88  ? 168 ASP A OD2 1 
ATOM   325  N  N   . VAL A 1 51  ? -7.134  -2.045  -9.787  1.00 47.46  ? 169 VAL A N   1 
ATOM   326  C  CA  . VAL A 1 51  ? -6.374  -1.849  -8.546  1.00 42.06  ? 169 VAL A CA  1 
ATOM   327  C  C   . VAL A 1 51  ? -7.078  -0.659  -7.934  1.00 45.19  ? 169 VAL A C   1 
ATOM   328  O  O   . VAL A 1 51  ? -6.998  0.463   -8.512  1.00 45.28  ? 169 VAL A O   1 
ATOM   329  C  CB  . VAL A 1 51  ? -4.888  -1.586  -8.744  1.00 47.26  ? 169 VAL A CB  1 
ATOM   330  C  CG1 . VAL A 1 51  ? -4.298  -1.277  -7.380  1.00 44.55  ? 169 VAL A CG1 1 
ATOM   331  C  CG2 . VAL A 1 51  ? -4.151  -2.862  -9.293  1.00 47.43  ? 169 VAL A CG2 1 
ATOM   332  N  N   . ALA A 1 52  ? -7.810  -0.874  -6.845  1.00 43.62  ? 170 ALA A N   1 
ATOM   333  C  CA  . ALA A 1 52  ? -8.649  0.199   -6.223  1.00 43.55  ? 170 ALA A CA  1 
ATOM   334  C  C   . ALA A 1 52  ? -7.684  1.221   -5.554  1.00 40.89  ? 170 ALA A C   1 
ATOM   335  O  O   . ALA A 1 52  ? -7.971  2.431   -5.572  1.00 42.92  ? 170 ALA A O   1 
ATOM   336  C  CB  . ALA A 1 52  ? -9.613  -0.370  -5.134  1.00 48.93  ? 170 ALA A CB  1 
ATOM   337  N  N   . PHE A 1 53  ? -6.560  0.741   -5.041  1.00 41.13  ? 171 PHE A N   1 
ATOM   338  C  CA  . PHE A 1 53  ? -5.598  1.654   -4.370  1.00 41.29  ? 171 PHE A CA  1 
ATOM   339  C  C   . PHE A 1 53  ? -4.235  1.074   -4.518  1.00 47.30  ? 171 PHE A C   1 
ATOM   340  O  O   . PHE A 1 53  ? -3.910  -0.077  -4.035  1.00 44.03  ? 171 PHE A O   1 
ATOM   341  C  CB  . PHE A 1 53  ? -6.012  1.881   -2.895  1.00 41.87  ? 171 PHE A CB  1 
ATOM   342  C  CG  . PHE A 1 53  ? -4.988  2.640   -2.066  1.00 46.12  ? 171 PHE A CG  1 
ATOM   343  C  CD1 . PHE A 1 53  ? -4.309  3.764   -2.581  1.00 43.70  ? 171 PHE A CD1 1 
ATOM   344  C  CD2 . PHE A 1 53  ? -4.770  2.289   -0.725  1.00 43.19  ? 171 PHE A CD2 1 
ATOM   345  C  CE1 . PHE A 1 53  ? -3.405  4.474   -1.755  1.00 44.35  ? 171 PHE A CE1 1 
ATOM   346  C  CE2 . PHE A 1 53  ? -3.856  2.992   0.108   1.00 41.19  ? 171 PHE A CE2 1 
ATOM   347  C  CZ  . PHE A 1 53  ? -3.180  4.086   -0.412  1.00 41.18  ? 171 PHE A CZ  1 
ATOM   348  N  N   . HIS A 1 54  ? -3.401  1.856   -5.214  1.00 43.34  ? 172 HIS A N   1 
ATOM   349  C  CA  . HIS A 1 54  ? -2.010  1.497   -5.457  1.00 41.55  ? 172 HIS A CA  1 
ATOM   350  C  C   . HIS A 1 54  ? -1.161  2.475   -4.644  1.00 41.76  ? 172 HIS A C   1 
ATOM   351  O  O   . HIS A 1 54  ? -1.272  3.688   -4.849  1.00 42.39  ? 172 HIS A O   1 
ATOM   352  C  CB  . HIS A 1 54  ? -1.810  1.629   -7.029  1.00 45.83  ? 172 HIS A CB  1 
ATOM   353  C  CG  . HIS A 1 54  ? -0.375  1.537   -7.525  1.00 49.48  ? 172 HIS A CG  1 
ATOM   354  N  ND1 . HIS A 1 54  ? 0.250   0.331   -7.836  1.00 48.34  ? 172 HIS A ND1 1 
ATOM   355  C  CD2 . HIS A 1 54  ? 0.508   2.517   -7.879  1.00 48.13  ? 172 HIS A CD2 1 
ATOM   356  C  CE1 . HIS A 1 54  ? 1.479   0.577   -8.286  1.00 52.92  ? 172 HIS A CE1 1 
ATOM   357  N  NE2 . HIS A 1 54  ? 1.656   1.895   -8.327  1.00 44.44  ? 172 HIS A NE2 1 
ATOM   358  N  N   . PHE A 1 55  ? -0.300  1.983   -3.755  1.00 40.88  ? 173 PHE A N   1 
ATOM   359  C  CA  . PHE A 1 55  ? 0.583   2.801   -2.943  1.00 42.21  ? 173 PHE A CA  1 
ATOM   360  C  C   . PHE A 1 55  ? 2.001   2.421   -3.337  1.00 47.40  ? 173 PHE A C   1 
ATOM   361  O  O   . PHE A 1 55  ? 2.394   1.288   -3.101  1.00 45.92  ? 173 PHE A O   1 
ATOM   362  C  CB  . PHE A 1 55  ? 0.282   2.503   -1.450  1.00 41.46  ? 173 PHE A CB  1 
ATOM   363  C  CG  . PHE A 1 55  ? 1.249   3.099   -0.459  1.00 43.52  ? 173 PHE A CG  1 
ATOM   364  C  CD1 . PHE A 1 55  ? 0.986   4.324   0.141   1.00 40.46  ? 173 PHE A CD1 1 
ATOM   365  C  CD2 . PHE A 1 55  ? 2.341   2.338   -0.004  1.00 45.42  ? 173 PHE A CD2 1 
ATOM   366  C  CE1 . PHE A 1 55  ? 1.863   4.858   1.104   1.00 46.91  ? 173 PHE A CE1 1 
ATOM   367  C  CE2 . PHE A 1 55  ? 3.201   2.831   0.969   1.00 44.91  ? 173 PHE A CE2 1 
ATOM   368  C  CZ  . PHE A 1 55  ? 2.969   4.088   1.536   1.00 47.03  ? 173 PHE A CZ  1 
ATOM   369  N  N   . ASN A 1 56  ? 2.781   3.373   -3.901  1.00 42.73  ? 174 ASN A N   1 
ATOM   370  C  CA  . ASN A 1 56  ? 4.038   3.011   -4.619  1.00 40.74  ? 174 ASN A CA  1 
ATOM   371  C  C   . ASN A 1 56  ? 5.132   3.963   -4.206  1.00 43.52  ? 174 ASN A C   1 
ATOM   372  O  O   . ASN A 1 56  ? 5.354   4.988   -4.894  1.00 43.60  ? 174 ASN A O   1 
ATOM   373  C  CB  . ASN A 1 56  ? 3.763   3.108   -6.116  1.00 42.82  ? 174 ASN A CB  1 
ATOM   374  C  CG  . ASN A 1 56  ? 5.007   2.869   -7.022  1.00 46.72  ? 174 ASN A CG  1 
ATOM   375  O  OD1 . ASN A 1 56  ? 4.980   3.322   -8.162  1.00 47.78  ? 174 ASN A OD1 1 
ATOM   376  N  ND2 . ASN A 1 56  ? 6.008   2.174   -6.562  1.00 44.44  ? 174 ASN A ND2 1 
ATOM   377  N  N   . PRO A 1 57  ? 5.839   3.656   -3.093  1.00 43.58  ? 175 PRO A N   1 
ATOM   378  C  CA  . PRO A 1 57  ? 7.087   4.462   -2.838  1.00 44.03  ? 175 PRO A CA  1 
ATOM   379  C  C   . PRO A 1 57  ? 8.119   4.232   -3.987  1.00 49.27  ? 175 PRO A C   1 
ATOM   380  O  O   . PRO A 1 57  ? 8.309   3.081   -4.429  1.00 48.19  ? 175 PRO A O   1 
ATOM   381  C  CB  . PRO A 1 57  ? 7.605   3.870   -1.517  1.00 40.53  ? 175 PRO A CB  1 
ATOM   382  C  CG  . PRO A 1 57  ? 6.291   3.437   -0.804  1.00 42.70  ? 175 PRO A CG  1 
ATOM   383  C  CD  . PRO A 1 57  ? 5.495   2.778   -1.936  1.00 44.65  ? 175 PRO A CD  1 
ATOM   384  N  N   . ARG A 1 58  ? 8.663   5.330   -4.486  1.00 43.29  ? 176 ARG A N   1 
ATOM   385  C  CA  . ARG A 1 58  ? 9.642   5.363   -5.616  1.00 51.75  ? 176 ARG A CA  1 
ATOM   386  C  C   . ARG A 1 58  ? 10.881  6.060   -5.090  1.00 47.53  ? 176 ARG A C   1 
ATOM   387  O  O   . ARG A 1 58  ? 10.811  7.176   -4.560  1.00 47.11  ? 176 ARG A O   1 
ATOM   388  C  CB  . ARG A 1 58  ? 9.051   6.087   -6.836  1.00 46.47  ? 176 ARG A CB  1 
ATOM   389  C  CG  . ARG A 1 58  ? 7.874   5.311   -7.503  1.00 47.33  ? 176 ARG A CG  1 
ATOM   390  C  CD  . ARG A 1 58  ? 7.396   5.988   -8.804  1.00 47.41  ? 176 ARG A CD  1 
ATOM   391  N  NE  . ARG A 1 58  ? 6.130   5.446   -9.338  1.00 43.04  ? 176 ARG A NE  1 
ATOM   392  C  CZ  . ARG A 1 58  ? 5.527   5.951   -10.400 1.00 50.43  ? 176 ARG A CZ  1 
ATOM   393  N  NH1 . ARG A 1 58  ? 6.042   7.017   -11.034 1.00 47.24  ? 176 ARG A NH1 1 
ATOM   394  N  NH2 . ARG A 1 58  ? 4.383   5.426   -10.834 1.00 45.67  ? 176 ARG A NH2 1 
ATOM   395  N  N   . PHE A 1 59  ? 12.016  5.367   -5.193  1.00 47.00  ? 177 PHE A N   1 
ATOM   396  C  CA  . PHE A 1 59  ? 13.271  5.825   -4.577  1.00 49.90  ? 177 PHE A CA  1 
ATOM   397  C  C   . PHE A 1 59  ? 14.155  6.657   -5.513  1.00 45.08  ? 177 PHE A C   1 
ATOM   398  O  O   . PHE A 1 59  ? 15.097  7.289   -5.028  1.00 51.87  ? 177 PHE A O   1 
ATOM   399  C  CB  . PHE A 1 59  ? 14.108  4.645   -4.010  1.00 48.64  ? 177 PHE A CB  1 
ATOM   400  C  CG  . PHE A 1 59  ? 13.507  4.001   -2.774  1.00 49.40  ? 177 PHE A CG  1 
ATOM   401  C  CD1 . PHE A 1 59  ? 12.357  3.224   -2.870  1.00 49.77  ? 177 PHE A CD1 1 
ATOM   402  C  CD2 . PHE A 1 59  ? 14.088  4.201   -1.515  1.00 52.89  ? 177 PHE A CD2 1 
ATOM   403  C  CE1 . PHE A 1 59  ? 11.800  2.592   -1.729  1.00 46.45  ? 177 PHE A CE1 1 
ATOM   404  C  CE2 . PHE A 1 59  ? 13.556  3.583   -0.382  1.00 48.45  ? 177 PHE A CE2 1 
ATOM   405  C  CZ  . PHE A 1 59  ? 12.397  2.800   -0.488  1.00 46.68  ? 177 PHE A CZ  1 
ATOM   406  N  N   . ASN A 1 60  ? 13.825  6.696   -6.797  1.00 47.00  ? 178 ASN A N   1 
ATOM   407  C  CA  . ASN A 1 60  ? 14.656  7.494   -7.703  1.00 52.20  ? 178 ASN A CA  1 
ATOM   408  C  C   . ASN A 1 60  ? 13.846  8.025   -8.828  1.00 54.13  ? 178 ASN A C   1 
ATOM   409  O  O   . ASN A 1 60  ? 13.825  7.452   -9.891  1.00 51.20  ? 178 ASN A O   1 
ATOM   410  C  CB  . ASN A 1 60  ? 15.840  6.664   -8.195  1.00 60.44  ? 178 ASN A CB  1 
ATOM   411  C  CG  . ASN A 1 60  ? 16.802  7.474   -9.090  1.00 70.12  ? 178 ASN A CG  1 
ATOM   412  O  OD1 . ASN A 1 60  ? 16.652  8.671   -9.302  1.00 58.23  ? 178 ASN A OD1 1 
ATOM   413  N  ND2 . ASN A 1 60  ? 17.733  6.782   -9.678  1.00 63.98  ? 178 ASN A ND2 1 
ATOM   414  N  N   . GLU A 1 61  ? 13.107  9.095   -8.586  1.00 50.42  ? 179 GLU A N   1 
ATOM   415  C  CA  . GLU A 1 61  ? 12.324  9.708   -9.675  1.00 44.07  ? 179 GLU A CA  1 
ATOM   416  C  C   . GLU A 1 61  ? 13.113  10.960  -9.987  1.00 48.74  ? 179 GLU A C   1 
ATOM   417  O  O   . GLU A 1 61  ? 13.020  11.940  -9.220  1.00 45.05  ? 179 GLU A O   1 
ATOM   418  C  CB  . GLU A 1 61  ? 10.953  10.156  -9.118  1.00 48.92  ? 179 GLU A CB  1 
ATOM   419  C  CG  . GLU A 1 61  ? 10.164  8.897   -8.742  1.00 45.92  ? 179 GLU A CG  1 
ATOM   420  C  CD  . GLU A 1 61  ? 9.659   8.197   -10.015 1.00 55.67  ? 179 GLU A CD  1 
ATOM   421  O  OE1 . GLU A 1 61  ? 8.607   8.643   -10.567 1.00 52.04  ? 179 GLU A OE1 1 
ATOM   422  O  OE2 . GLU A 1 61  ? 10.296  7.206   -10.462 1.00 56.18  ? 179 GLU A OE2 1 
ATOM   423  N  N   . ASN A 1 62  ? 13.907  10.950  -11.053 1.00 43.39  ? 180 ASN A N   1 
ATOM   424  C  CA  . ASN A 1 62  ? 14.806  12.089  -11.299 1.00 40.29  ? 180 ASN A CA  1 
ATOM   425  C  C   . ASN A 1 62  ? 15.657  12.476  -10.076 1.00 42.87  ? 180 ASN A C   1 
ATOM   426  O  O   . ASN A 1 62  ? 15.700  13.678  -9.714  1.00 46.09  ? 180 ASN A O   1 
ATOM   427  C  CB  . ASN A 1 62  ? 13.974  13.341  -11.794 1.00 44.04  ? 180 ASN A CB  1 
ATOM   428  C  CG  . ASN A 1 62  ? 14.827  14.353  -12.534 1.00 49.92  ? 180 ASN A CG  1 
ATOM   429  O  OD1 . ASN A 1 62  ? 15.933  14.013  -12.943 1.00 48.68  ? 180 ASN A OD1 1 
ATOM   430  N  ND2 . ASN A 1 62  ? 14.346  15.585  -12.690 1.00 45.58  ? 180 ASN A ND2 1 
ATOM   431  N  N   . ASN A 1 63  ? 16.259  11.471  -9.403  1.00 48.31  ? 181 ASN A N   1 
ATOM   432  C  CA  . ASN A 1 63  ? 17.037  11.617  -8.176  1.00 49.08  ? 181 ASN A CA  1 
ATOM   433  C  C   . ASN A 1 63  ? 16.315  12.141  -6.937  1.00 51.57  ? 181 ASN A C   1 
ATOM   434  O  O   . ASN A 1 63  ? 16.937  12.854  -6.105  1.00 50.59  ? 181 ASN A O   1 
ATOM   435  C  CB  . ASN A 1 63  ? 18.210  12.624  -8.369  1.00 54.22  ? 181 ASN A CB  1 
ATOM   436  C  CG  . ASN A 1 63  ? 19.264  12.083  -9.240  1.00 73.05  ? 181 ASN A CG  1 
ATOM   437  O  OD1 . ASN A 1 63  ? 19.605  10.921  -9.123  1.00 76.16  ? 181 ASN A OD1 1 
ATOM   438  N  ND2 . ASN A 1 63  ? 19.738  12.890  -10.178 1.00 72.86  ? 181 ASN A ND2 1 
ATOM   439  N  N   . ARG A 1 64  ? 15.001  12.003  -6.890  1.00 49.81  ? 182 ARG A N   1 
ATOM   440  C  CA  . ARG A 1 64  ? 14.256  12.399  -5.667  1.00 45.24  ? 182 ARG A CA  1 
ATOM   441  C  C   . ARG A 1 64  ? 13.438  11.141  -5.243  1.00 51.72  ? 182 ARG A C   1 
ATOM   442  O  O   . ARG A 1 64  ? 13.149  10.201  -6.059  1.00 48.71  ? 182 ARG A O   1 
ATOM   443  C  CB  . ARG A 1 64  ? 13.258  13.578  -5.985  1.00 42.50  ? 182 ARG A CB  1 
ATOM   444  C  CG  . ARG A 1 64  ? 13.961  14.847  -6.493  1.00 44.19  ? 182 ARG A CG  1 
ATOM   445  C  CD  . ARG A 1 64  ? 14.703  15.513  -5.280  1.00 46.15  ? 182 ARG A CD  1 
ATOM   446  N  NE  . ARG A 1 64  ? 15.281  16.805  -5.668  1.00 53.50  ? 182 ARG A NE  1 
ATOM   447  C  CZ  . ARG A 1 64  ? 16.497  16.908  -6.215  1.00 67.48  ? 182 ARG A CZ  1 
ATOM   448  N  NH1 . ARG A 1 64  ? 17.245  15.799  -6.331  1.00 54.49  ? 182 ARG A NH1 1 
ATOM   449  N  NH2 . ARG A 1 64  ? 16.986  18.100  -6.596  1.00 57.62  ? 182 ARG A NH2 1 
ATOM   450  N  N   . ARG A 1 65  ? 12.967  11.159  -3.994  1.00 46.33  ? 183 ARG A N   1 
ATOM   451  C  CA  . ARG A 1 65  ? 12.119  10.044  -3.571  1.00 47.78  ? 183 ARG A CA  1 
ATOM   452  C  C   . ARG A 1 65  ? 10.685  10.573  -3.389  1.00 45.08  ? 183 ARG A C   1 
ATOM   453  O  O   . ARG A 1 65  ? 10.478  11.667  -2.821  1.00 46.37  ? 183 ARG A O   1 
ATOM   454  C  CB  . ARG A 1 65  ? 12.661  9.540   -2.257  1.00 46.58  ? 183 ARG A CB  1 
ATOM   455  C  CG  . ARG A 1 65  ? 14.152  9.206   -2.358  1.00 51.48  ? 183 ARG A CG  1 
ATOM   456  C  CD  . ARG A 1 65  ? 14.680  8.615   -1.047  1.00 56.50  ? 183 ARG A CD  1 
ATOM   457  N  NE  . ARG A 1 65  ? 14.495  9.601   0.033   1.00 62.16  ? 183 ARG A NE  1 
ATOM   458  C  CZ  . ARG A 1 65  ? 14.527  9.330   1.352   1.00 78.89  ? 183 ARG A CZ  1 
ATOM   459  N  NH1 . ARG A 1 65  ? 14.773  8.075   1.792   1.00 66.98  ? 183 ARG A NH1 1 
ATOM   460  N  NH2 . ARG A 1 65  ? 14.323  10.321  2.240   1.00 66.43  ? 183 ARG A NH2 1 
ATOM   461  N  N   . VAL A 1 66  ? 9.698   9.785   -3.788  1.00 42.04  ? 184 VAL A N   1 
ATOM   462  C  CA  . VAL A 1 66  ? 8.296   10.265  -3.761  1.00 44.85  ? 184 VAL A CA  1 
ATOM   463  C  C   . VAL A 1 66  ? 7.381   9.032   -3.693  1.00 47.91  ? 184 VAL A C   1 
ATOM   464  O  O   . VAL A 1 66  ? 7.688   7.981   -4.296  1.00 45.34  ? 184 VAL A O   1 
ATOM   465  C  CB  . VAL A 1 66  ? 7.898   11.164  -4.975  1.00 42.67  ? 184 VAL A CB  1 
ATOM   466  C  CG1 . VAL A 1 66  ? 7.779   10.393  -6.262  1.00 48.96  ? 184 VAL A CG1 1 
ATOM   467  C  CG2 . VAL A 1 66  ? 6.545   11.836  -4.729  1.00 45.91  ? 184 VAL A CG2 1 
ATOM   468  N  N   . ILE A 1 67  ? 6.273   9.168   -2.959  1.00 42.52  ? 185 ILE A N   1 
ATOM   469  C  CA  . ILE A 1 67  ? 5.234   8.138   -2.986  1.00 40.67  ? 185 ILE A CA  1 
ATOM   470  C  C   . ILE A 1 67  ? 4.168   8.497   -3.968  1.00 40.33  ? 185 ILE A C   1 
ATOM   471  O  O   . ILE A 1 67  ? 3.651   9.598   -3.906  1.00 44.12  ? 185 ILE A O   1 
ATOM   472  C  CB  . ILE A 1 67  ? 4.630   7.887   -1.555  1.00 46.99  ? 185 ILE A CB  1 
ATOM   473  C  CG1 . ILE A 1 67  ? 5.836   7.521   -0.627  1.00 46.62  ? 185 ILE A CG1 1 
ATOM   474  C  CG2 . ILE A 1 67  ? 3.554   6.778   -1.659  1.00 43.82  ? 185 ILE A CG2 1 
ATOM   475  C  CD1 . ILE A 1 67  ? 5.589   7.747   0.840   1.00 52.56  ? 185 ILE A CD1 1 
ATOM   476  N  N   . VAL A 1 68  ? 3.871   7.564   -4.897  1.00 41.62  ? 186 VAL A N   1 
ATOM   477  C  CA  . VAL A 1 68  ? 2.861   7.813   -5.888  1.00 44.39  ? 186 VAL A CA  1 
ATOM   478  C  C   . VAL A 1 68  ? 1.666   6.904   -5.535  1.00 44.84  ? 186 VAL A C   1 
ATOM   479  O  O   . VAL A 1 68  ? 1.852   5.691   -5.296  1.00 43.78  ? 186 VAL A O   1 
ATOM   480  C  CB  . VAL A 1 68  ? 3.402   7.492   -7.321  1.00 46.52  ? 186 VAL A CB  1 
ATOM   481  C  CG1 . VAL A 1 68  ? 2.273   7.642   -8.320  1.00 44.48  ? 186 VAL A CG1 1 
ATOM   482  C  CG2 . VAL A 1 68  ? 4.557   8.407   -7.652  1.00 46.31  ? 186 VAL A CG2 1 
ATOM   483  N  N   . CYS A 1 69  ? 0.457   7.453   -5.496  1.00 40.96  ? 187 CYS A N   1 
ATOM   484  C  CA  . CYS A 1 69  ? -0.767  6.633   -5.292  1.00 39.26  ? 187 CYS A CA  1 
ATOM   485  C  C   . CYS A 1 69  ? -1.707  6.808   -6.443  1.00 41.39  ? 187 CYS A C   1 
ATOM   486  O  O   . CYS A 1 69  ? -1.811  7.901   -7.005  1.00 41.47  ? 187 CYS A O   1 
ATOM   487  C  CB  . CYS A 1 69  ? -1.520  7.064   -3.979  1.00 42.91  ? 187 CYS A CB  1 
ATOM   488  S  SG  . CYS A 1 69  ? -0.497  6.825   -2.532  1.00 46.17  ? 187 CYS A SG  1 
ATOM   489  N  N   . ASN A 1 70  ? -2.449  5.780   -6.788  1.00 40.72  ? 188 ASN A N   1 
ATOM   490  C  CA  . ASN A 1 70  ? -3.365  5.913   -7.949  1.00 41.72  ? 188 ASN A CA  1 
ATOM   491  C  C   . ASN A 1 70  ? -4.343  4.738   -7.933  1.00 45.07  ? 188 ASN A C   1 
ATOM   492  O  O   . ASN A 1 70  ? -4.298  3.837   -7.000  1.00 41.79  ? 188 ASN A O   1 
ATOM   493  C  CB  . ASN A 1 70  ? -2.547  5.945   -9.278  1.00 42.13  ? 188 ASN A CB  1 
ATOM   494  C  CG  . ASN A 1 70  ? -3.272  6.649   -10.433 1.00 40.93  ? 188 ASN A CG  1 
ATOM   495  O  OD1 . ASN A 1 70  ? -4.490  6.922   -10.403 1.00 42.83  ? 188 ASN A OD1 1 
ATOM   496  N  ND2 . ASN A 1 70  ? -2.510  6.890   -11.523 1.00 46.11  ? 188 ASN A ND2 1 
ATOM   497  N  N   . THR A 1 71  ? -5.266  4.780   -8.899  1.00 44.26  ? 189 THR A N   1 
ATOM   498  C  CA  . THR A 1 71  ? -6.287  3.730   -9.046  1.00 40.96  ? 189 THR A CA  1 
ATOM   499  C  C   . THR A 1 71  ? -6.210  3.272   -10.525 1.00 45.37  ? 189 THR A C   1 
ATOM   500  O  O   . THR A 1 71  ? -6.088  4.106   -11.455 1.00 43.82  ? 189 THR A O   1 
ATOM   501  C  CB  . THR A 1 71  ? -7.682  4.254   -8.725  1.00 41.89  ? 189 THR A CB  1 
ATOM   502  O  OG1 . THR A 1 71  ? -7.758  4.517   -7.317  1.00 41.05  ? 189 THR A OG1 1 
ATOM   503  C  CG2 . THR A 1 71  ? -8.796  3.301   -9.187  1.00 46.78  ? 189 THR A CG2 1 
ATOM   504  N  N   . LYS A 1 72  ? -6.271  1.963   -10.739 1.00 41.68  ? 190 LYS A N   1 
ATOM   505  C  CA  . LYS A 1 72  ? -6.269  1.422   -12.158 1.00 44.20  ? 190 LYS A CA  1 
ATOM   506  C  C   . LYS A 1 72  ? -7.620  0.757   -12.385 1.00 48.21  ? 190 LYS A C   1 
ATOM   507  O  O   . LYS A 1 72  ? -8.036  -0.075  -11.574 1.00 47.06  ? 190 LYS A O   1 
ATOM   508  C  CB  . LYS A 1 72  ? -5.120  0.433   -12.366 1.00 39.99  ? 190 LYS A CB  1 
ATOM   509  C  CG  . LYS A 1 72  ? -5.081  -0.008  -13.885 1.00 46.17  ? 190 LYS A CG  1 
ATOM   510  C  CD  . LYS A 1 72  ? -4.025  -1.072  -14.128 1.00 51.73  ? 190 LYS A CD  1 
ATOM   511  C  CE  . LYS A 1 72  ? -4.327  -2.329  -13.344 1.00 66.22  ? 190 LYS A CE  1 
ATOM   512  N  NZ  . LYS A 1 72  ? -3.356  -3.388  -13.762 1.00 85.00  ? 190 LYS A NZ  1 
ATOM   513  N  N   . GLN A 1 73  ? -8.358  1.198   -13.412 1.00 48.23  ? 191 GLN A N   1 
ATOM   514  C  CA  . GLN A 1 73  ? -9.641  0.600   -13.739 1.00 57.44  ? 191 GLN A CA  1 
ATOM   515  C  C   . GLN A 1 73  ? -9.703  0.326   -15.243 1.00 63.77  ? 191 GLN A C   1 
ATOM   516  O  O   . GLN A 1 73  ? -9.430  1.228   -16.049 1.00 58.65  ? 191 GLN A O   1 
ATOM   517  C  CB  . GLN A 1 73  ? -10.776 1.550   -13.363 1.00 59.33  ? 191 GLN A CB  1 
ATOM   518  C  CG  . GLN A 1 73  ? -12.108 0.834   -13.126 1.00 87.89  ? 191 GLN A CG  1 
ATOM   519  C  CD  . GLN A 1 73  ? -12.548 0.874   -11.659 1.00 112.35 ? 191 GLN A CD  1 
ATOM   520  O  OE1 . GLN A 1 73  ? -13.704 1.205   -11.399 1.00 116.64 ? 191 GLN A OE1 1 
ATOM   521  N  NE2 . GLN A 1 73  ? -11.632 0.557   -10.689 1.00 117.78 ? 191 GLN A NE2 1 
ATOM   522  N  N   . ASP A 1 74  ? -10.075 -0.905  -15.633 1.00 58.59  ? 192 ASP A N   1 
ATOM   523  C  CA  . ASP A 1 74  ? -10.138 -1.300  -17.072 1.00 57.42  ? 192 ASP A CA  1 
ATOM   524  C  C   . ASP A 1 74  ? -8.833  -0.997  -17.742 1.00 57.04  ? 192 ASP A C   1 
ATOM   525  O  O   . ASP A 1 74  ? -8.781  -0.453  -18.831 1.00 62.52  ? 192 ASP A O   1 
ATOM   526  C  CB  . ASP A 1 74  ? -11.288 -0.617  -17.828 1.00 67.63  ? 192 ASP A CB  1 
ATOM   527  C  CG  . ASP A 1 74  ? -12.644 -1.025  -17.281 1.00 83.31  ? 192 ASP A CG  1 
ATOM   528  O  OD1 . ASP A 1 74  ? -12.837 -2.226  -17.015 1.00 87.14  ? 192 ASP A OD1 1 
ATOM   529  O  OD2 . ASP A 1 74  ? -13.497 -0.150  -17.051 1.00 88.40  ? 192 ASP A OD2 1 
ATOM   530  N  N   . ASN A 1 75  ? -7.773  -1.280  -17.037 1.00 52.66  ? 193 ASN A N   1 
ATOM   531  C  CA  . ASN A 1 75  ? -6.459  -1.178  -17.606 1.00 64.63  ? 193 ASN A CA  1 
ATOM   532  C  C   . ASN A 1 75  ? -5.893  0.257   -17.775 1.00 64.10  ? 193 ASN A C   1 
ATOM   533  O  O   . ASN A 1 75  ? -4.786  0.433   -18.304 1.00 60.05  ? 193 ASN A O   1 
ATOM   534  C  CB  . ASN A 1 75  ? -6.479  -1.910  -18.945 1.00 66.37  ? 193 ASN A CB  1 
ATOM   535  C  CG  . ASN A 1 75  ? -5.132  -2.405  -19.301 1.00 81.34  ? 193 ASN A CG  1 
ATOM   536  O  OD1 . ASN A 1 75  ? -4.358  -2.822  -18.414 1.00 79.66  ? 193 ASN A OD1 1 
ATOM   537  N  ND2 . ASN A 1 75  ? -4.798  -2.331  -20.591 1.00 88.31  ? 193 ASN A ND2 1 
ATOM   538  N  N   . ASN A 1 76  ? -6.649  1.257   -17.303 1.00 57.14  ? 194 ASN A N   1 
ATOM   539  C  CA  . ASN A 1 76  ? -6.235  2.690   -17.289 1.00 61.07  ? 194 ASN A CA  1 
ATOM   540  C  C   . ASN A 1 76  ? -5.939  3.290   -15.919 1.00 56.77  ? 194 ASN A C   1 
ATOM   541  O  O   . ASN A 1 76  ? -6.772  3.200   -15.051 1.00 44.59  ? 194 ASN A O   1 
ATOM   542  C  CB  . ASN A 1 76  ? -7.325  3.532   -17.940 1.00 58.26  ? 194 ASN A CB  1 
ATOM   543  C  CG  . ASN A 1 76  ? -7.514  3.148   -19.403 1.00 82.12  ? 194 ASN A CG  1 
ATOM   544  O  OD1 . ASN A 1 76  ? -6.544  3.117   -20.216 1.00 86.19  ? 194 ASN A OD1 1 
ATOM   545  N  ND2 . ASN A 1 76  ? -8.750  2.795   -19.744 1.00 89.10  ? 194 ASN A ND2 1 
ATOM   546  N  N   . TRP A 1 77  ? -4.783  3.918   -15.743 1.00 46.84  ? 195 TRP A N   1 
ATOM   547  C  CA  . TRP A 1 77  ? -4.500  4.611   -14.497 1.00 47.67  ? 195 TRP A CA  1 
ATOM   548  C  C   . TRP A 1 77  ? -5.140  6.003   -14.454 1.00 52.60  ? 195 TRP A C   1 
ATOM   549  O  O   . TRP A 1 77  ? -5.245  6.679   -15.510 1.00 47.73  ? 195 TRP A O   1 
ATOM   550  C  CB  . TRP A 1 77  ? -3.005  4.729   -14.357 1.00 44.73  ? 195 TRP A CB  1 
ATOM   551  C  CG  . TRP A 1 77  ? -2.347  3.398   -14.081 1.00 49.13  ? 195 TRP A CG  1 
ATOM   552  C  CD1 . TRP A 1 77  ? -1.707  2.577   -14.983 1.00 50.32  ? 195 TRP A CD1 1 
ATOM   553  C  CD2 . TRP A 1 77  ? -2.274  2.720   -12.790 1.00 44.23  ? 195 TRP A CD2 1 
ATOM   554  N  NE1 . TRP A 1 77  ? -1.160  1.461   -14.315 1.00 47.55  ? 195 TRP A NE1 1 
ATOM   555  C  CE2 . TRP A 1 77  ? -1.529  1.514   -12.986 1.00 47.30  ? 195 TRP A CE2 1 
ATOM   556  C  CE3 . TRP A 1 77  ? -2.761  3.033   -11.502 1.00 45.22  ? 195 TRP A CE3 1 
ATOM   557  C  CZ2 . TRP A 1 77  ? -1.257  0.622   -11.947 1.00 46.30  ? 195 TRP A CZ2 1 
ATOM   558  C  CZ3 . TRP A 1 77  ? -2.506  2.120   -10.442 1.00 44.57  ? 195 TRP A CZ3 1 
ATOM   559  C  CH2 . TRP A 1 77  ? -1.764  0.938   -10.677 1.00 47.33  ? 195 TRP A CH2 1 
ATOM   560  N  N   . GLY A 1 78  ? -5.570  6.437   -13.259 1.00 44.58  ? 196 GLY A N   1 
ATOM   561  C  CA  . GLY A 1 78  ? -6.299  7.699   -13.104 1.00 47.09  ? 196 GLY A CA  1 
ATOM   562  C  C   . GLY A 1 78  ? -5.225  8.795   -12.875 1.00 44.86  ? 196 GLY A C   1 
ATOM   563  O  O   . GLY A 1 78  ? -4.041  8.611   -13.187 1.00 44.26  ? 196 GLY A O   1 
ATOM   564  N  N   . LYS A 1 79  ? -5.634  9.881   -12.226 1.00 46.71  ? 197 LYS A N   1 
ATOM   565  C  CA  . LYS A 1 79  ? -4.700  10.988  -11.856 1.00 48.52  ? 197 LYS A CA  1 
ATOM   566  C  C   . LYS A 1 79  ? -3.863  10.541  -10.651 1.00 43.53  ? 197 LYS A C   1 
ATOM   567  O  O   . LYS A 1 79  ? -4.430  10.047  -9.659  1.00 45.21  ? 197 LYS A O   1 
ATOM   568  C  CB  . LYS A 1 79  ? -5.526  12.251  -11.539 1.00 50.53  ? 197 LYS A CB  1 
ATOM   569  N  N   . GLU A 1 80  ? -2.538  10.669  -10.734 1.00 45.12  ? 198 GLU A N   1 
ATOM   570  C  CA  . GLU A 1 80  ? -1.654  10.290  -9.646  1.00 45.74  ? 198 GLU A CA  1 
ATOM   571  C  C   . GLU A 1 80  ? -1.722  11.310  -8.476  1.00 52.47  ? 198 GLU A C   1 
ATOM   572  O  O   . GLU A 1 80  ? -1.919  12.487  -8.686  1.00 46.07  ? 198 GLU A O   1 
ATOM   573  C  CB  . GLU A 1 80  ? -0.214  10.203  -10.156 1.00 42.93  ? 198 GLU A CB  1 
ATOM   574  C  CG  . GLU A 1 80  ? -0.035  8.983   -11.076 1.00 43.30  ? 198 GLU A CG  1 
ATOM   575  C  CD  . GLU A 1 80  ? 1.323   8.954   -11.797 1.00 52.05  ? 198 GLU A CD  1 
ATOM   576  O  OE1 . GLU A 1 80  ? 1.871   10.055  -12.096 1.00 52.26  ? 198 GLU A OE1 1 
ATOM   577  O  OE2 . GLU A 1 80  ? 1.829   7.844   -12.114 1.00 50.27  ? 198 GLU A OE2 1 
ATOM   578  N  N   . GLU A 1 81  ? -1.595  10.826  -7.244  1.00 42.85  ? 199 GLU A N   1 
ATOM   579  C  CA  . GLU A 1 81  ? -1.501  11.683  -6.064  1.00 42.74  ? 199 GLU A CA  1 
ATOM   580  C  C   . GLU A 1 81  ? -0.118  11.389  -5.510  1.00 45.44  ? 199 GLU A C   1 
ATOM   581  O  O   . GLU A 1 81  ? 0.266   10.235  -5.395  1.00 46.56  ? 199 GLU A O   1 
ATOM   582  C  CB  . GLU A 1 81  ? -2.566  11.323  -5.035  1.00 42.92  ? 199 GLU A CB  1 
ATOM   583  C  CG  . GLU A 1 81  ? -3.953  11.620  -5.595  1.00 44.39  ? 199 GLU A CG  1 
ATOM   584  C  CD  . GLU A 1 81  ? -5.057  11.293  -4.605  1.00 50.84  ? 199 GLU A CD  1 
ATOM   585  O  OE1 . GLU A 1 81  ? -4.879  11.395  -3.345  1.00 47.31  ? 199 GLU A OE1 1 
ATOM   586  O  OE2 . GLU A 1 81  ? -6.151  10.979  -5.076  1.00 47.62  ? 199 GLU A OE2 1 
ATOM   587  N  N   . ARG A 1 82  ? 0.600   12.425  -5.106  1.00 38.22  ? 200 ARG A N   1 
ATOM   588  C  CA  . ARG A 1 82  ? 1.965   12.237  -4.654  1.00 42.53  ? 200 ARG A CA  1 
ATOM   589  C  C   . ARG A 1 82  ? 2.147   12.779  -3.251  1.00 46.67  ? 200 ARG A C   1 
ATOM   590  O  O   . ARG A 1 82  ? 1.485   13.758  -2.865  1.00 44.17  ? 200 ARG A O   1 
ATOM   591  C  CB  . ARG A 1 82  ? 2.963   12.881  -5.623  1.00 44.40  ? 200 ARG A CB  1 
ATOM   592  C  CG  . ARG A 1 82  ? 3.250   12.008  -6.869  1.00 42.69  ? 200 ARG A CG  1 
ATOM   593  C  CD  . ARG A 1 82  ? 4.181   12.819  -7.857  1.00 44.77  ? 200 ARG A CD  1 
ATOM   594  N  NE  . ARG A 1 82  ? 4.612   11.880  -8.915  1.00 43.80  ? 200 ARG A NE  1 
ATOM   595  C  CZ  . ARG A 1 82  ? 3.829   11.471  -9.930  1.00 45.35  ? 200 ARG A CZ  1 
ATOM   596  N  NH1 . ARG A 1 82  ? 4.294   10.549  -10.754 1.00 50.67  ? 200 ARG A NH1 1 
ATOM   597  N  NH2 . ARG A 1 82  ? 2.613   11.983  -10.119 1.00 43.47  ? 200 ARG A NH2 1 
ATOM   598  N  N   . GLN A 1 83  ? 3.073   12.148  -2.537  1.00 44.34  ? 201 GLN A N   1 
ATOM   599  C  CA  . GLN A 1 83  ? 3.452   12.564  -1.180  1.00 47.42  ? 201 GLN A CA  1 
ATOM   600  C  C   . GLN A 1 83  ? 4.971   12.520  -1.148  1.00 47.18  ? 201 GLN A C   1 
ATOM   601  O  O   . GLN A 1 83  ? 5.553   11.431  -1.339  1.00 44.93  ? 201 GLN A O   1 
ATOM   602  C  CB  . GLN A 1 83  ? 2.868   11.530  -0.165  1.00 47.38  ? 201 GLN A CB  1 
ATOM   603  C  CG  . GLN A 1 83  ? 3.375   11.730  1.288   1.00 46.19  ? 201 GLN A CG  1 
ATOM   604  C  CD  . GLN A 1 83  ? 3.105   13.140  1.852   1.00 51.64  ? 201 GLN A CD  1 
ATOM   605  O  OE1 . GLN A 1 83  ? 2.235   13.339  2.720   1.00 47.98  ? 201 GLN A OE1 1 
ATOM   606  N  NE2 . GLN A 1 83  ? 3.849   14.096  1.419   1.00 39.76  ? 201 GLN A NE2 1 
ATOM   607  N  N   . SER A 1 84  ? 5.638   13.665  -0.918  1.00 43.69  ? 202 SER A N   1 
ATOM   608  C  CA  . SER A 1 84  ? 7.120   13.681  -0.870  1.00 47.21  ? 202 SER A CA  1 
ATOM   609  C  C   . SER A 1 84  ? 7.701   13.496  0.527   1.00 48.54  ? 202 SER A C   1 
ATOM   610  O  O   . SER A 1 84  ? 8.907   13.305  0.642   1.00 47.49  ? 202 SER A O   1 
ATOM   611  C  CB  . SER A 1 84  ? 7.701   14.930  -1.558  1.00 48.78  ? 202 SER A CB  1 
ATOM   612  O  OG  . SER A 1 84  ? 7.500   16.067  -0.780  1.00 55.25  ? 202 SER A OG  1 
ATOM   613  N  N   . ALA A 1 85  ? 6.861   13.499  1.588   1.00 50.14  ? 203 ALA A N   1 
ATOM   614  C  CA  . ALA A 1 85  ? 7.282   13.023  2.931   1.00 47.29  ? 203 ALA A CA  1 
ATOM   615  C  C   . ALA A 1 85  ? 7.590   11.557  2.699   1.00 53.21  ? 203 ALA A C   1 
ATOM   616  O  O   . ALA A 1 85  ? 6.707   10.805  2.270   1.00 47.20  ? 203 ALA A O   1 
ATOM   617  C  CB  . ALA A 1 85  ? 6.135   13.139  3.999   1.00 39.91  ? 203 ALA A CB  1 
ATOM   618  N  N   . PHE A 1 86  ? 8.819   11.126  2.982   1.00 43.56  ? 204 PHE A N   1 
ATOM   619  C  CA  . PHE A 1 86  ? 9.265   9.808   2.506   1.00 46.97  ? 204 PHE A CA  1 
ATOM   620  C  C   . PHE A 1 86  ? 9.957   9.137   3.692   1.00 55.04  ? 204 PHE A C   1 
ATOM   621  O  O   . PHE A 1 86  ? 11.107  9.453   3.939   1.00 49.82  ? 204 PHE A O   1 
ATOM   622  C  CB  . PHE A 1 86  ? 10.239  9.948   1.312   1.00 45.83  ? 204 PHE A CB  1 
ATOM   623  C  CG  . PHE A 1 86  ? 10.387  8.646   0.536   1.00 46.54  ? 204 PHE A CG  1 
ATOM   624  C  CD1 . PHE A 1 86  ? 11.337  7.664   0.932   1.00 46.70  ? 204 PHE A CD1 1 
ATOM   625  C  CD2 . PHE A 1 86  ? 9.550   8.367   -0.518  1.00 43.41  ? 204 PHE A CD2 1 
ATOM   626  C  CE1 . PHE A 1 86  ? 11.499  6.493   0.170   1.00 41.66  ? 204 PHE A CE1 1 
ATOM   627  C  CE2 . PHE A 1 86  ? 9.672   7.164   -1.283  1.00 43.18  ? 204 PHE A CE2 1 
ATOM   628  C  CZ  . PHE A 1 86  ? 10.668  6.232   -0.931  1.00 42.73  ? 204 PHE A CZ  1 
ATOM   629  N  N   . PRO A 1 87  ? 9.225   8.278   4.460   1.00 52.59  ? 205 PRO A N   1 
ATOM   630  C  CA  . PRO A 1 87  ? 9.790   7.799   5.726   1.00 55.76  ? 205 PRO A CA  1 
ATOM   631  C  C   . PRO A 1 87  ? 10.563  6.480   5.528   1.00 61.12  ? 205 PRO A C   1 
ATOM   632  O  O   . PRO A 1 87  ? 11.115  5.991   6.473   1.00 66.28  ? 205 PRO A O   1 
ATOM   633  C  CB  . PRO A 1 87  ? 8.536   7.587   6.613   1.00 56.41  ? 205 PRO A CB  1 
ATOM   634  C  CG  . PRO A 1 87  ? 7.485   7.200   5.632   1.00 56.83  ? 205 PRO A CG  1 
ATOM   635  C  CD  . PRO A 1 87  ? 7.759   8.005   4.371   1.00 52.41  ? 205 PRO A CD  1 
ATOM   636  N  N   . PHE A 1 88  ? 10.579  5.910   4.319   1.00 49.60  ? 206 PHE A N   1 
ATOM   637  C  CA  . PHE A 1 88  ? 11.339  4.667   4.042   1.00 50.29  ? 206 PHE A CA  1 
ATOM   638  C  C   . PHE A 1 88  ? 12.838  4.971   3.831   1.00 63.60  ? 206 PHE A C   1 
ATOM   639  O  O   . PHE A 1 88  ? 13.224  6.056   3.295   1.00 55.23  ? 206 PHE A O   1 
ATOM   640  C  CB  . PHE A 1 88  ? 10.767  3.990   2.795   1.00 50.25  ? 206 PHE A CB  1 
ATOM   641  C  CG  . PHE A 1 88  ? 9.296   3.659   2.951   1.00 53.66  ? 206 PHE A CG  1 
ATOM   642  C  CD1 . PHE A 1 88  ? 8.894   2.575   3.764   1.00 50.35  ? 206 PHE A CD1 1 
ATOM   643  C  CD2 . PHE A 1 88  ? 8.319   4.469   2.377   1.00 47.41  ? 206 PHE A CD2 1 
ATOM   644  C  CE1 . PHE A 1 88  ? 7.531   2.282   3.951   1.00 54.75  ? 206 PHE A CE1 1 
ATOM   645  C  CE2 . PHE A 1 88  ? 6.948   4.191   2.561   1.00 47.21  ? 206 PHE A CE2 1 
ATOM   646  C  CZ  . PHE A 1 88  ? 6.556   3.083   3.356   1.00 55.56  ? 206 PHE A CZ  1 
ATOM   647  N  N   . GLU A 1 89  ? 13.684  4.023   4.242   1.00 59.86  ? 207 GLU A N   1 
ATOM   648  C  CA  . GLU A 1 89  ? 15.153  4.156   4.051   1.00 65.29  ? 207 GLU A CA  1 
ATOM   649  C  C   . GLU A 1 89  ? 15.764  2.820   3.745   1.00 67.86  ? 207 GLU A C   1 
ATOM   650  O  O   . GLU A 1 89  ? 15.509  1.873   4.496   1.00 54.53  ? 207 GLU A O   1 
ATOM   651  C  CB  . GLU A 1 89  ? 15.811  4.605   5.329   1.00 65.81  ? 207 GLU A CB  1 
ATOM   652  C  CG  . GLU A 1 89  ? 15.769  6.085   5.586   1.00 88.86  ? 207 GLU A CG  1 
ATOM   653  C  CD  . GLU A 1 89  ? 16.710  6.414   6.716   1.00 111.05 ? 207 GLU A CD  1 
ATOM   654  O  OE1 . GLU A 1 89  ? 17.947  6.288   6.505   1.00 109.52 ? 207 GLU A OE1 1 
ATOM   655  O  OE2 . GLU A 1 89  ? 16.209  6.745   7.817   1.00 107.70 ? 207 GLU A OE2 1 
ATOM   656  N  N   . SER A 1 90  ? 16.574  2.750   2.675   1.00 62.70  ? 208 SER A N   1 
ATOM   657  C  CA  . SER A 1 90  ? 17.346  1.538   2.321   1.00 69.08  ? 208 SER A CA  1 
ATOM   658  C  C   . SER A 1 90  ? 17.925  0.850   3.548   1.00 57.06  ? 208 SER A C   1 
ATOM   659  O  O   . SER A 1 90  ? 18.566  1.486   4.337   1.00 55.43  ? 208 SER A O   1 
ATOM   660  C  CB  . SER A 1 90  ? 18.455  1.897   1.347   1.00 71.20  ? 208 SER A CB  1 
ATOM   661  O  OG  . SER A 1 90  ? 17.864  1.984   0.075   1.00 78.95  ? 208 SER A OG  1 
ATOM   662  N  N   . GLY A 1 91  ? 17.575  -0.417  3.743   1.00 60.92  ? 209 GLY A N   1 
ATOM   663  C  CA  . GLY A 1 91  ? 18.131  -1.243  4.795   1.00 59.28  ? 209 GLY A CA  1 
ATOM   664  C  C   . GLY A 1 91  ? 17.491  -1.055  6.156   1.00 72.21  ? 209 GLY A C   1 
ATOM   665  O  O   . GLY A 1 91  ? 17.942  -1.670  7.084   1.00 59.30  ? 209 GLY A O   1 
ATOM   666  N  N   . LYS A 1 92  ? 16.469  -0.199  6.310   1.00 55.86  ? 210 LYS A N   1 
ATOM   667  C  CA  . LYS A 1 92  ? 15.889  0.022   7.618   1.00 53.32  ? 210 LYS A CA  1 
ATOM   668  C  C   . LYS A 1 92  ? 14.489  -0.600  7.729   1.00 60.73  ? 210 LYS A C   1 
ATOM   669  O  O   . LYS A 1 92  ? 13.772  -0.702  6.727   1.00 53.53  ? 210 LYS A O   1 
ATOM   670  C  CB  . LYS A 1 92  ? 15.917  1.499   7.977   1.00 59.70  ? 210 LYS A CB  1 
ATOM   671  C  CG  . LYS A 1 92  ? 17.367  1.935   8.190   1.00 64.36  ? 210 LYS A CG  1 
ATOM   672  C  CD  . LYS A 1 92  ? 17.525  3.423   8.374   1.00 81.06  ? 210 LYS A CD  1 
ATOM   673  C  CE  . LYS A 1 92  ? 17.058  3.904   9.739   1.00 92.16  ? 210 LYS A CE  1 
ATOM   674  N  NZ  . LYS A 1 92  ? 17.947  3.353   10.784  1.00 113.21 ? 210 LYS A NZ  1 
ATOM   675  N  N   . PRO A 1 93  ? 14.121  -1.073  8.938   1.00 55.81  ? 211 PRO A N   1 
ATOM   676  C  CA  . PRO A 1 93  ? 12.842  -1.770  9.079   1.00 55.20  ? 211 PRO A CA  1 
ATOM   677  C  C   . PRO A 1 93  ? 11.708  -0.749  9.035   1.00 61.58  ? 211 PRO A C   1 
ATOM   678  O  O   . PRO A 1 93  ? 11.946  0.432   9.261   1.00 56.78  ? 211 PRO A O   1 
ATOM   679  C  CB  . PRO A 1 93  ? 12.932  -2.371  10.492  1.00 55.13  ? 211 PRO A CB  1 
ATOM   680  C  CG  . PRO A 1 93  ? 13.781  -1.389  11.231  1.00 56.69  ? 211 PRO A CG  1 
ATOM   681  C  CD  . PRO A 1 93  ? 14.855  -1.005  10.216  1.00 59.35  ? 211 PRO A CD  1 
ATOM   682  N  N   . PHE A 1 94  ? 10.484  -1.192  8.770   1.00 51.39  ? 212 PHE A N   1 
ATOM   683  C  CA  . PHE A 1 94  ? 9.367   -0.233  8.712   1.00 55.87  ? 212 PHE A CA  1 
ATOM   684  C  C   . PHE A 1 94  ? 8.092   -0.937  9.163   1.00 55.16  ? 212 PHE A C   1 
ATOM   685  O  O   . PHE A 1 94  ? 7.986   -2.178  9.084   1.00 50.28  ? 212 PHE A O   1 
ATOM   686  C  CB  . PHE A 1 94  ? 9.177   0.255   7.252   1.00 49.29  ? 212 PHE A CB  1 
ATOM   687  C  CG  . PHE A 1 94  ? 8.845   -0.861  6.273   1.00 48.03  ? 212 PHE A CG  1 
ATOM   688  C  CD1 . PHE A 1 94  ? 7.540   -1.388  6.188   1.00 48.67  ? 212 PHE A CD1 1 
ATOM   689  C  CD2 . PHE A 1 94  ? 9.847   -1.439  5.482   1.00 59.16  ? 212 PHE A CD2 1 
ATOM   690  C  CE1 . PHE A 1 94  ? 7.247   -2.428  5.321   1.00 54.26  ? 212 PHE A CE1 1 
ATOM   691  C  CE2 . PHE A 1 94  ? 9.559   -2.472  4.599   1.00 54.51  ? 212 PHE A CE2 1 
ATOM   692  C  CZ  . PHE A 1 94  ? 8.268   -2.983  4.519   1.00 55.70  ? 212 PHE A CZ  1 
ATOM   693  N  N   . LYS A 1 95  ? 7.118   -0.136  9.609   1.00 48.77  ? 213 LYS A N   1 
ATOM   694  C  CA  . LYS A 1 95  ? 5.762   -0.635  9.857   1.00 47.41  ? 213 LYS A CA  1 
ATOM   695  C  C   . LYS A 1 95  ? 4.779   0.282   9.064   1.00 46.78  ? 213 LYS A C   1 
ATOM   696  O  O   . LYS A 1 95  ? 4.745   1.506   9.282   1.00 51.69  ? 213 LYS A O   1 
ATOM   697  C  CB  . LYS A 1 95  ? 5.431   -0.548  11.333  1.00 50.29  ? 213 LYS A CB  1 
ATOM   698  C  CG  . LYS A 1 95  ? 3.962   -0.854  11.559  1.00 51.38  ? 213 LYS A CG  1 
ATOM   699  C  CD  . LYS A 1 95  ? 3.585   -0.912  13.047  1.00 56.49  ? 213 LYS A CD  1 
ATOM   700  C  CE  . LYS A 1 95  ? 3.666   0.362   13.799  1.00 60.42  ? 213 LYS A CE  1 
ATOM   701  N  NZ  . LYS A 1 95  ? 2.747   0.117   14.942  1.00 68.87  ? 213 LYS A NZ  1 
ATOM   702  N  N   . ILE A 1 96  ? 4.044   -0.321  8.135   1.00 45.70  ? 214 ILE A N   1 
ATOM   703  C  CA  . ILE A 1 96  ? 3.001   0.395   7.364   1.00 49.60  ? 214 ILE A CA  1 
ATOM   704  C  C   . ILE A 1 96  ? 1.667   -0.041  7.967   1.00 52.89  ? 214 ILE A C   1 
ATOM   705  O  O   . ILE A 1 96  ? 1.429   -1.246  8.103   1.00 48.08  ? 214 ILE A O   1 
ATOM   706  C  CB  . ILE A 1 96  ? 3.022   -0.049  5.855   1.00 47.73  ? 214 ILE A CB  1 
ATOM   707  C  CG1 . ILE A 1 96  ? 4.376   0.311   5.195   1.00 48.36  ? 214 ILE A CG1 1 
ATOM   708  C  CG2 . ILE A 1 96  ? 1.851   0.607   5.050   1.00 49.22  ? 214 ILE A CG2 1 
ATOM   709  C  CD1 . ILE A 1 96  ? 4.463   -0.190  3.762   1.00 43.96  ? 214 ILE A CD1 1 
ATOM   710  N  N   . GLN A 1 97  ? 0.776   0.907   8.278   1.00 43.90  ? 215 GLN A N   1 
ATOM   711  C  CA  . GLN A 1 97  ? -0.621  0.566   8.555   1.00 42.83  ? 215 GLN A CA  1 
ATOM   712  C  C   . GLN A 1 97  ? -1.525  1.234   7.556   1.00 47.35  ? 215 GLN A C   1 
ATOM   713  O  O   . GLN A 1 97  ? -1.337  2.459   7.254   1.00 44.49  ? 215 GLN A O   1 
ATOM   714  C  CB  . GLN A 1 97  ? -0.961  1.080   9.957   1.00 42.17  ? 215 GLN A CB  1 
ATOM   715  C  CG  . GLN A 1 97  ? -0.248  0.241   11.015  1.00 52.75  ? 215 GLN A CG  1 
ATOM   716  C  CD  . GLN A 1 97  ? -0.293  0.931   12.336  1.00 68.15  ? 215 GLN A CD  1 
ATOM   717  O  OE1 . GLN A 1 97  ? 0.369   2.020   12.616  1.00 64.45  ? 215 GLN A OE1 1 
ATOM   718  N  NE2 . GLN A 1 97  ? -1.150  0.379   13.152  1.00 62.82  ? 215 GLN A NE2 1 
ATOM   719  N  N   . VAL A 1 98  ? -2.464  0.456   7.003   1.00 44.53  ? 216 VAL A N   1 
ATOM   720  C  CA  . VAL A 1 98  ? -3.466  1.022   6.147   1.00 40.75  ? 216 VAL A CA  1 
ATOM   721  C  C   . VAL A 1 98  ? -4.783  0.817   6.875   1.00 42.71  ? 216 VAL A C   1 
ATOM   722  O  O   . VAL A 1 98  ? -5.259  -0.353  7.074   1.00 41.09  ? 216 VAL A O   1 
ATOM   723  C  CB  . VAL A 1 98  ? -3.500  0.378   4.735   1.00 45.52  ? 216 VAL A CB  1 
ATOM   724  C  CG1 . VAL A 1 98  ? -4.508  1.074   3.874   1.00 38.97  ? 216 VAL A CG1 1 
ATOM   725  C  CG2 . VAL A 1 98  ? -2.092  0.391   4.092   1.00 43.52  ? 216 VAL A CG2 1 
ATOM   726  N  N   . LEU A 1 99  ? -5.387  1.953   7.266   1.00 41.11  ? 217 LEU A N   1 
ATOM   727  C  CA  . LEU A 1 99  ? -6.744  1.940   7.802   1.00 41.63  ? 217 LEU A CA  1 
ATOM   728  C  C   . LEU A 1 99  ? -7.761  2.247   6.738   1.00 40.81  ? 217 LEU A C   1 
ATOM   729  O  O   . LEU A 1 99  ? -7.664  3.307   6.064   1.00 42.38  ? 217 LEU A O   1 
ATOM   730  C  CB  . LEU A 1 99  ? -6.844  2.983   8.978   1.00 39.93  ? 217 LEU A CB  1 
ATOM   731  C  CG  . LEU A 1 99  ? -8.271  3.117   9.624   1.00 43.86  ? 217 LEU A CG  1 
ATOM   732  C  CD1 . LEU A 1 99  ? -8.597  1.914   10.467  1.00 41.39  ? 217 LEU A CD1 1 
ATOM   733  C  CD2 . LEU A 1 99  ? -8.275  4.394   10.471  1.00 43.79  ? 217 LEU A CD2 1 
ATOM   734  N  N   . VAL A 1 100 ? -8.775  1.360   6.610   1.00 39.81  ? 218 VAL A N   1 
ATOM   735  C  CA  . VAL A 1 100 ? -9.962  1.575   5.745   1.00 40.47  ? 218 VAL A CA  1 
ATOM   736  C  C   . VAL A 1 100 ? -11.022 2.370   6.501   1.00 42.26  ? 218 VAL A C   1 
ATOM   737  O  O   . VAL A 1 100 ? -11.608 1.859   7.494   1.00 40.60  ? 218 VAL A O   1 
ATOM   738  C  CB  . VAL A 1 100 ? -10.571 0.215   5.210   1.00 39.96  ? 218 VAL A CB  1 
ATOM   739  C  CG1 . VAL A 1 100 ? -11.526 0.505   4.053   1.00 38.00  ? 218 VAL A CG1 1 
ATOM   740  C  CG2 . VAL A 1 100 ? -9.416  -0.619  4.643   1.00 37.32  ? 218 VAL A CG2 1 
ATOM   741  N  N   . GLU A 1 101 ? -11.309 3.599   6.027   1.00 39.85  ? 219 GLU A N   1 
ATOM   742  C  CA  . GLU A 1 101 ? -12.398 4.391   6.615   1.00 43.96  ? 219 GLU A CA  1 
ATOM   743  C  C   . GLU A 1 101 ? -13.491 4.404   5.534   1.00 43.73  ? 219 GLU A C   1 
ATOM   744  O  O   . GLU A 1 101 ? -13.285 3.885   4.444   1.00 40.55  ? 219 GLU A O   1 
ATOM   745  C  CB  . GLU A 1 101 ? -11.939 5.824   6.940   1.00 44.65  ? 219 GLU A CB  1 
ATOM   746  C  CG  . GLU A 1 101 ? -10.969 5.831   8.142   1.00 49.18  ? 219 GLU A CG  1 
ATOM   747  C  CD  . GLU A 1 101 ? -11.733 6.268   9.408   1.00 58.57  ? 219 GLU A CD  1 
ATOM   748  O  OE1 . GLU A 1 101 ? -11.665 7.448   9.773   1.00 59.68  ? 219 GLU A OE1 1 
ATOM   749  O  OE2 . GLU A 1 101 ? -12.499 5.480   9.983   1.00 57.47  ? 219 GLU A OE2 1 
ATOM   750  N  N   . ALA A 1 102 ? -14.650 4.964   5.861   1.00 42.80  ? 220 ALA A N   1 
ATOM   751  C  CA  . ALA A 1 102 ? -15.797 5.009   4.951   1.00 51.83  ? 220 ALA A CA  1 
ATOM   752  C  C   . ALA A 1 102 ? -15.421 5.748   3.665   1.00 43.41  ? 220 ALA A C   1 
ATOM   753  O  O   . ALA A 1 102 ? -15.850 5.327   2.597   1.00 43.77  ? 220 ALA A O   1 
ATOM   754  C  CB  . ALA A 1 102 ? -16.992 5.730   5.611   1.00 53.80  ? 220 ALA A CB  1 
ATOM   755  N  N   . ASP A 1 103 ? -14.657 6.848   3.741   1.00 41.60  ? 221 ASP A N   1 
ATOM   756  C  CA  . ASP A 1 103 ? -14.399 7.634   2.513   1.00 39.90  ? 221 ASP A CA  1 
ATOM   757  C  C   . ASP A 1 103 ? -12.987 7.620   1.963   1.00 40.95  ? 221 ASP A C   1 
ATOM   758  O  O   . ASP A 1 103 ? -12.750 8.184   0.907   1.00 42.32  ? 221 ASP A O   1 
ATOM   759  C  CB  . ASP A 1 103 ? -14.827 9.086   2.812   1.00 51.46  ? 221 ASP A CB  1 
ATOM   760  C  CG  . ASP A 1 103 ? -16.306 9.151   3.169   1.00 57.28  ? 221 ASP A CG  1 
ATOM   761  O  OD1 . ASP A 1 103 ? -17.117 8.537   2.430   1.00 64.00  ? 221 ASP A OD1 1 
ATOM   762  O  OD2 . ASP A 1 103 ? -16.645 9.696   4.221   1.00 67.97  ? 221 ASP A OD2 1 
ATOM   763  N  N   . HIS A 1 104 ? -12.066 7.005   2.690   1.00 39.07  ? 222 HIS A N   1 
ATOM   764  C  CA  . HIS A 1 104 ? -10.673 7.051   2.333   1.00 36.88  ? 222 HIS A CA  1 
ATOM   765  C  C   . HIS A 1 104 ? -9.951  5.929   3.066   1.00 39.82  ? 222 HIS A C   1 
ATOM   766  O  O   . HIS A 1 104 ? -10.466 5.307   4.012   1.00 39.66  ? 222 HIS A O   1 
ATOM   767  C  CB  . HIS A 1 104 ? -10.059 8.478   2.688   1.00 38.35  ? 222 HIS A CB  1 
ATOM   768  C  CG  . HIS A 1 104 ? -10.133 8.814   4.160   1.00 44.27  ? 222 HIS A CG  1 
ATOM   769  N  ND1 . HIS A 1 104 ? -11.145 9.594   4.695   1.00 45.23  ? 222 HIS A ND1 1 
ATOM   770  C  CD2 . HIS A 1 104 ? -9.338  8.464   5.204   1.00 45.44  ? 222 HIS A CD2 1 
ATOM   771  C  CE1 . HIS A 1 104 ? -11.013 9.651   6.023   1.00 49.09  ? 222 HIS A CE1 1 
ATOM   772  N  NE2 . HIS A 1 104 ? -9.920  8.980   6.357   1.00 51.23  ? 222 HIS A NE2 1 
ATOM   773  N  N   . PHE A 1 105 ? -8.766  5.645   2.568   1.00 37.10  ? 223 PHE A N   1 
ATOM   774  C  CA  . PHE A 1 105 ? -7.729  4.941   3.333   1.00 40.23  ? 223 PHE A CA  1 
ATOM   775  C  C   . PHE A 1 105 ? -6.833  5.947   4.022   1.00 42.37  ? 223 PHE A C   1 
ATOM   776  O  O   . PHE A 1 105 ? -6.486  6.977   3.397   1.00 43.26  ? 223 PHE A O   1 
ATOM   777  C  CB  . PHE A 1 105 ? -6.749  4.221   2.343   1.00 40.08  ? 223 PHE A CB  1 
ATOM   778  C  CG  . PHE A 1 105 ? -7.432  3.155   1.465   1.00 42.31  ? 223 PHE A CG  1 
ATOM   779  C  CD1 . PHE A 1 105 ? -7.583  1.847   1.933   1.00 41.86  ? 223 PHE A CD1 1 
ATOM   780  C  CD2 . PHE A 1 105 ? -7.922  3.484   0.178   1.00 39.77  ? 223 PHE A CD2 1 
ATOM   781  C  CE1 . PHE A 1 105 ? -8.214  0.858   1.140   1.00 41.11  ? 223 PHE A CE1 1 
ATOM   782  C  CE2 . PHE A 1 105 ? -8.546  2.513   -0.607  1.00 42.77  ? 223 PHE A CE2 1 
ATOM   783  C  CZ  . PHE A 1 105 ? -8.705  1.208   -0.108  1.00 44.01  ? 223 PHE A CZ  1 
ATOM   784  N  N   . LYS A 1 106 ? -6.426  5.677   5.264   1.00 38.45  ? 224 LYS A N   1 
ATOM   785  C  CA  . LYS A 1 106 ? -5.351  6.474   5.902   1.00 43.58  ? 224 LYS A CA  1 
ATOM   786  C  C   . LYS A 1 106 ? -4.144  5.581   5.961   1.00 44.72  ? 224 LYS A C   1 
ATOM   787  O  O   . LYS A 1 106 ? -4.263  4.402   6.305   1.00 44.18  ? 224 LYS A O   1 
ATOM   788  C  CB  . LYS A 1 106 ? -5.644  6.890   7.355   1.00 45.18  ? 224 LYS A CB  1 
ATOM   789  C  CG  . LYS A 1 106 ? -6.717  7.943   7.528   1.00 48.16  ? 224 LYS A CG  1 
ATOM   790  C  CD  . LYS A 1 106 ? -6.726  8.412   8.999   1.00 47.42  ? 224 LYS A CD  1 
ATOM   791  C  CE  . LYS A 1 106 ? -7.526  9.705   9.058   1.00 47.80  ? 224 LYS A CE  1 
ATOM   792  N  NZ  . LYS A 1 106 ? -9.001  9.431   9.075   1.00 52.90  ? 224 LYS A NZ  1 
ATOM   793  N  N   . VAL A 1 107 ? -2.970  6.131   5.639   1.00 42.56  ? 225 VAL A N   1 
ATOM   794  C  CA  . VAL A 1 107 ? -1.742  5.339   5.715   1.00 41.72  ? 225 VAL A CA  1 
ATOM   795  C  C   . VAL A 1 107 ? -0.845  5.984   6.793   1.00 43.32  ? 225 VAL A C   1 
ATOM   796  O  O   . VAL A 1 107 ? -0.598  7.265   6.769   1.00 40.61  ? 225 VAL A O   1 
ATOM   797  C  CB  . VAL A 1 107 ? -0.968  5.262   4.326   1.00 42.15  ? 225 VAL A CB  1 
ATOM   798  C  CG1 . VAL A 1 107 ? 0.312   4.438   4.515   1.00 42.40  ? 225 VAL A CG1 1 
ATOM   799  C  CG2 . VAL A 1 107 ? -1.851  4.597   3.264   1.00 40.16  ? 225 VAL A CG2 1 
ATOM   800  N  N   . ALA A 1 108 ? -0.315  5.114   7.683   1.00 40.55  ? 226 ALA A N   1 
ATOM   801  C  CA  . ALA A 1 108 ? 0.600   5.529   8.736   1.00 43.39  ? 226 ALA A CA  1 
ATOM   802  C  C   . ALA A 1 108 ? 1.887   4.680   8.553   1.00 44.18  ? 226 ALA A C   1 
ATOM   803  O  O   . ALA A 1 108 ? 1.812   3.497   8.193   1.00 45.14  ? 226 ALA A O   1 
ATOM   804  C  CB  . ALA A 1 108 ? -0.009  5.224   10.121  1.00 42.88  ? 226 ALA A CB  1 
ATOM   805  N  N   . VAL A 1 109 ? 3.057   5.295   8.717   1.00 43.31  ? 227 VAL A N   1 
ATOM   806  C  CA  . VAL A 1 109 ? 4.351   4.572   8.576   1.00 45.16  ? 227 VAL A CA  1 
ATOM   807  C  C   . VAL A 1 109 ? 5.134   4.855   9.871   1.00 50.78  ? 227 VAL A C   1 
ATOM   808  O  O   . VAL A 1 109 ? 5.292   6.041   10.260  1.00 46.58  ? 227 VAL A O   1 
ATOM   809  C  CB  . VAL A 1 109 ? 5.171   4.952   7.278   1.00 43.25  ? 227 VAL A CB  1 
ATOM   810  C  CG1 . VAL A 1 109 ? 6.487   4.194   7.268   1.00 45.95  ? 227 VAL A CG1 1 
ATOM   811  C  CG2 . VAL A 1 109 ? 4.364   4.541   6.007   1.00 44.42  ? 227 VAL A CG2 1 
ATOM   812  N  N   . ASN A 1 110 ? 5.563   3.793   10.587  1.00 44.88  ? 228 ASN A N   1 
ATOM   813  C  CA  . ASN A 1 110 ? 6.243   3.969   11.867  1.00 47.98  ? 228 ASN A CA  1 
ATOM   814  C  C   . ASN A 1 110 ? 5.459   4.845   12.808  1.00 47.99  ? 228 ASN A C   1 
ATOM   815  O  O   . ASN A 1 110 ? 6.048   5.649   13.490  1.00 50.38  ? 228 ASN A O   1 
ATOM   816  C  CB  . ASN A 1 110 ? 7.717   4.434   11.647  1.00 52.18  ? 228 ASN A CB  1 
ATOM   817  C  CG  . ASN A 1 110 ? 8.456   3.491   10.670  1.00 53.64  ? 228 ASN A CG  1 
ATOM   818  O  OD1 . ASN A 1 110 ? 8.104   2.342   10.550  1.00 56.11  ? 228 ASN A OD1 1 
ATOM   819  N  ND2 . ASN A 1 110 ? 9.427   3.987   9.953   1.00 53.26  ? 228 ASN A ND2 1 
ATOM   820  N  N   . ASP A 1 111 ? 4.123   4.667   12.876  1.00 49.84  ? 229 ASP A N   1 
ATOM   821  C  CA  . ASP A 1 111 ? 3.252   5.484   13.779  1.00 51.46  ? 229 ASP A CA  1 
ATOM   822  C  C   . ASP A 1 111 ? 3.148   6.973   13.496  1.00 51.49  ? 229 ASP A C   1 
ATOM   823  O  O   . ASP A 1 111 ? 2.699   7.759   14.361  1.00 50.92  ? 229 ASP A O   1 
ATOM   824  C  CB  . ASP A 1 111 ? 3.641   5.225   15.242  1.00 57.42  ? 229 ASP A CB  1 
ATOM   825  C  CG  . ASP A 1 111 ? 3.533   3.724   15.565  1.00 61.70  ? 229 ASP A CG  1 
ATOM   826  O  OD1 . ASP A 1 111 ? 2.404   3.170   15.374  1.00 72.61  ? 229 ASP A OD1 1 
ATOM   827  O  OD2 . ASP A 1 111 ? 4.580   3.160   15.908  1.00 77.96  ? 229 ASP A OD2 1 
ATOM   828  N  N   . ALA A 1 112 ? 3.598   7.376   12.294  1.00 44.75  ? 230 ALA A N   1 
ATOM   829  C  CA  . ALA A 1 112 ? 3.433   8.780   11.856  1.00 43.95  ? 230 ALA A CA  1 
ATOM   830  C  C   . ALA A 1 112 ? 2.346   8.767   10.718  1.00 48.39  ? 230 ALA A C   1 
ATOM   831  O  O   . ALA A 1 112 ? 2.360   7.899   9.829   1.00 46.92  ? 230 ALA A O   1 
ATOM   832  C  CB  . ALA A 1 112 ? 4.751   9.334   11.319  1.00 42.49  ? 230 ALA A CB  1 
ATOM   833  N  N   . HIS A 1 113 ? 1.451   9.750   10.737  1.00 44.15  ? 231 HIS A N   1 
ATOM   834  C  CA  . HIS A 1 113 ? 0.457   9.833   9.708   1.00 47.07  ? 231 HIS A CA  1 
ATOM   835  C  C   . HIS A 1 113 ? 1.175   10.227  8.430   1.00 48.06  ? 231 HIS A C   1 
ATOM   836  O  O   . HIS A 1 113 ? 1.924   11.209  8.409   1.00 49.86  ? 231 HIS A O   1 
ATOM   837  C  CB  . HIS A 1 113 ? -0.563  10.942  9.994   1.00 45.71  ? 231 HIS A CB  1 
ATOM   838  C  CG  . HIS A 1 113 ? -1.542  11.079  8.866   1.00 45.49  ? 231 HIS A CG  1 
ATOM   839  N  ND1 . HIS A 1 113 ? -2.417  10.051  8.529   1.00 46.56  ? 231 HIS A ND1 1 
ATOM   840  C  CD2 . HIS A 1 113 ? -1.716  12.061  7.936   1.00 48.36  ? 231 HIS A CD2 1 
ATOM   841  C  CE1 . HIS A 1 113 ? -3.131  10.427  7.474   1.00 51.06  ? 231 HIS A CE1 1 
ATOM   842  N  NE2 . HIS A 1 113 ? -2.711  11.626  7.084   1.00 49.61  ? 231 HIS A NE2 1 
ATOM   843  N  N   . LEU A 1 114 ? 0.923   9.498   7.356   1.00 46.12  ? 232 LEU A N   1 
ATOM   844  C  CA  . LEU A 1 114 ? 1.614   9.752   6.081   1.00 47.48  ? 232 LEU A CA  1 
ATOM   845  C  C   . LEU A 1 114 ? 0.700   10.358  4.975   1.00 52.11  ? 232 LEU A C   1 
ATOM   846  O  O   . LEU A 1 114 ? 1.033   11.401  4.404   1.00 47.98  ? 232 LEU A O   1 
ATOM   847  C  CB  . LEU A 1 114 ? 2.263   8.463   5.610   1.00 44.33  ? 232 LEU A CB  1 
ATOM   848  C  CG  . LEU A 1 114 ? 3.008   8.616   4.275   1.00 47.44  ? 232 LEU A CG  1 
ATOM   849  C  CD1 . LEU A 1 114 ? 4.126   9.620   4.513   1.00 46.51  ? 232 LEU A CD1 1 
ATOM   850  C  CD2 . LEU A 1 114 ? 3.557   7.254   3.853   1.00 50.12  ? 232 LEU A CD2 1 
ATOM   851  N  N   . LEU A 1 115 ? -0.453  9.738   4.677   1.00 43.14  ? 233 LEU A N   1 
ATOM   852  C  CA  . LEU A 1 115 ? -1.331  10.305  3.625   1.00 48.61  ? 233 LEU A CA  1 
ATOM   853  C  C   . LEU A 1 115 ? -2.693  9.674   3.770   1.00 47.38  ? 233 LEU A C   1 
ATOM   854  O  O   . LEU A 1 115 ? -2.829  8.685   4.526   1.00 41.19  ? 233 LEU A O   1 
ATOM   855  C  CB  . LEU A 1 115 ? -0.759  9.968   2.221   1.00 44.75  ? 233 LEU A CB  1 
ATOM   856  C  CG  . LEU A 1 115 ? -0.548  8.490   1.804   1.00 45.59  ? 233 LEU A CG  1 
ATOM   857  C  CD1 . LEU A 1 115 ? -1.893  7.851   1.255   1.00 39.85  ? 233 LEU A CD1 1 
ATOM   858  C  CD2 . LEU A 1 115 ? 0.581   8.500   0.753   1.00 43.39  ? 233 LEU A CD2 1 
ATOM   859  N  N   . GLN A 1 116 ? -3.702  10.314  3.150   1.00 41.65  ? 234 GLN A N   1 
ATOM   860  C  CA  . GLN A 1 116 ? -5.061  9.786   3.047   1.00 42.16  ? 234 GLN A CA  1 
ATOM   861  C  C   . GLN A 1 116 ? -5.289  9.634   1.555   1.00 45.05  ? 234 GLN A C   1 
ATOM   862  O  O   . GLN A 1 116 ? -4.920  10.545  0.744   1.00 45.84  ? 234 GLN A O   1 
ATOM   863  C  CB  . GLN A 1 116 ? -6.156  10.780  3.520   1.00 47.77  ? 234 GLN A CB  1 
ATOM   864  C  CG  . GLN A 1 116 ? -6.022  11.314  4.894   1.00 72.64  ? 234 GLN A CG  1 
ATOM   865  C  CD  . GLN A 1 116 ? -7.368  11.814  5.452   1.00 62.39  ? 234 GLN A CD  1 
ATOM   866  O  OE1 . GLN A 1 116 ? -8.350  12.026  4.723   1.00 58.05  ? 234 GLN A OE1 1 
ATOM   867  N  NE2 . GLN A 1 116 ? -7.389  12.005  6.747   1.00 72.81  ? 234 GLN A NE2 1 
ATOM   868  N  N   . TYR A 1 117 ? -5.933  8.546   1.158   1.00 42.20  ? 235 TYR A N   1 
ATOM   869  C  CA  . TYR A 1 117 ? -6.317  8.400   -0.251  1.00 38.55  ? 235 TYR A CA  1 
ATOM   870  C  C   . TYR A 1 117 ? -7.819  8.179   -0.392  1.00 43.53  ? 235 TYR A C   1 
ATOM   871  O  O   . TYR A 1 117 ? -8.322  7.149   0.123   1.00 41.66  ? 235 TYR A O   1 
ATOM   872  C  CB  . TYR A 1 117 ? -5.494  7.230   -0.797  1.00 40.53  ? 235 TYR A CB  1 
ATOM   873  C  CG  . TYR A 1 117 ? -5.731  7.034   -2.307  1.00 40.59  ? 235 TYR A CG  1 
ATOM   874  C  CD1 . TYR A 1 117 ? -4.912  7.716   -3.244  1.00 39.73  ? 235 TYR A CD1 1 
ATOM   875  C  CD2 . TYR A 1 117 ? -6.728  6.153   -2.787  1.00 38.74  ? 235 TYR A CD2 1 
ATOM   876  C  CE1 . TYR A 1 117 ? -5.099  7.520   -4.612  1.00 40.61  ? 235 TYR A CE1 1 
ATOM   877  C  CE2 . TYR A 1 117 ? -6.950  5.971   -4.208  1.00 40.99  ? 235 TYR A CE2 1 
ATOM   878  C  CZ  . TYR A 1 117 ? -6.090  6.643   -5.084  1.00 43.85  ? 235 TYR A CZ  1 
ATOM   879  O  OH  . TYR A 1 117 ? -6.224  6.514   -6.471  1.00 41.29  ? 235 TYR A OH  1 
ATOM   880  N  N   . ASN A 1 118 ? -8.580  9.117   -1.027  1.00 38.27  ? 236 ASN A N   1 
ATOM   881  C  CA  . ASN A 1 118 ? -10.034 8.998   -1.002  1.00 37.68  ? 236 ASN A CA  1 
ATOM   882  C  C   . ASN A 1 118 ? -10.430 7.828   -1.898  1.00 48.43  ? 236 ASN A C   1 
ATOM   883  O  O   . ASN A 1 118 ? -9.766  7.598   -2.929  1.00 41.16  ? 236 ASN A O   1 
ATOM   884  C  CB  . ASN A 1 118 ? -10.735 10.284  -1.493  1.00 40.66  ? 236 ASN A CB  1 
ATOM   885  C  CG  . ASN A 1 118 ? -10.577 11.422  -0.488  1.00 49.97  ? 236 ASN A CG  1 
ATOM   886  O  OD1 . ASN A 1 118 ? -10.334 11.232  0.711   1.00 51.53  ? 236 ASN A OD1 1 
ATOM   887  N  ND2 . ASN A 1 118 ? -10.573 12.601  -1.005  1.00 53.73  ? 236 ASN A ND2 1 
ATOM   888  N  N   . HIS A 1 119 ? -11.482 7.098   -1.512  1.00 41.33  ? 237 HIS A N   1 
ATOM   889  C  CA  . HIS A 1 119 ? -11.915 5.959   -2.344  1.00 45.16  ? 237 HIS A CA  1 
ATOM   890  C  C   . HIS A 1 119 ? -12.396 6.489   -3.698  1.00 45.73  ? 237 HIS A C   1 
ATOM   891  O  O   . HIS A 1 119 ? -13.273 7.351   -3.704  1.00 41.71  ? 237 HIS A O   1 
ATOM   892  C  CB  . HIS A 1 119 ? -13.103 5.271   -1.677  1.00 41.78  ? 237 HIS A CB  1 
ATOM   893  C  CG  . HIS A 1 119 ? -12.745 4.606   -0.370  1.00 40.96  ? 237 HIS A CG  1 
ATOM   894  N  ND1 . HIS A 1 119 ? -11.616 3.830   -0.237  1.00 39.13  ? 237 HIS A ND1 1 
ATOM   895  C  CD2 . HIS A 1 119 ? -13.328 4.640   0.861   1.00 38.37  ? 237 HIS A CD2 1 
ATOM   896  C  CE1 . HIS A 1 119 ? -11.543 3.363   1.011   1.00 42.19  ? 237 HIS A CE1 1 
ATOM   897  N  NE2 . HIS A 1 119 ? -12.552 3.863   1.703   1.00 41.40  ? 237 HIS A NE2 1 
ATOM   898  N  N   . ARG A 1 120 ? -11.880 5.935   -4.813  1.00 40.49  ? 238 ARG A N   1 
ATOM   899  C  CA  . ARG A 1 120 ? -12.431 6.188   -6.180  1.00 43.63  ? 238 ARG A CA  1 
ATOM   900  C  C   . ARG A 1 120 ? -13.316 5.006   -6.591  1.00 47.59  ? 238 ARG A C   1 
ATOM   901  O  O   . ARG A 1 120 ? -14.397 5.179   -7.081  1.00 47.02  ? 238 ARG A O   1 
ATOM   902  C  CB  . ARG A 1 120 ? -11.305 6.335   -7.194  1.00 43.45  ? 238 ARG A CB  1 
ATOM   903  C  CG  . ARG A 1 120 ? -10.356 7.466   -6.717  1.00 45.22  ? 238 ARG A CG  1 
ATOM   904  C  CD  . ARG A 1 120 ? -9.350  7.793   -7.824  1.00 46.28  ? 238 ARG A CD  1 
ATOM   905  N  NE  . ARG A 1 120 ? -8.285  8.653   -7.297  1.00 43.82  ? 238 ARG A NE  1 
ATOM   906  C  CZ  . ARG A 1 120 ? -7.167  8.870   -7.984  1.00 46.81  ? 238 ARG A CZ  1 
ATOM   907  N  NH1 . ARG A 1 120 ? -7.015  8.314   -9.193  1.00 42.67  ? 238 ARG A NH1 1 
ATOM   908  N  NH2 . ARG A 1 120 ? -6.190  9.618   -7.472  1.00 44.67  ? 238 ARG A NH2 1 
ATOM   909  N  N   . MET A 1 121 ? -12.873 3.816   -6.273  1.00 41.63  ? 239 MET A N   1 
ATOM   910  C  CA  . MET A 1 121 ? -13.634 2.553   -6.498  1.00 49.04  ? 239 MET A CA  1 
ATOM   911  C  C   . MET A 1 121 ? -14.336 2.293   -5.142  1.00 43.44  ? 239 MET A C   1 
ATOM   912  O  O   . MET A 1 121 ? -13.763 1.826   -4.105  1.00 48.58  ? 239 MET A O   1 
ATOM   913  C  CB  . MET A 1 121 ? -12.576 1.481   -6.963  1.00 49.94  ? 239 MET A CB  1 
ATOM   914  C  CG  . MET A 1 121 ? -13.015 0.238   -7.710  1.00 72.59  ? 239 MET A CG  1 
ATOM   915  S  SD  . MET A 1 121 ? -14.048 -0.783  -6.566  1.00 70.14  ? 239 MET A SD  1 
ATOM   916  C  CE  . MET A 1 121 ? -15.705 -0.518  -7.133  1.00 65.25  ? 239 MET A CE  1 
ATOM   917  N  N   . LYS A 1 122 ? -15.624 2.633   -5.111  1.00 44.60  ? 240 LYS A N   1 
ATOM   918  C  CA  . LYS A 1 122 ? -16.335 2.654   -3.854  1.00 42.41  ? 240 LYS A CA  1 
ATOM   919  C  C   . LYS A 1 122 ? -17.080 1.302   -3.443  1.00 47.93  ? 240 LYS A C   1 
ATOM   920  O  O   . LYS A 1 122 ? -17.637 1.216   -2.343  1.00 44.57  ? 240 LYS A O   1 
ATOM   921  C  CB  . LYS A 1 122 ? -17.301 3.845   -3.851  1.00 47.72  ? 240 LYS A CB  1 
ATOM   922  C  CG  . LYS A 1 122 ? -16.507 5.169   -3.994  1.00 44.31  ? 240 LYS A CG  1 
ATOM   923  C  CD  . LYS A 1 122 ? -17.529 6.262   -3.962  1.00 53.62  ? 240 LYS A CD  1 
ATOM   924  C  CE  . LYS A 1 122 ? -16.890 7.622   -4.228  1.00 62.46  ? 240 LYS A CE  1 
ATOM   925  N  NZ  . LYS A 1 122 ? -18.062 8.559   -4.179  1.00 60.60  ? 240 LYS A NZ  1 
ATOM   926  N  N   . ASN A 1 123 ? -16.967 0.264   -4.280  1.00 46.57  ? 241 ASN A N   1 
ATOM   927  C  CA  . ASN A 1 123 ? -17.511 -1.119  -3.996  1.00 43.39  ? 241 ASN A CA  1 
ATOM   928  C  C   . ASN A 1 123 ? -16.465 -1.798  -3.200  1.00 40.44  ? 241 ASN A C   1 
ATOM   929  O  O   . ASN A 1 123 ? -15.773 -2.679  -3.745  1.00 43.47  ? 241 ASN A O   1 
ATOM   930  C  CB  . ASN A 1 123 ? -17.455 -2.007  -5.275  1.00 53.75  ? 241 ASN A CB  1 
ATOM   931  C  CG  . ASN A 1 123 ? -18.449 -1.653  -6.305  1.00 85.05  ? 241 ASN A CG  1 
ATOM   932  O  OD1 . ASN A 1 123 ? -19.403 -0.901  -6.069  1.00 92.95  ? 241 ASN A OD1 1 
ATOM   933  N  ND2 . ASN A 1 123 ? -18.256 -2.222  -7.491  1.00 104.55 ? 241 ASN A ND2 1 
ATOM   934  N  N   . LEU A 1 124 ? -16.284 -1.409  -1.927  1.00 42.64  ? 242 LEU A N   1 
ATOM   935  C  CA  . LEU A 1 124 ? -15.146 -1.848  -1.168  1.00 39.75  ? 242 LEU A CA  1 
ATOM   936  C  C   . LEU A 1 124 ? -15.219 -3.369  -1.001  1.00 46.44  ? 242 LEU A C   1 
ATOM   937  O  O   . LEU A 1 124 ? -14.164 -4.020  -0.922  1.00 43.22  ? 242 LEU A O   1 
ATOM   938  C  CB  . LEU A 1 124 ? -15.200 -1.246  0.260   1.00 40.08  ? 242 LEU A CB  1 
ATOM   939  C  CG  . LEU A 1 124 ? -15.156 0.334   0.314   1.00 47.12  ? 242 LEU A CG  1 
ATOM   940  C  CD1 . LEU A 1 124 ? -15.102 0.812   1.742   1.00 43.71  ? 242 LEU A CD1 1 
ATOM   941  C  CD2 . LEU A 1 124 ? -13.910 0.776   -0.485  1.00 44.87  ? 242 LEU A CD2 1 
ATOM   942  N  N   . ARG A 1 125 ? -16.425 -3.935  -0.839  1.00 42.22  ? 243 ARG A N   1 
ATOM   943  C  CA  . ARG A 1 125 ? -16.421 -5.421  -0.523  1.00 45.94  ? 243 ARG A CA  1 
ATOM   944  C  C   . ARG A 1 125 ? -15.890 -6.278  -1.680  1.00 49.38  ? 243 ARG A C   1 
ATOM   945  O  O   . ARG A 1 125 ? -15.560 -7.435  -1.464  1.00 46.55  ? 243 ARG A O   1 
ATOM   946  C  CB  . ARG A 1 125 ? -17.741 -6.022  0.099   1.00 48.64  ? 243 ARG A CB  1 
ATOM   947  C  CG  . ARG A 1 125 ? -17.693 -6.130  1.692   1.00 56.70  ? 243 ARG A CG  1 
ATOM   948  C  CD  . ARG A 1 125 ? -18.496 -4.974  2.384   1.00 54.58  ? 243 ARG A CD  1 
ATOM   949  N  NE  . ARG A 1 125 ? -18.010 -3.462  2.424   1.00 75.63  ? 243 ARG A NE  1 
ATOM   950  C  CZ  . ARG A 1 125 ? -18.859 -2.389  2.599   1.00 81.93  ? 243 ARG A CZ  1 
ATOM   951  N  NH1 . ARG A 1 125 ? -20.134 -2.747  2.703   1.00 86.52  ? 243 ARG A NH1 1 
ATOM   952  N  NH2 . ARG A 1 125 ? -18.563 -0.986  2.600   1.00 45.52  ? 243 ARG A NH2 1 
ATOM   953  N  N   . GLU A 1 126 ? -15.726 -5.694  -2.881  1.00 44.94  ? 244 GLU A N   1 
ATOM   954  C  CA  . GLU A 1 126 ? -15.065 -6.404  -4.009  1.00 47.73  ? 244 GLU A CA  1 
ATOM   955  C  C   . GLU A 1 126 ? -13.577 -6.344  -4.035  1.00 47.96  ? 244 GLU A C   1 
ATOM   956  O  O   . GLU A 1 126 ? -12.980 -6.965  -4.872  1.00 46.13  ? 244 GLU A O   1 
ATOM   957  C  CB  . GLU A 1 126 ? -15.640 -5.941  -5.380  1.00 44.62  ? 244 GLU A CB  1 
ATOM   958  C  CG  . GLU A 1 126 ? -17.041 -6.471  -5.461  1.00 58.10  ? 244 GLU A CG  1 
ATOM   959  C  CD  . GLU A 1 126 ? -17.830 -5.936  -6.602  1.00 67.66  ? 244 GLU A CD  1 
ATOM   960  O  OE1 . GLU A 1 126 ? -17.551 -4.817  -7.096  1.00 75.14  ? 244 GLU A OE1 1 
ATOM   961  O  OE2 . GLU A 1 126 ? -18.770 -6.650  -6.966  1.00 73.29  ? 244 GLU A OE2 1 
ATOM   962  N  N   . ILE A 1 127 ? -12.953 -5.598  -3.125  1.00 44.40  ? 245 ILE A N   1 
ATOM   963  C  CA  . ILE A 1 127 ? -11.482 -5.583  -3.014  1.00 42.69  ? 245 ILE A CA  1 
ATOM   964  C  C   . ILE A 1 127 ? -11.082 -6.810  -2.198  1.00 52.13  ? 245 ILE A C   1 
ATOM   965  O  O   . ILE A 1 127 ? -11.404 -6.871  -1.001  1.00 51.79  ? 245 ILE A O   1 
ATOM   966  C  CB  . ILE A 1 127 ? -11.023 -4.245  -2.340  1.00 48.52  ? 245 ILE A CB  1 
ATOM   967  C  CG1 . ILE A 1 127 ? -11.618 -3.031  -3.106  1.00 43.92  ? 245 ILE A CG1 1 
ATOM   968  C  CG2 . ILE A 1 127 ? -9.512  -4.213  -2.150  1.00 52.30  ? 245 ILE A CG2 1 
ATOM   969  C  CD1 . ILE A 1 127 ? -11.406 -1.722  -2.350  1.00 51.14  ? 245 ILE A CD1 1 
ATOM   970  N  N   . SER A 1 128 ? -10.462 -7.820  -2.825  1.00 49.10  ? 246 SER A N   1 
ATOM   971  C  CA  . SER A 1 128 ? -10.409 -9.136  -2.139  1.00 47.67  ? 246 SER A CA  1 
ATOM   972  C  C   . SER A 1 128 ? -8.995  -9.570  -1.840  1.00 54.61  ? 246 SER A C   1 
ATOM   973  O  O   . SER A 1 128 ? -8.772  -10.610 -1.233  1.00 50.55  ? 246 SER A O   1 
ATOM   974  C  CB  . SER A 1 128 ? -11.127 -10.204 -2.992  1.00 54.42  ? 246 SER A CB  1 
ATOM   975  O  OG  . SER A 1 128 ? -10.469 -10.191 -4.261  1.00 56.98  ? 246 SER A OG  1 
ATOM   976  N  N   . GLN A 1 129 ? -8.007  -8.737  -2.176  1.00 44.10  ? 247 GLN A N   1 
ATOM   977  C  CA  . GLN A 1 129 ? -6.624  -9.165  -2.034  1.00 44.49  ? 247 GLN A CA  1 
ATOM   978  C  C   . GLN A 1 129 ? -5.686  -7.960  -1.975  1.00 46.42  ? 247 GLN A C   1 
ATOM   979  O  O   . GLN A 1 129 ? -5.940  -6.984  -2.664  1.00 46.52  ? 247 GLN A O   1 
ATOM   980  C  CB  . GLN A 1 129 ? -6.281  -9.931  -3.306  1.00 49.50  ? 247 GLN A CB  1 
ATOM   981  C  CG  . GLN A 1 129 ? -4.945  -10.626 -3.182  1.00 62.70  ? 247 GLN A CG  1 
ATOM   982  C  CD  . GLN A 1 129 ? -4.639  -11.411 -4.432  1.00 67.40  ? 247 GLN A CD  1 
ATOM   983  O  OE1 . GLN A 1 129 ? -4.342  -10.851 -5.462  1.00 70.28  ? 247 GLN A OE1 1 
ATOM   984  N  NE2 . GLN A 1 129 ? -4.745  -12.708 -4.341  1.00 75.34  ? 247 GLN A NE2 1 
ATOM   985  N  N   . LEU A 1 130 ? -4.621  -8.034  -1.181  1.00 45.93  ? 248 LEU A N   1 
ATOM   986  C  CA  . LEU A 1 130 ? -3.621  -6.974  -1.137  1.00 51.81  ? 248 LEU A CA  1 
ATOM   987  C  C   . LEU A 1 130 ? -2.308  -7.598  -1.653  1.00 55.32  ? 248 LEU A C   1 
ATOM   988  O  O   . LEU A 1 130 ? -1.767  -8.492  -1.005  1.00 52.36  ? 248 LEU A O   1 
ATOM   989  C  CB  . LEU A 1 130 ? -3.396  -6.463  0.307   1.00 44.21  ? 248 LEU A CB  1 
ATOM   990  C  CG  . LEU A 1 130 ? -2.156  -5.576  0.549   1.00 51.25  ? 248 LEU A CG  1 
ATOM   991  C  CD1 . LEU A 1 130 ? -2.272  -4.297  -0.328  1.00 44.16  ? 248 LEU A CD1 1 
ATOM   992  C  CD2 . LEU A 1 130 ? -2.044  -5.179  2.008   1.00 51.06  ? 248 LEU A CD2 1 
ATOM   993  N  N   . GLY A 1 131 ? -1.812  -7.182  -2.808  1.00 49.66  ? 249 GLY A N   1 
ATOM   994  C  CA  . GLY A 1 131 ? -0.416  -7.596  -3.211  1.00 48.33  ? 249 GLY A CA  1 
ATOM   995  C  C   . GLY A 1 131 ? 0.631   -6.691  -2.630  1.00 55.67  ? 249 GLY A C   1 
ATOM   996  O  O   . GLY A 1 131 ? 0.486   -5.419  -2.618  1.00 51.00  ? 249 GLY A O   1 
ATOM   997  N  N   . ILE A 1 132 ? 1.703   -7.315  -2.128  1.00 45.77  ? 250 ILE A N   1 
ATOM   998  C  CA  . ILE A 1 132 ? 2.810   -6.587  -1.558  1.00 43.73  ? 250 ILE A CA  1 
ATOM   999  C  C   . ILE A 1 132 ? 4.111   -7.023  -2.289  1.00 65.51  ? 250 ILE A C   1 
ATOM   1000 O  O   . ILE A 1 132 ? 4.469   -8.225  -2.288  1.00 60.02  ? 250 ILE A O   1 
ATOM   1001 C  CB  . ILE A 1 132 ? 2.967   -6.889  -0.070  1.00 50.59  ? 250 ILE A CB  1 
ATOM   1002 C  CG1 . ILE A 1 132 ? 1.620   -6.723  0.658   1.00 54.00  ? 250 ILE A CG1 1 
ATOM   1003 C  CG2 . ILE A 1 132 ? 4.087   -6.011  0.496   1.00 48.10  ? 250 ILE A CG2 1 
ATOM   1004 C  CD1 . ILE A 1 132 ? 1.605   -7.275  2.061   1.00 58.68  ? 250 ILE A CD1 1 
ATOM   1005 N  N   . SER A 1 133 ? 4.805   -6.086  -2.944  1.00 55.77  ? 251 SER A N   1 
ATOM   1006 C  CA  . SER A 1 133 ? 5.948   -6.442  -3.805  1.00 54.05  ? 251 SER A CA  1 
ATOM   1007 C  C   . SER A 1 133 ? 6.972   -5.338  -3.727  1.00 60.05  ? 251 SER A C   1 
ATOM   1008 O  O   . SER A 1 133 ? 6.778   -4.339  -3.024  1.00 53.05  ? 251 SER A O   1 
ATOM   1009 C  CB  . SER A 1 133 ? 5.575   -6.611  -5.264  1.00 54.63  ? 251 SER A CB  1 
ATOM   1010 O  OG  . SER A 1 133 ? 4.298   -7.148  -5.392  1.00 77.12  ? 251 SER A OG  1 
ATOM   1011 N  N   . GLY A 1 134 ? 8.077   -5.538  -4.435  1.00 52.43  ? 252 GLY A N   1 
ATOM   1012 C  CA  . GLY A 1 134 ? 9.144   -4.537  -4.485  1.00 53.30  ? 252 GLY A CA  1 
ATOM   1013 C  C   . GLY A 1 134 ? 10.302  -4.981  -3.673  1.00 56.85  ? 252 GLY A C   1 
ATOM   1014 O  O   . GLY A 1 134 ? 10.413  -6.162  -3.314  1.00 55.19  ? 252 GLY A O   1 
ATOM   1015 N  N   . ASP A 1 135 ? 11.127  -4.006  -3.330  1.00 53.25  ? 253 ASP A N   1 
ATOM   1016 C  CA  . ASP A 1 135 ? 12.482  -4.179  -2.748  1.00 55.57  ? 253 ASP A CA  1 
ATOM   1017 C  C   . ASP A 1 135 ? 12.510  -4.129  -1.220  1.00 54.13  ? 253 ASP A C   1 
ATOM   1018 O  O   . ASP A 1 135 ? 13.156  -3.279  -0.594  1.00 58.03  ? 253 ASP A O   1 
ATOM   1019 C  CB  . ASP A 1 135 ? 13.475  -3.154  -3.368  1.00 56.20  ? 253 ASP A CB  1 
ATOM   1020 C  CG  . ASP A 1 135 ? 13.394  -3.132  -4.855  1.00 55.27  ? 253 ASP A CG  1 
ATOM   1021 O  OD1 . ASP A 1 135 ? 13.122  -4.186  -5.462  1.00 63.39  ? 253 ASP A OD1 1 
ATOM   1022 O  OD2 . ASP A 1 135 ? 13.466  -2.047  -5.442  1.00 58.35  ? 253 ASP A OD2 1 
ATOM   1023 N  N   . ILE A 1 136 ? 11.804  -5.104  -0.637  1.00 55.12  ? 254 ILE A N   1 
ATOM   1024 C  CA  . ILE A 1 136 ? 11.714  -5.289  0.779   1.00 53.46  ? 254 ILE A CA  1 
ATOM   1025 C  C   . ILE A 1 136 ? 11.897  -6.803  1.109   1.00 58.18  ? 254 ILE A C   1 
ATOM   1026 O  O   . ILE A 1 136 ? 11.746  -7.689  0.250   1.00 54.50  ? 254 ILE A O   1 
ATOM   1027 C  CB  . ILE A 1 136 ? 10.305  -4.869  1.251   1.00 54.32  ? 254 ILE A CB  1 
ATOM   1028 C  CG1 . ILE A 1 136 ? 9.213   -5.575  0.420   1.00 63.47  ? 254 ILE A CG1 1 
ATOM   1029 C  CG2 . ILE A 1 136 ? 10.157  -3.353  1.111   1.00 55.57  ? 254 ILE A CG2 1 
ATOM   1030 C  CD1 . ILE A 1 136 ? 7.796   -5.520  0.997   1.00 60.01  ? 254 ILE A CD1 1 
ATOM   1031 N  N   . THR A 1 137 ? 12.143  -7.045  2.379   1.00 58.08  ? 255 THR A N   1 
ATOM   1032 C  CA  . THR A 1 137 ? 11.951  -8.323  3.042   1.00 64.43  ? 255 THR A CA  1 
ATOM   1033 C  C   . THR A 1 137 ? 10.681  -8.110  3.861   1.00 61.75  ? 255 THR A C   1 
ATOM   1034 O  O   . THR A 1 137 ? 10.513  -7.093  4.556   1.00 62.81  ? 255 THR A O   1 
ATOM   1035 C  CB  . THR A 1 137 ? 13.068  -8.534  4.108   1.00 58.11  ? 255 THR A CB  1 
ATOM   1036 O  OG1 . THR A 1 137 ? 14.328  -8.510  3.451   1.00 74.46  ? 255 THR A OG1 1 
ATOM   1037 C  CG2 . THR A 1 137 ? 12.880  -9.877  4.782   1.00 70.87  ? 255 THR A CG2 1 
ATOM   1038 N  N   . LEU A 1 138 ? 9.827   -9.099  3.858   1.00 56.21  ? 256 LEU A N   1 
ATOM   1039 C  CA  . LEU A 1 138 ? 8.584   -9.020  4.641   1.00 62.53  ? 256 LEU A CA  1 
ATOM   1040 C  C   . LEU A 1 138 ? 8.618   -9.910  5.902   1.00 65.77  ? 256 LEU A C   1 
ATOM   1041 O  O   . LEU A 1 138 ? 8.817   -11.122 5.781   1.00 66.27  ? 256 LEU A O   1 
ATOM   1042 C  CB  . LEU A 1 138 ? 7.488   -9.423  3.663   1.00 58.78  ? 256 LEU A CB  1 
ATOM   1043 C  CG  . LEU A 1 138 ? 6.065   -9.086  3.911   1.00 66.13  ? 256 LEU A CG  1 
ATOM   1044 C  CD1 . LEU A 1 138 ? 5.998   -7.577  4.083   1.00 67.10  ? 256 LEU A CD1 1 
ATOM   1045 C  CD2 . LEU A 1 138 ? 5.328   -9.590  2.690   1.00 63.79  ? 256 LEU A CD2 1 
ATOM   1046 N  N   . THR A 1 139 ? 8.491   -9.316  7.097   1.00 63.67  ? 257 THR A N   1 
ATOM   1047 C  CA  . THR A 1 139 ? 8.247   -10.016 8.406   1.00 63.75  ? 257 THR A CA  1 
ATOM   1048 C  C   . THR A 1 139 ? 6.806   -10.508 8.680   1.00 73.01  ? 257 THR A C   1 
ATOM   1049 O  O   . THR A 1 139 ? 6.596   -11.593 9.243   1.00 59.87  ? 257 THR A O   1 
ATOM   1050 C  CB  . THR A 1 139 ? 8.544   -9.075  9.588   1.00 66.98  ? 257 THR A CB  1 
ATOM   1051 O  OG1 . THR A 1 139 ? 9.851   -8.574  9.429   1.00 82.51  ? 257 THR A OG1 1 
ATOM   1052 C  CG2 . THR A 1 139 ? 8.436   -9.751  10.933  1.00 73.88  ? 257 THR A CG2 1 
ATOM   1053 N  N   . SER A 1 140 ? 5.799   -9.709  8.364   1.00 57.80  ? 258 SER A N   1 
ATOM   1054 C  CA  . SER A 1 140 ? 4.428   -10.099 8.714   1.00 56.69  ? 258 SER A CA  1 
ATOM   1055 C  C   . SER A 1 140 ? 3.523   -9.237  7.898   1.00 58.65  ? 258 SER A C   1 
ATOM   1056 O  O   . SER A 1 140 ? 3.929   -8.157  7.513   1.00 53.46  ? 258 SER A O   1 
ATOM   1057 C  CB  . SER A 1 140 ? 4.173   -9.873  10.207  1.00 56.50  ? 258 SER A CB  1 
ATOM   1058 O  OG  . SER A 1 140 ? 4.470   -8.553  10.654  1.00 60.77  ? 258 SER A OG  1 
ATOM   1059 N  N   . ALA A 1 141 ? 2.329   -9.720  7.603   1.00 53.75  ? 259 ALA A N   1 
ATOM   1060 C  CA  . ALA A 1 141 ? 1.286   -8.944  6.908   1.00 58.31  ? 259 ALA A CA  1 
ATOM   1061 C  C   . ALA A 1 141 ? -0.031  -9.499  7.439   1.00 60.92  ? 259 ALA A C   1 
ATOM   1062 O  O   . ALA A 1 141 ? -0.246  -10.688 7.381   1.00 52.86  ? 259 ALA A O   1 
ATOM   1063 C  CB  . ALA A 1 141 ? 1.358   -9.164  5.400   1.00 51.95  ? 259 ALA A CB  1 
ATOM   1064 N  N   . ASN A 1 142 ? -0.907  -8.677  7.987   1.00 48.52  ? 260 ASN A N   1 
ATOM   1065 C  CA  . ASN A 1 142 ? -2.186  -9.198  8.437   1.00 50.48  ? 260 ASN A CA  1 
ATOM   1066 C  C   . ASN A 1 142 ? -3.258  -8.093  8.328   1.00 50.63  ? 260 ASN A C   1 
ATOM   1067 O  O   . ASN A 1 142 ? -2.918  -6.898  8.151   1.00 45.97  ? 260 ASN A O   1 
ATOM   1068 C  CB  . ASN A 1 142 ? -2.030  -9.764  9.863   1.00 53.67  ? 260 ASN A CB  1 
ATOM   1069 C  CG  . ASN A 1 142 ? -1.622  -8.712  10.859  1.00 60.94  ? 260 ASN A CG  1 
ATOM   1070 O  OD1 . ASN A 1 142 ? -2.315  -7.729  11.045  1.00 65.60  ? 260 ASN A OD1 1 
ATOM   1071 N  ND2 . ASN A 1 142 ? -0.516  -8.926  11.529  1.00 57.00  ? 260 ASN A ND2 1 
ATOM   1072 N  N   . HIS A 1 143 ? -4.528  -8.484  8.371   1.00 46.71  ? 261 HIS A N   1 
ATOM   1073 C  CA  . HIS A 1 143 ? -5.608  -7.500  8.538   1.00 49.93  ? 261 HIS A CA  1 
ATOM   1074 C  C   . HIS A 1 143 ? -6.361  -7.861  9.808   1.00 54.93  ? 261 HIS A C   1 
ATOM   1075 O  O   . HIS A 1 143 ? -6.319  -9.039  10.241  1.00 51.58  ? 261 HIS A O   1 
ATOM   1076 C  CB  . HIS A 1 143 ? -6.512  -7.497  7.329   1.00 53.68  ? 261 HIS A CB  1 
ATOM   1077 C  CG  . HIS A 1 143 ? -7.160  -8.823  7.083   1.00 61.03  ? 261 HIS A CG  1 
ATOM   1078 N  ND1 . HIS A 1 143 ? -8.449  -9.101  7.467   1.00 62.98  ? 261 HIS A ND1 1 
ATOM   1079 C  CD2 . HIS A 1 143 ? -6.673  -9.967  6.540   1.00 72.49  ? 261 HIS A CD2 1 
ATOM   1080 C  CE1 . HIS A 1 143 ? -8.736  -10.357 7.176   1.00 65.21  ? 261 HIS A CE1 1 
ATOM   1081 N  NE2 . HIS A 1 143 ? -7.681  -10.899 6.592   1.00 70.49  ? 261 HIS A NE2 1 
ATOM   1082 N  N   . ALA A 1 144 ? -6.958  -6.861  10.464  1.00 45.77  ? 262 ALA A N   1 
ATOM   1083 C  CA  . ALA A 1 144 ? -7.802  -7.124  11.624  1.00 48.18  ? 262 ALA A CA  1 
ATOM   1084 C  C   . ALA A 1 144 ? -8.964  -6.148  11.572  1.00 53.28  ? 262 ALA A C   1 
ATOM   1085 O  O   . ALA A 1 144 ? -8.790  -4.993  11.150  1.00 48.87  ? 262 ALA A O   1 
ATOM   1086 C  CB  . ALA A 1 144 ? -7.023  -6.945  12.904  1.00 48.60  ? 262 ALA A CB  1 
ATOM   1087 N  N   . MET A 1 145 ? -10.125 -6.574  12.083  1.00 42.55  ? 263 MET A N   1 
ATOM   1088 C  CA  . MET A 1 145 ? -11.247 -5.643  12.333  1.00 43.87  ? 263 MET A CA  1 
ATOM   1089 C  C   . MET A 1 145 ? -10.998 -4.865  13.665  1.00 48.89  ? 263 MET A C   1 
ATOM   1090 O  O   . MET A 1 145 ? -10.565 -5.473  14.677  1.00 46.83  ? 263 MET A O   1 
ATOM   1091 C  CB  . MET A 1 145 ? -12.621 -6.383  12.344  1.00 45.45  ? 263 MET A CB  1 
ATOM   1092 C  CG  . MET A 1 145 ? -13.024 -6.977  10.954  1.00 49.61  ? 263 MET A CG  1 
ATOM   1093 S  SD  . MET A 1 145 ? -12.912 -5.827  9.572   1.00 56.13  ? 263 MET A SD  1 
ATOM   1094 C  CE  . MET A 1 145 ? -14.194 -4.609  10.048  1.00 52.05  ? 263 MET A CE  1 
ATOM   1095 N  N   . ILE A 1 146 ? -11.182 -3.531  13.680  1.00 43.82  ? 264 ILE A N   1 
ATOM   1096 C  CA  . ILE A 1 146 ? -11.049 -2.802  14.971  1.00 46.55  ? 264 ILE A CA  1 
ATOM   1097 C  C   . ILE A 1 146 ? -12.365 -2.069  15.197  1.00 53.60  ? 264 ILE A C   1 
ATOM   1098 O  O   . ILE A 1 146 ? -13.247 -2.145  14.346  1.00 52.17  ? 264 ILE A O   1 
ATOM   1099 C  CB  . ILE A 1 146 ? -9.882  -1.817  14.951  1.00 48.15  ? 264 ILE A CB  1 
ATOM   1100 C  CG1 . ILE A 1 146 ? -10.220 -0.743  13.839  1.00 49.00  ? 264 ILE A CG1 1 
ATOM   1101 C  CG2 . ILE A 1 146 ? -8.587  -2.609  14.777  1.00 47.17  ? 264 ILE A CG2 1 
ATOM   1102 C  CD1 . ILE A 1 146 ? -9.248  0.406   13.770  1.00 63.79  ? 264 ILE A CD1 1 
ATOM   1103 O  OXT . ILE A 1 146 ? -12.623 -1.379  16.190  1.00 57.83  ? 264 ILE A OXT 1 
HETATM 1104 C  C13 . QB2 B 2 .   ? 1.783   2.663   -11.412 1.00 46.29  ? 301 QB2 A C13 1 
HETATM 1105 C  C18 . QB2 B 2 .   ? 5.807   -3.818  -9.422  1.00 66.39  ? 301 QB2 A C18 1 
HETATM 1106 C  C17 . QB2 B 2 .   ? 5.000   -3.104  -10.289 1.00 64.56  ? 301 QB2 A C17 1 
HETATM 1107 C  C16 . QB2 B 2 .   ? 4.885   -1.750  -10.088 1.00 59.83  ? 301 QB2 A C16 1 
HETATM 1108 C  C15 . QB2 B 2 .   ? 4.031   -1.023  -10.929 1.00 48.32  ? 301 QB2 A C15 1 
HETATM 1109 C  C19 . QB2 B 2 .   ? 6.462   -3.208  -8.373  1.00 68.67  ? 301 QB2 A C19 1 
HETATM 1110 C  C20 . QB2 B 2 .   ? 6.347   -1.815  -8.135  1.00 80.32  ? 301 QB2 A C20 1 
HETATM 1111 C  C21 . QB2 B 2 .   ? 5.534   -1.077  -9.049  1.00 70.93  ? 301 QB2 A C21 1 
HETATM 1112 C  C11 . QB2 B 2 .   ? 6.047   1.630   -15.380 1.00 81.01  ? 301 QB2 A C11 1 
HETATM 1113 C  C12 . QB2 B 2 .   ? 2.380   1.764   -12.568 1.00 56.17  ? 301 QB2 A C12 1 
HETATM 1114 F  F2  . QB2 B 2 .   ? 6.969   -1.235  -6.983  1.00 70.42  ? 301 QB2 A F2  1 
HETATM 1115 F  F1  . QB2 B 2 .   ? 7.175   -3.942  -7.565  1.00 82.24  ? 301 QB2 A F1  1 
HETATM 1116 F  F   . QB2 B 2 .   ? 6.034   -5.114  -9.586  1.00 75.95  ? 301 QB2 A F   1 
HETATM 1117 C  C14 . QB2 B 2 .   ? 4.080   0.288   -11.309 1.00 46.77  ? 301 QB2 A C14 1 
HETATM 1118 N  N1  . QB2 B 2 .   ? 2.903   -1.558  -11.403 1.00 52.54  ? 301 QB2 A N1  1 
HETATM 1119 N  N2  . QB2 B 2 .   ? 2.211   -0.672  -12.045 1.00 60.84  ? 301 QB2 A N2  1 
HETATM 1120 N  N   . QB2 B 2 .   ? 2.906   0.493   -12.015 1.00 48.10  ? 301 QB2 A N   1 
HETATM 1121 O  O5  . QB2 B 2 .   ? 2.794   3.104   -10.508 1.00 47.40  ? 301 QB2 A O5  1 
HETATM 1122 C  C1  . QB2 B 2 .   ? 1.284   3.948   -12.104 1.00 47.43  ? 301 QB2 A C1  1 
HETATM 1123 C  C   . QB2 B 2 .   ? 0.689   4.938   -11.047 1.00 44.77  ? 301 QB2 A C   1 
HETATM 1124 O  O   . QB2 B 2 .   ? -0.064  5.917   -11.705 1.00 45.77  ? 301 QB2 A O   1 
HETATM 1125 C  C9  . QB2 B 2 .   ? 3.549   2.603   -13.250 1.00 58.79  ? 301 QB2 A C9  1 
HETATM 1126 O  O2  . QB2 B 2 .   ? 4.061   1.830   -14.312 1.00 60.81  ? 301 QB2 A O2  1 
HETATM 1127 C  C10 . QB2 B 2 .   ? 5.419   1.395   -14.080 1.00 72.93  ? 301 QB2 A C10 1 
HETATM 1128 O  O4  . QB2 B 2 .   ? 7.161   2.099   -15.519 1.00 93.35  ? 301 QB2 A O4  1 
HETATM 1129 O  O3  . QB2 B 2 .   ? 5.363   1.324   -16.477 1.00 93.68  ? 301 QB2 A O3  1 
HETATM 1130 C  C2  . QB2 B 2 .   ? 3.012   3.940   -13.812 1.00 50.04  ? 301 QB2 A C2  1 
HETATM 1131 O  O1  . QB2 B 2 .   ? 2.355   4.651   -12.773 1.00 51.71  ? 301 QB2 A O1  1 
HETATM 1132 S  S   . QB2 B 2 .   ? 1.852   3.645   -15.262 1.00 55.11  ? 301 QB2 A S   1 
HETATM 1133 C  C3  . QB2 B 2 .   ? 1.429   5.290   -15.751 1.00 53.10  ? 301 QB2 A C3  1 
HETATM 1134 C  C8  . QB2 B 2 .   ? 0.334   5.873   -15.101 1.00 50.89  ? 301 QB2 A C8  1 
HETATM 1135 C  C7  . QB2 B 2 .   ? 0.021   7.180   -15.280 1.00 45.09  ? 301 QB2 A C7  1 
HETATM 1136 CL CL1 . QB2 B 2 .   ? -1.336  8.001   -14.605 0.80 47.69  ? 301 QB2 A CL1 1 
HETATM 1137 C  C6  . QB2 B 2 .   ? 0.886   7.957   -16.131 1.00 57.93  ? 301 QB2 A C6  1 
HETATM 1138 CL CL  . QB2 B 2 .   ? 0.689   9.648   -15.974 0.80 85.14  ? 301 QB2 A CL  1 
HETATM 1139 C  C5  . QB2 B 2 .   ? 1.941   7.402   -16.863 1.00 58.92  ? 301 QB2 A C5  1 
HETATM 1140 C  C4  . QB2 B 2 .   ? 2.243   6.036   -16.679 1.00 52.12  ? 301 QB2 A C4  1 
HETATM 1141 H  H4  . QB2 B 2 .   ? 0.956   2.149   -10.924 1.00 48.44  ? 301 QB2 A H4  1 
HETATM 1142 H  H16 . QB2 B 2 .   ? 4.485   -3.615  -11.101 1.00 63.68  ? 301 QB2 A H16 1 
HETATM 1143 H  H17 . QB2 B 2 .   ? 5.435   -0.001  -8.918  1.00 70.02  ? 301 QB2 A H17 1 
HETATM 1144 H  H3  . QB2 B 2 .   ? 1.609   1.507   -13.292 1.00 53.03  ? 301 QB2 A H3  1 
HETATM 1145 H  H15 . QB2 B 2 .   ? 4.836   1.053   -11.139 1.00 47.49  ? 301 QB2 A H15 1 
HETATM 1146 H  H14 . QB2 B 2 .   ? 3.249   2.330   -10.086 1.00 47.04  ? 301 QB2 A H14 1 
HETATM 1147 H  H   . QB2 B 2 .   ? 0.504   3.681   -12.815 1.00 47.50  ? 301 QB2 A H   1 
HETATM 1148 H  H7  . QB2 B 2 .   ? -0.023  4.403   -10.421 1.00 45.62  ? 301 QB2 A H7  1 
HETATM 1149 H  H6  . QB2 B 2 .   ? 1.459   5.334   -10.386 1.00 45.63  ? 301 QB2 A H6  1 
HETATM 1150 H  H5  . QB2 B 2 .   ? 0.509   6.316   -12.410 1.00 45.56  ? 301 QB2 A H5  1 
HETATM 1151 H  H2  . QB2 B 2 .   ? 4.302   2.852   -12.505 1.00 56.87  ? 301 QB2 A H2  1 
HETATM 1152 H  H11 . QB2 B 2 .   ? 5.474   0.339   -13.819 1.00 71.45  ? 301 QB2 A H11 1 
HETATM 1153 H  H12 . QB2 B 2 .   ? 5.964   1.956   -13.323 1.00 71.46  ? 301 QB2 A H12 1 
HETATM 1154 H  H13 . QB2 B 2 .   ? 4.465   0.956   -16.266 1.00 89.46  ? 301 QB2 A H13 1 
HETATM 1155 H  H1  . QB2 B 2 .   ? 3.818   4.603   -14.118 1.00 52.94  ? 301 QB2 A H1  1 
HETATM 1156 H  H10 . QB2 B 2 .   ? -0.270  5.277   -14.418 1.00 49.89  ? 301 QB2 A H10 1 
HETATM 1157 H  H9  . QB2 B 2 .   ? 2.509   8.021   -17.556 1.00 57.02  ? 301 QB2 A H9  1 
HETATM 1158 H  H8  . QB2 B 2 .   ? 3.062   5.571   -17.225 1.00 53.96  ? 301 QB2 A H8  1 
HETATM 1159 MG MG  . MG  C 3 .   ? 4.196   13.131  11.149  0.33 56.55  ? 302 MG  A MG  1 
HETATM 1160 O  O   . HOH D 4 .   ? -18.373 1.735   17.142  1.00 64.75  ? 401 HOH A O   1 
HETATM 1161 O  O   . HOH D 4 .   ? -13.293 9.009   8.860   1.00 51.72  ? 402 HOH A O   1 
HETATM 1162 O  O   . HOH D 4 .   ? -5.242  5.244   -20.454 1.00 56.91  ? 403 HOH A O   1 
HETATM 1163 O  O   . HOH D 4 .   ? 4.133   7.463   -13.174 1.00 49.79  ? 404 HOH A O   1 
HETATM 1164 O  O   . HOH D 4 .   ? -14.123 5.187   11.956  1.00 47.48  ? 405 HOH A O   1 
HETATM 1165 O  O   . HOH D 4 .   ? 7.187   10.674  -9.735  1.00 53.43  ? 406 HOH A O   1 
HETATM 1166 O  O   . HOH D 4 .   ? -18.171 -10.271 1.203   1.00 62.56  ? 407 HOH A O   1 
HETATM 1167 O  O   . HOH D 4 .   ? -5.849  8.823   -16.889 1.00 57.54  ? 408 HOH A O   1 
HETATM 1168 O  O   . HOH D 4 .   ? -1.250  -2.279  13.615  1.00 78.09  ? 409 HOH A O   1 
HETATM 1169 O  O   . HOH D 4 .   ? 11.157  13.115  -0.697  1.00 48.42  ? 410 HOH A O   1 
HETATM 1170 O  O   . HOH D 4 .   ? 4.696   -13.350 9.761   1.00 76.13  ? 411 HOH A O   1 
HETATM 1171 O  O   . HOH D 4 .   ? -3.083  10.564  -1.565  1.00 51.43  ? 412 HOH A O   1 
HETATM 1172 O  O   . HOH D 4 .   ? 2.566   2.680   11.220  1.00 44.43  ? 413 HOH A O   1 
HETATM 1173 O  O   . HOH D 4 .   ? 0.939   -11.173 11.203  1.00 65.25  ? 414 HOH A O   1 
HETATM 1174 O  O   . HOH D 4 .   ? 4.299   16.422  2.707   1.00 47.87  ? 415 HOH A O   1 
HETATM 1175 O  O   . HOH D 4 .   ? -8.318  10.083  -11.986 1.00 55.06  ? 416 HOH A O   1 
HETATM 1176 O  O   . HOH D 4 .   ? -7.207  11.439  -1.971  1.00 42.40  ? 417 HOH A O   1 
HETATM 1177 O  O   . HOH D 4 .   ? -1.739  -5.693  -8.792  1.00 64.92  ? 418 HOH A O   1 
HETATM 1178 O  O   . HOH D 4 .   ? -3.696  -5.195  11.369  1.00 45.85  ? 419 HOH A O   1 
HETATM 1179 O  O   . HOH D 4 .   ? -15.182 -3.636  13.123  1.00 73.05  ? 420 HOH A O   1 
HETATM 1180 O  O   . HOH D 4 .   ? 13.025  12.354  0.949   1.00 54.16  ? 421 HOH A O   1 
HETATM 1181 O  O   . HOH D 4 .   ? -8.465  9.463   -4.480  1.00 40.90  ? 422 HOH A O   1 
HETATM 1182 O  O   . HOH D 4 .   ? 7.181   7.914   9.536   1.00 68.34  ? 423 HOH A O   1 
HETATM 1183 O  O   . HOH D 4 .   ? -10.370 3.514   -4.742  1.00 45.13  ? 424 HOH A O   1 
HETATM 1184 O  O   . HOH D 4 .   ? -12.340 11.346  2.915   1.00 64.60  ? 425 HOH A O   1 
HETATM 1185 O  O   . HOH D 4 .   ? 4.536   12.137  8.584   1.00 45.93  ? 426 HOH A O   1 
HETATM 1186 O  O   . HOH D 4 .   ? -17.501 -1.679  9.624   1.00 56.60  ? 427 HOH A O   1 
HETATM 1187 O  O   . HOH D 4 .   ? 0.034   -1.024  -14.902 1.00 70.94  ? 428 HOH A O   1 
HETATM 1188 O  O   . HOH D 4 .   ? -19.249 8.726   -1.620  1.00 61.64  ? 429 HOH A O   1 
HETATM 1189 O  O   . HOH D 4 .   ? -13.977 -9.689  -2.100  1.00 74.70  ? 430 HOH A O   1 
HETATM 1190 O  O   . HOH D 4 .   ? -18.950 2.711   -0.335  1.00 49.58  ? 431 HOH A O   1 
HETATM 1191 O  O   . HOH D 4 .   ? 12.109  5.331   -8.593  1.00 52.75  ? 432 HOH A O   1 
HETATM 1192 O  O   . HOH D 4 .   ? 1.587   -14.965 -1.506  1.00 58.44  ? 433 HOH A O   1 
HETATM 1193 O  O   . HOH D 4 .   ? -8.554  4.740   -12.702 1.00 56.15  ? 434 HOH A O   1 
HETATM 1194 O  O   . HOH D 4 .   ? -9.671  -13.245 -0.688  1.00 72.30  ? 435 HOH A O   1 
HETATM 1195 O  O   . HOH D 4 .   ? 2.103   -6.914  10.504  1.00 59.22  ? 436 HOH A O   1 
HETATM 1196 O  O   . HOH D 4 .   ? -1.457  11.481  -13.241 1.00 59.12  ? 437 HOH A O   1 
HETATM 1197 O  O   . HOH D 4 .   ? -11.256 2.171   -2.780  1.00 41.65  ? 438 HOH A O   1 
HETATM 1198 O  O   . HOH D 4 .   ? -17.150 3.144   -7.476  1.00 58.80  ? 439 HOH A O   1 
HETATM 1199 O  O   . HOH D 4 .   ? -17.641 -8.855  4.037   1.00 77.27  ? 440 HOH A O   1 
HETATM 1200 O  O   . HOH D 4 .   ? 12.362  -10.396 -0.541  1.00 69.05  ? 441 HOH A O   1 
HETATM 1201 O  O   . HOH D 4 .   ? -15.090 5.080   8.769   1.00 62.63  ? 442 HOH A O   1 
HETATM 1202 O  O   . HOH D 4 .   ? -11.061 11.457  9.302   1.00 61.54  ? 443 HOH A O   1 
HETATM 1203 O  O   . HOH D 4 .   ? 0.503   -6.776  13.209  1.00 76.57  ? 444 HOH A O   1 
HETATM 1204 O  O   . HOH D 4 .   ? 12.435  1.928   5.843   1.00 51.60  ? 445 HOH A O   1 
HETATM 1205 O  O   . HOH D 4 .   ? 7.260   -3.035  -13.346 1.00 76.69  ? 446 HOH A O   1 
HETATM 1206 O  O   . HOH D 4 .   ? 2.285   -12.286 9.012   1.00 61.42  ? 447 HOH A O   1 
HETATM 1207 O  O   . HOH D 4 .   ? -3.366  13.498  4.926   1.00 56.88  ? 448 HOH A O   1 
HETATM 1208 O  O   . HOH D 4 .   ? 0.200   -2.488  -10.091 1.00 62.81  ? 449 HOH A O   1 
HETATM 1209 O  O   . HOH D 4 .   ? -6.548  -13.821 -2.303  1.00 71.11  ? 450 HOH A O   1 
HETATM 1210 O  O   . HOH D 4 .   ? -7.269  12.964  -6.942  1.00 73.98  ? 451 HOH A O   1 
HETATM 1211 O  O   . HOH D 4 .   ? -14.547 8.830   -1.494  1.00 59.93  ? 452 HOH A O   1 
HETATM 1212 O  O   . HOH D 4 .   ? -14.380 8.389   6.256   1.00 54.54  ? 453 HOH A O   1 
HETATM 1213 O  O   . HOH D 4 .   ? -4.538  -11.457 8.451   1.00 58.26  ? 454 HOH A O   1 
HETATM 1214 O  O   . HOH D 4 .   ? 1.816   -5.504  -5.449  1.00 68.74  ? 455 HOH A O   1 
HETATM 1215 O  O   . HOH D 4 .   ? -6.746  12.852  0.279   1.00 60.98  ? 456 HOH A O   1 
HETATM 1216 O  O   . HOH D 4 .   ? 13.998  13.427  -2.357  1.00 57.49  ? 457 HOH A O   1 
HETATM 1217 O  O   . HOH D 4 .   ? -16.687 4.650   -0.199  1.00 46.25  ? 458 HOH A O   1 
HETATM 1218 O  O   . HOH D 4 .   ? 17.112  9.507   -5.159  1.00 76.86  ? 459 HOH A O   1 
HETATM 1219 O  O   . HOH D 4 .   ? 19.560  19.288  -7.627  1.00 71.63  ? 460 HOH A O   1 
HETATM 1220 O  O   . HOH D 4 .   ? 0.722   9.652   -2.454  1.00 63.09  ? 461 HOH A O   1 
HETATM 1221 O  O   . HOH D 4 .   ? -3.411  14.990  -9.549  1.00 73.18  ? 462 HOH A O   1 
HETATM 1222 O  O   . HOH D 4 .   ? -8.933  6.873   -11.061 1.00 50.42  ? 463 HOH A O   1 
HETATM 1223 O  O   . HOH D 4 .   ? -6.812  -1.047  -22.494 1.00 82.89  ? 464 HOH A O   1 
HETATM 1224 O  O   . HOH D 4 .   ? 17.174  3.683   -6.334  1.00 72.94  ? 465 HOH A O   1 
HETATM 1225 O  O   . HOH D 4 .   ? -2.692  12.952  1.978   1.00 48.91  ? 466 HOH A O   1 
HETATM 1226 O  O   . HOH D 4 .   ? 11.417  7.331   -13.305 1.00 69.28  ? 467 HOH A O   1 
HETATM 1227 O  O   . HOH D 4 .   ? 2.733   10.775  14.891  1.00 55.46  ? 468 HOH A O   1 
HETATM 1228 O  O   . HOH D 4 .   ? 16.502  5.216   0.806   1.00 64.83  ? 469 HOH A O   1 
HETATM 1229 O  O   . HOH D 4 .   ? -16.717 7.167   -0.325  1.00 56.37  ? 470 HOH A O   1 
HETATM 1230 O  O   . HOH D 4 .   ? 7.736   1.857   -9.154  1.00 57.92  ? 471 HOH A O   1 
HETATM 1231 O  O   . HOH D 4 .   ? 5.237   -16.625 2.650   1.00 86.48  ? 472 HOH A O   1 
HETATM 1232 O  O   . HOH D 4 .   ? 17.875  20.036  -8.956  1.00 69.89  ? 473 HOH A O   1 
HETATM 1233 O  O   . HOH D 4 .   ? 0.967   14.167  9.233   0.33 51.89  ? 474 HOH A O   1 
HETATM 1234 O  O   A HOH D 4 .   ? -16.069 -2.139  18.695  0.50 57.67  ? 475 HOH A O   1 
HETATM 1235 O  O   B HOH D 4 .   ? -17.347 -0.134  18.765  0.50 53.03  ? 475 HOH A O   1 
HETATM 1236 O  O   . HOH D 4 .   ? -12.736 4.272   -10.872 1.00 78.72  ? 476 HOH A O   1 
HETATM 1237 O  O   . HOH D 4 .   ? 7.024   1.673   14.344  1.00 70.74  ? 477 HOH A O   1 
HETATM 1238 O  O   . HOH D 4 .   ? -10.554 -9.587  9.960   1.00 86.27  ? 478 HOH A O   1 
HETATM 1239 O  O   . HOH D 4 .   ? -3.597  -5.765  -11.414 1.00 67.96  ? 479 HOH A O   1 
HETATM 1240 O  O   . HOH D 4 .   ? 17.042  6.702   -2.394  1.00 82.49  ? 480 HOH A O   1 
HETATM 1241 O  O   . HOH D 4 .   ? -0.615  11.591  -1.408  1.00 60.99  ? 481 HOH A O   1 
HETATM 1242 O  O   . HOH D 4 .   ? -0.605  14.318  -11.171 1.00 77.53  ? 482 HOH A O   1 
HETATM 1243 O  O   . HOH D 4 .   ? -8.652  13.331  -3.687  1.00 68.75  ? 483 HOH A O   1 
HETATM 1244 O  O   . HOH D 4 .   ? -6.886  6.034   -18.524 1.00 61.59  ? 484 HOH A O   1 
HETATM 1245 O  O   . HOH D 4 .   ? -9.753  4.859   -15.304 1.00 80.55  ? 485 HOH A O   1 
HETATM 1246 O  O   . HOH D 4 .   ? 9.882   0.325   12.821  1.00 73.73  ? 486 HOH A O   1 
HETATM 1247 O  O   . HOH D 4 .   ? -7.430  -10.976 -7.274  1.00 80.09  ? 487 HOH A O   1 
HETATM 1248 O  O   . HOH D 4 .   ? -9.676  -11.606 -12.249 1.00 79.98  ? 488 HOH A O   1 
HETATM 1249 O  O   . HOH D 4 .   ? 3.896   -8.583  14.367  1.00 73.70  ? 489 HOH A O   1 
HETATM 1250 O  O   . HOH D 4 .   ? 6.034   6.003   18.165  1.00 84.27  ? 490 HOH A O   1 
HETATM 1251 O  O   . HOH D 4 .   ? -10.540 11.057  -5.166  1.00 54.17  ? 491 HOH A O   1 
HETATM 1252 O  O   . HOH D 4 .   ? 10.074  3.104   13.955  1.00 81.24  ? 492 HOH A O   1 
HETATM 1253 O  O   . HOH D 4 .   ? 17.327  15.891  -2.180  1.00 63.70  ? 493 HOH A O   1 
HETATM 1254 O  O   . HOH D 4 .   ? 5.501   5.938   -15.365 1.00 66.05  ? 494 HOH A O   1 
HETATM 1255 O  O   . HOH D 4 .   ? -7.279  16.214  5.295   0.33 45.32  ? 495 HOH A O   1 
HETATM 1256 O  O   . HOH D 4 .   ? 10.170  -4.324  12.270  1.00 78.29  ? 496 HOH A O   1 
HETATM 1257 O  O   . HOH D 4 .   ? -11.753 -17.156 5.313   1.00 82.75  ? 497 HOH A O   1 
HETATM 1258 O  O   . HOH D 4 .   ? 6.492   12.395  12.511  0.33 47.46  ? 498 HOH A O   1 
# 
